data_2RPV
#
_entry.id   2RPV
#
_cell.length_a   1.000
_cell.length_b   1.000
_cell.length_c   1.000
_cell.angle_alpha   90.00
_cell.angle_beta   90.00
_cell.angle_gamma   90.00
#
_symmetry.space_group_name_H-M   'P 1'
#
loop_
_entity.id
_entity.type
_entity.pdbx_description
1 polymer 'Immunoglobulin G-binding protein G'
2 non-polymer 'LANTHANUM (III) ION'
#
_entity_poly.entity_id   1
_entity_poly.type   'polypeptide(L)'
_entity_poly.pdbx_seq_one_letter_code
;CYVDTNNDGAYEGDELSGTMEYKLILNGKTLKGETTTCAVDAATAEKVFKQYANDNGVDGEWTYDDATKTFTVTE
;
_entity_poly.pdbx_strand_id   A
#
loop_
_chem_comp.id
_chem_comp.type
_chem_comp.name
_chem_comp.formula
LA non-polymer 'LANTHANUM (III) ION' 'La 3'
#
# COMPACT_ATOMS: atom_id res chain seq x y z
N CYS A 1 4.50 9.62 -8.24
CA CYS A 1 3.43 9.87 -7.29
C CYS A 1 4.00 10.71 -6.13
N TYR A 2 3.25 11.73 -5.76
CA TYR A 2 3.67 12.61 -4.68
C TYR A 2 2.77 12.43 -3.45
N VAL A 3 3.35 12.73 -2.29
CA VAL A 3 2.62 12.60 -1.04
C VAL A 3 2.82 13.87 -0.21
N ASP A 4 1.72 14.40 0.27
CA ASP A 4 1.79 15.63 1.10
C ASP A 4 1.74 15.26 2.58
N THR A 5 2.44 16.01 3.42
CA THR A 5 2.45 15.73 4.85
C THR A 5 1.66 16.80 5.61
N ASN A 6 0.88 17.56 4.85
CA ASN A 6 0.08 18.61 5.45
C ASN A 6 -1.40 18.22 5.36
N ASN A 7 -1.70 17.37 4.40
CA ASN A 7 -3.07 16.91 4.21
C ASN A 7 -3.86 18.00 3.49
N ASP A 8 -3.15 18.78 2.70
CA ASP A 8 -3.78 19.87 1.96
C ASP A 8 -3.92 19.46 0.49
N GLY A 9 -3.79 18.17 0.26
CA GLY A 9 -3.90 17.64 -1.09
C GLY A 9 -3.11 18.50 -2.09
N ALA A 10 -1.94 18.94 -1.63
CA ALA A 10 -1.08 19.77 -2.46
C ALA A 10 0.38 19.43 -2.17
N TYR A 11 1.13 19.22 -3.24
CA TYR A 11 2.54 18.89 -3.12
C TYR A 11 3.42 20.13 -3.27
N GLU A 12 4.21 20.40 -2.24
CA GLU A 12 5.09 21.54 -2.26
C GLU A 12 6.19 21.38 -1.20
N GLY A 13 7.42 21.29 -1.68
CA GLY A 13 8.56 21.12 -0.80
C GLY A 13 9.13 19.71 -0.88
N ASP A 14 9.14 19.04 0.26
CA ASP A 14 9.65 17.68 0.33
C ASP A 14 8.61 16.72 -0.22
N GLU A 15 7.37 17.21 -0.30
CA GLU A 15 6.28 16.40 -0.80
C GLU A 15 6.49 16.09 -2.29
N LEU A 16 7.47 16.74 -2.87
CA LEU A 16 7.80 16.53 -4.27
C LEU A 16 9.17 15.89 -4.38
N SER A 17 9.46 14.99 -3.44
CA SER A 17 10.73 14.30 -3.44
C SER A 17 10.64 13.01 -4.27
N GLY A 18 9.42 12.54 -4.44
CA GLY A 18 9.19 11.34 -5.20
C GLY A 18 8.67 10.20 -4.30
N THR A 19 7.43 9.83 -4.54
CA THR A 19 6.80 8.76 -3.77
C THR A 19 6.59 7.53 -4.64
N MET A 20 6.07 6.48 -4.01
CA MET A 20 5.81 5.23 -4.72
C MET A 20 4.40 4.73 -4.43
N GLU A 21 3.66 4.48 -5.51
CA GLU A 21 2.30 3.99 -5.39
C GLU A 21 2.27 2.47 -5.46
N TYR A 22 1.52 1.88 -4.53
CA TYR A 22 1.40 0.44 -4.49
C TYR A 22 -0.06 0.01 -4.40
N LYS A 23 -0.35 -1.14 -5.01
CA LYS A 23 -1.71 -1.67 -5.01
C LYS A 23 -1.80 -2.81 -4.00
N LEU A 24 -2.61 -2.59 -2.97
CA LEU A 24 -2.80 -3.59 -1.94
C LEU A 24 -4.08 -4.38 -2.23
N ILE A 25 -3.90 -5.66 -2.53
CA ILE A 25 -5.03 -6.52 -2.81
C ILE A 25 -5.14 -7.60 -1.73
N LEU A 26 -6.32 -7.70 -1.16
CA LEU A 26 -6.56 -8.69 -0.11
C LEU A 26 -7.59 -9.71 -0.62
N ASN A 27 -7.11 -10.92 -0.82
CA ASN A 27 -7.97 -12.00 -1.30
C ASN A 27 -8.29 -12.94 -0.14
N GLY A 28 -9.48 -12.77 0.42
CA GLY A 28 -9.91 -13.58 1.53
C GLY A 28 -11.32 -14.14 1.28
N LYS A 29 -11.59 -15.29 1.89
CA LYS A 29 -12.87 -15.94 1.74
C LYS A 29 -13.95 -15.10 2.44
N THR A 30 -13.55 -14.52 3.56
CA THR A 30 -14.46 -13.69 4.33
C THR A 30 -14.18 -12.20 4.08
N LEU A 31 -12.94 -11.93 3.68
CA LEU A 31 -12.52 -10.56 3.41
C LEU A 31 -11.83 -10.52 2.04
N LYS A 32 -12.52 -9.92 1.08
CA LYS A 32 -11.99 -9.81 -0.27
C LYS A 32 -12.21 -8.38 -0.77
N GLY A 33 -11.11 -7.75 -1.15
CA GLY A 33 -11.17 -6.37 -1.66
C GLY A 33 -9.81 -5.93 -2.20
N GLU A 34 -9.75 -4.68 -2.60
CA GLU A 34 -8.53 -4.12 -3.14
C GLU A 34 -8.35 -2.67 -2.68
N THR A 35 -7.16 -2.15 -2.92
CA THR A 35 -6.85 -0.78 -2.54
C THR A 35 -5.44 -0.40 -2.99
N THR A 36 -5.11 0.86 -2.80
CA THR A 36 -3.80 1.37 -3.19
C THR A 36 -3.31 2.43 -2.20
N THR A 37 -2.00 2.46 -2.02
CA THR A 37 -1.40 3.43 -1.11
C THR A 37 -0.04 3.87 -1.61
N CYS A 38 0.28 5.12 -1.35
CA CYS A 38 1.56 5.68 -1.77
C CYS A 38 2.41 5.95 -0.52
N ALA A 39 3.71 5.74 -0.68
CA ALA A 39 4.63 5.96 0.42
C ALA A 39 5.98 6.44 -0.14
N VAL A 40 6.75 7.06 0.73
CA VAL A 40 8.06 7.57 0.34
C VAL A 40 8.99 6.40 0.06
N ASP A 41 8.82 5.34 0.85
CA ASP A 41 9.64 4.16 0.68
C ASP A 41 8.77 2.91 0.84
N ALA A 42 9.12 1.88 0.08
CA ALA A 42 8.37 0.63 0.12
C ALA A 42 8.34 0.10 1.56
N ALA A 43 9.27 0.62 2.36
CA ALA A 43 9.35 0.21 3.75
C ALA A 43 8.12 0.70 4.51
N THR A 44 7.77 1.96 4.26
CA THR A 44 6.63 2.56 4.91
C THR A 44 5.33 1.94 4.36
N ALA A 45 5.30 1.78 3.05
CA ALA A 45 4.13 1.21 2.40
C ALA A 45 3.97 -0.25 2.85
N GLU A 46 5.10 -0.92 3.01
CA GLU A 46 5.09 -2.31 3.44
C GLU A 46 4.37 -2.45 4.78
N LYS A 47 4.77 -1.61 5.72
CA LYS A 47 4.17 -1.63 7.04
C LYS A 47 2.68 -1.31 6.93
N VAL A 48 2.35 -0.53 5.91
CA VAL A 48 0.97 -0.14 5.68
C VAL A 48 0.20 -1.34 5.13
N PHE A 49 0.84 -2.06 4.23
CA PHE A 49 0.24 -3.23 3.62
C PHE A 49 0.06 -4.35 4.64
N LYS A 50 1.08 -4.53 5.47
CA LYS A 50 1.05 -5.56 6.50
C LYS A 50 -0.03 -5.21 7.53
N GLN A 51 -0.19 -3.92 7.77
CA GLN A 51 -1.17 -3.44 8.72
C GLN A 51 -2.58 -3.58 8.15
N TYR A 52 -2.65 -3.48 6.82
CA TYR A 52 -3.92 -3.58 6.13
C TYR A 52 -4.45 -5.02 6.17
N ALA A 53 -3.60 -5.94 5.76
CA ALA A 53 -3.97 -7.34 5.73
C ALA A 53 -4.32 -7.79 7.16
N ASN A 54 -3.60 -7.24 8.12
CA ASN A 54 -3.83 -7.57 9.51
C ASN A 54 -5.19 -7.01 9.95
N ASP A 55 -5.50 -5.83 9.44
CA ASP A 55 -6.76 -5.18 9.76
C ASP A 55 -7.91 -6.01 9.22
N ASN A 56 -7.60 -6.85 8.24
CA ASN A 56 -8.60 -7.70 7.63
C ASN A 56 -8.63 -9.05 8.37
N GLY A 57 -7.55 -9.32 9.09
CA GLY A 57 -7.45 -10.55 9.84
C GLY A 57 -7.22 -11.75 8.90
N VAL A 58 -6.82 -11.43 7.68
CA VAL A 58 -6.57 -12.46 6.68
C VAL A 58 -5.06 -12.66 6.54
N ASP A 59 -4.67 -13.92 6.55
CA ASP A 59 -3.26 -14.28 6.42
C ASP A 59 -3.13 -15.57 5.62
N GLY A 60 -2.16 -15.58 4.72
CA GLY A 60 -1.92 -16.75 3.88
C GLY A 60 -0.65 -16.57 3.05
N GLU A 61 -0.84 -16.56 1.75
CA GLU A 61 0.28 -16.40 0.82
C GLU A 61 0.42 -14.93 0.40
N TRP A 62 1.54 -14.35 0.78
CA TRP A 62 1.80 -12.95 0.44
C TRP A 62 2.70 -12.93 -0.79
N THR A 63 2.24 -12.22 -1.81
CA THR A 63 3.00 -12.11 -3.05
C THR A 63 2.97 -10.67 -3.56
N TYR A 64 4.14 -10.19 -3.94
CA TYR A 64 4.27 -8.83 -4.44
C TYR A 64 5.03 -8.81 -5.77
N ASP A 65 4.55 -7.97 -6.67
CA ASP A 65 5.16 -7.83 -7.98
C ASP A 65 5.70 -6.42 -8.15
N ASP A 66 7.02 -6.32 -8.11
CA ASP A 66 7.67 -5.02 -8.27
C ASP A 66 7.40 -4.47 -9.67
N ALA A 67 7.03 -5.38 -10.56
CA ALA A 67 6.73 -5.00 -11.93
C ALA A 67 5.60 -3.97 -11.94
N THR A 68 4.79 -4.04 -10.90
CA THR A 68 3.66 -3.11 -10.77
C THR A 68 3.47 -2.71 -9.31
N LYS A 69 4.49 -2.99 -8.51
CA LYS A 69 4.45 -2.65 -7.10
C LYS A 69 3.05 -2.94 -6.56
N THR A 70 2.67 -4.21 -6.61
CA THR A 70 1.37 -4.62 -6.13
C THR A 70 1.49 -5.87 -5.26
N PHE A 71 0.75 -5.87 -4.16
CA PHE A 71 0.77 -7.00 -3.24
C PHE A 71 -0.60 -7.68 -3.18
N THR A 72 -0.56 -9.00 -3.10
CA THR A 72 -1.79 -9.78 -3.03
C THR A 72 -1.71 -10.82 -1.92
N VAL A 73 -2.76 -10.85 -1.11
CA VAL A 73 -2.81 -11.79 0.00
C VAL A 73 -3.86 -12.87 -0.30
N THR A 74 -3.38 -14.11 -0.36
CA THR A 74 -4.26 -15.23 -0.65
C THR A 74 -4.48 -16.06 0.63
N GLU A 75 -5.74 -16.14 1.03
CA GLU A 75 -6.09 -16.90 2.22
C GLU A 75 -6.54 -18.31 1.83
LA LA B . 1.17 19.09 1.61
N CYS A 1 2.77 9.50 -8.18
CA CYS A 1 1.75 9.84 -7.19
C CYS A 1 2.45 10.40 -5.95
N TYR A 2 2.52 11.73 -5.90
CA TYR A 2 3.16 12.40 -4.77
C TYR A 2 2.44 12.07 -3.46
N VAL A 3 3.14 12.35 -2.36
CA VAL A 3 2.59 12.10 -1.04
C VAL A 3 2.79 13.33 -0.16
N ASP A 4 1.72 13.76 0.44
CA ASP A 4 1.78 14.95 1.33
C ASP A 4 2.13 14.52 2.75
N THR A 5 3.01 15.26 3.42
CA THR A 5 3.40 14.91 4.77
C THR A 5 2.78 15.88 5.77
N ASN A 6 1.73 16.57 5.32
CA ASN A 6 1.03 17.53 6.16
C ASN A 6 -0.36 17.00 6.48
N ASN A 7 -0.86 16.16 5.58
CA ASN A 7 -2.18 15.57 5.75
C ASN A 7 -3.24 16.57 5.28
N ASP A 8 -2.84 17.39 4.31
CA ASP A 8 -3.75 18.38 3.76
C ASP A 8 -4.29 17.90 2.42
N GLY A 9 -3.50 17.06 1.76
CA GLY A 9 -3.88 16.52 0.47
C GLY A 9 -3.36 17.39 -0.67
N ALA A 10 -2.16 17.90 -0.49
CA ALA A 10 -1.54 18.75 -1.48
C ALA A 10 -0.03 18.48 -1.52
N TYR A 11 0.53 18.57 -2.71
CA TYR A 11 1.96 18.35 -2.89
C TYR A 11 2.70 19.67 -3.07
N GLU A 12 3.59 19.95 -2.12
CA GLU A 12 4.37 21.16 -2.15
C GLU A 12 5.56 21.07 -1.19
N GLY A 13 6.75 21.05 -1.77
CA GLY A 13 7.97 20.96 -0.98
C GLY A 13 8.63 19.59 -1.15
N ASP A 14 8.75 18.87 -0.05
CA ASP A 14 9.36 17.55 -0.07
C ASP A 14 8.36 16.53 -0.61
N GLU A 15 7.09 16.94 -0.62
CA GLU A 15 6.03 16.08 -1.12
C GLU A 15 6.14 15.93 -2.63
N LEU A 16 7.06 16.68 -3.21
CA LEU A 16 7.26 16.64 -4.65
C LEU A 16 8.68 16.14 -4.94
N SER A 17 9.18 15.32 -4.03
CA SER A 17 10.52 14.78 -4.18
C SER A 17 10.45 13.46 -4.96
N GLY A 18 9.28 12.86 -4.94
CA GLY A 18 9.07 11.59 -5.63
C GLY A 18 8.65 10.49 -4.66
N THR A 19 7.47 9.95 -4.92
CA THR A 19 6.93 8.89 -4.09
C THR A 19 6.71 7.61 -4.90
N MET A 20 6.27 6.57 -4.21
CA MET A 20 6.02 5.30 -4.87
C MET A 20 4.59 4.81 -4.58
N GLU A 21 3.89 4.49 -5.66
CA GLU A 21 2.53 4.02 -5.55
C GLU A 21 2.49 2.49 -5.62
N TYR A 22 1.64 1.91 -4.79
CA TYR A 22 1.50 0.46 -4.75
C TYR A 22 0.03 0.05 -4.68
N LYS A 23 -0.25 -1.11 -5.25
CA LYS A 23 -1.62 -1.63 -5.26
C LYS A 23 -1.74 -2.75 -4.24
N LEU A 24 -2.56 -2.50 -3.23
CA LEU A 24 -2.78 -3.49 -2.18
C LEU A 24 -4.03 -4.31 -2.51
N ILE A 25 -3.81 -5.60 -2.73
CA ILE A 25 -4.90 -6.50 -3.05
C ILE A 25 -5.05 -7.53 -1.92
N LEU A 26 -6.26 -7.62 -1.41
CA LEU A 26 -6.56 -8.55 -0.33
C LEU A 26 -7.55 -9.61 -0.84
N ASN A 27 -7.05 -10.83 -0.96
CA ASN A 27 -7.88 -11.92 -1.42
C ASN A 27 -8.26 -12.81 -0.23
N GLY A 28 -9.49 -12.61 0.23
CA GLY A 28 -9.99 -13.37 1.37
C GLY A 28 -11.41 -13.89 1.09
N LYS A 29 -11.74 -14.98 1.77
CA LYS A 29 -13.06 -15.58 1.61
C LYS A 29 -14.11 -14.69 2.27
N THR A 30 -13.72 -14.10 3.40
CA THR A 30 -14.61 -13.23 4.13
C THR A 30 -14.26 -11.76 3.86
N LEU A 31 -13.01 -11.54 3.47
CA LEU A 31 -12.55 -10.20 3.18
C LEU A 31 -11.84 -10.19 1.82
N LYS A 32 -12.53 -9.64 0.83
CA LYS A 32 -11.98 -9.57 -0.52
C LYS A 32 -12.22 -8.17 -1.08
N GLY A 33 -11.12 -7.54 -1.48
CA GLY A 33 -11.20 -6.21 -2.04
C GLY A 33 -9.84 -5.77 -2.61
N GLU A 34 -9.77 -4.50 -2.97
CA GLU A 34 -8.54 -3.96 -3.53
C GLU A 34 -8.34 -2.51 -3.07
N THR A 35 -7.15 -2.00 -3.33
CA THR A 35 -6.82 -0.63 -2.94
C THR A 35 -5.39 -0.29 -3.36
N THR A 36 -5.04 0.97 -3.17
CA THR A 36 -3.71 1.44 -3.53
C THR A 36 -3.24 2.51 -2.53
N THR A 37 -1.93 2.55 -2.34
CA THR A 37 -1.34 3.52 -1.42
C THR A 37 0.03 3.96 -1.93
N CYS A 38 0.37 5.20 -1.60
CA CYS A 38 1.65 5.76 -2.02
C CYS A 38 2.50 5.98 -0.77
N ALA A 39 3.79 5.72 -0.92
CA ALA A 39 4.73 5.88 0.18
C ALA A 39 6.09 6.31 -0.37
N VAL A 40 6.85 6.98 0.48
CA VAL A 40 8.17 7.45 0.10
C VAL A 40 9.10 6.26 -0.10
N ASP A 41 8.92 5.25 0.75
CA ASP A 41 9.73 4.05 0.67
C ASP A 41 8.82 2.82 0.81
N ALA A 42 9.18 1.78 0.08
CA ALA A 42 8.41 0.54 0.11
C ALA A 42 8.36 0.02 1.55
N ALA A 43 9.31 0.48 2.35
CA ALA A 43 9.38 0.07 3.74
C ALA A 43 8.17 0.63 4.49
N THR A 44 7.88 1.90 4.22
CA THR A 44 6.76 2.57 4.86
C THR A 44 5.44 2.02 4.32
N ALA A 45 5.40 1.84 3.01
CA ALA A 45 4.20 1.33 2.37
C ALA A 45 3.95 -0.10 2.82
N GLU A 46 5.04 -0.83 3.00
CA GLU A 46 4.96 -2.21 3.44
C GLU A 46 4.22 -2.30 4.77
N LYS A 47 4.52 -1.35 5.65
CA LYS A 47 3.89 -1.32 6.95
C LYS A 47 2.40 -1.03 6.79
N VAL A 48 2.09 -0.17 5.84
CA VAL A 48 0.72 0.19 5.57
C VAL A 48 -0.04 -1.02 5.01
N PHE A 49 0.65 -1.75 4.13
CA PHE A 49 0.07 -2.93 3.52
C PHE A 49 -0.11 -4.04 4.55
N LYS A 50 0.89 -4.19 5.40
CA LYS A 50 0.86 -5.21 6.43
C LYS A 50 -0.24 -4.87 7.45
N GLN A 51 -0.39 -3.58 7.69
CA GLN A 51 -1.39 -3.10 8.63
C GLN A 51 -2.79 -3.22 8.02
N TYR A 52 -2.83 -3.18 6.70
CA TYR A 52 -4.09 -3.28 5.99
C TYR A 52 -4.65 -4.70 6.07
N ALA A 53 -3.81 -5.65 5.69
CA ALA A 53 -4.21 -7.06 5.72
C ALA A 53 -4.61 -7.44 7.15
N ASN A 54 -3.91 -6.85 8.10
CA ASN A 54 -4.20 -7.12 9.50
C ASN A 54 -5.54 -6.50 9.88
N ASP A 55 -5.80 -5.33 9.31
CA ASP A 55 -7.04 -4.63 9.58
C ASP A 55 -8.22 -5.44 9.02
N ASN A 56 -7.90 -6.30 8.08
CA ASN A 56 -8.92 -7.14 7.46
C ASN A 56 -9.02 -8.46 8.24
N GLY A 57 -7.98 -8.75 9.00
CA GLY A 57 -7.94 -9.97 9.80
C GLY A 57 -7.74 -11.19 8.91
N VAL A 58 -7.06 -10.97 7.79
CA VAL A 58 -6.79 -12.04 6.85
C VAL A 58 -5.28 -12.19 6.68
N ASP A 59 -4.82 -13.43 6.76
CA ASP A 59 -3.40 -13.73 6.61
C ASP A 59 -3.24 -15.06 5.89
N GLY A 60 -2.23 -15.11 5.02
CA GLY A 60 -1.96 -16.31 4.27
C GLY A 60 -0.66 -16.17 3.46
N GLU A 61 -0.81 -16.23 2.15
CA GLU A 61 0.34 -16.11 1.26
C GLU A 61 0.47 -14.67 0.76
N TRP A 62 1.58 -14.05 1.15
CA TRP A 62 1.84 -12.67 0.76
C TRP A 62 2.79 -12.70 -0.44
N THR A 63 2.36 -12.05 -1.52
CA THR A 63 3.16 -11.98 -2.73
C THR A 63 3.14 -10.58 -3.31
N TYR A 64 4.33 -10.10 -3.66
CA TYR A 64 4.46 -8.77 -4.23
C TYR A 64 5.30 -8.80 -5.51
N ASP A 65 4.87 -8.01 -6.49
CA ASP A 65 5.57 -7.94 -7.76
C ASP A 65 6.09 -6.53 -7.97
N ASP A 66 7.41 -6.39 -7.85
CA ASP A 66 8.03 -5.08 -8.03
C ASP A 66 7.80 -4.60 -9.46
N ALA A 67 7.49 -5.55 -10.33
CA ALA A 67 7.23 -5.23 -11.73
C ALA A 67 6.05 -4.26 -11.83
N THR A 68 5.18 -4.35 -10.83
CA THR A 68 4.01 -3.48 -10.80
C THR A 68 3.77 -2.98 -9.37
N LYS A 69 4.77 -3.18 -8.53
CA LYS A 69 4.69 -2.76 -7.14
C LYS A 69 3.27 -3.03 -6.62
N THR A 70 2.87 -4.29 -6.72
CA THR A 70 1.55 -4.70 -6.26
C THR A 70 1.66 -5.90 -5.32
N PHE A 71 0.90 -5.85 -4.24
CA PHE A 71 0.89 -6.92 -3.27
C PHE A 71 -0.47 -7.61 -3.21
N THR A 72 -0.43 -8.93 -3.07
CA THR A 72 -1.65 -9.71 -3.00
C THR A 72 -1.60 -10.68 -1.81
N VAL A 73 -2.68 -10.71 -1.06
CA VAL A 73 -2.78 -11.59 0.09
C VAL A 73 -3.80 -12.70 -0.19
N THR A 74 -3.30 -13.93 -0.16
CA THR A 74 -4.15 -15.07 -0.41
C THR A 74 -4.42 -15.84 0.89
N GLU A 75 -5.68 -15.91 1.25
CA GLU A 75 -6.07 -16.60 2.47
C GLU A 75 -6.48 -18.04 2.14
LA LA B . 1.27 19.96 1.21
N CYS A 1 4.36 9.54 -8.34
CA CYS A 1 3.30 9.83 -7.39
C CYS A 1 3.90 10.61 -6.21
N TYR A 2 3.15 11.61 -5.76
CA TYR A 2 3.60 12.44 -4.65
C TYR A 2 2.68 12.26 -3.45
N VAL A 3 3.24 12.57 -2.28
CA VAL A 3 2.49 12.44 -1.04
C VAL A 3 2.67 13.72 -0.21
N ASP A 4 1.58 14.18 0.33
CA ASP A 4 1.63 15.42 1.16
C ASP A 4 1.64 15.06 2.65
N THR A 5 2.35 15.81 3.47
CA THR A 5 2.41 15.53 4.89
C THR A 5 1.55 16.52 5.67
N ASN A 6 0.72 17.24 4.94
CA ASN A 6 -0.16 18.22 5.55
C ASN A 6 -1.61 17.74 5.46
N ASN A 7 -1.83 16.81 4.54
CA ASN A 7 -3.16 16.25 4.35
C ASN A 7 -4.05 17.31 3.70
N ASP A 8 -3.42 18.28 3.06
CA ASP A 8 -4.14 19.35 2.41
C ASP A 8 -4.53 18.91 0.99
N GLY A 9 -3.72 18.01 0.46
CA GLY A 9 -3.95 17.50 -0.89
C GLY A 9 -3.18 18.31 -1.93
N ALA A 10 -2.01 18.77 -1.51
CA ALA A 10 -1.15 19.55 -2.40
C ALA A 10 0.31 19.22 -2.11
N TYR A 11 1.07 19.08 -3.19
CA TYR A 11 2.48 18.76 -3.07
C TYR A 11 3.34 20.02 -3.20
N GLU A 12 4.01 20.36 -2.11
CA GLU A 12 4.86 21.53 -2.09
C GLU A 12 5.95 21.38 -1.02
N GLY A 13 7.19 21.34 -1.49
CA GLY A 13 8.32 21.19 -0.59
C GLY A 13 8.93 19.80 -0.69
N ASP A 14 8.94 19.10 0.44
CA ASP A 14 9.49 17.76 0.49
C ASP A 14 8.47 16.77 -0.10
N GLU A 15 7.24 17.23 -0.19
CA GLU A 15 6.16 16.41 -0.73
C GLU A 15 6.41 16.12 -2.21
N LEU A 16 7.41 16.82 -2.76
CA LEU A 16 7.76 16.64 -4.16
C LEU A 16 9.13 15.96 -4.25
N SER A 17 9.36 15.04 -3.33
CA SER A 17 10.62 14.32 -3.30
C SER A 17 10.54 13.07 -4.18
N GLY A 18 9.31 12.63 -4.41
CA GLY A 18 9.08 11.45 -5.23
C GLY A 18 8.59 10.28 -4.37
N THR A 19 7.32 9.94 -4.56
CA THR A 19 6.73 8.85 -3.82
C THR A 19 6.51 7.64 -4.73
N MET A 20 5.99 6.58 -4.13
CA MET A 20 5.73 5.35 -4.88
C MET A 20 4.33 4.82 -4.59
N GLU A 21 3.58 4.60 -5.66
CA GLU A 21 2.23 4.09 -5.53
C GLU A 21 2.21 2.56 -5.61
N TYR A 22 1.42 1.96 -4.75
CA TYR A 22 1.32 0.50 -4.72
C TYR A 22 -0.15 0.07 -4.62
N LYS A 23 -0.43 -1.09 -5.21
CA LYS A 23 -1.78 -1.64 -5.20
C LYS A 23 -1.86 -2.76 -4.15
N LEU A 24 -2.70 -2.53 -3.16
CA LEU A 24 -2.88 -3.51 -2.10
C LEU A 24 -4.14 -4.34 -2.38
N ILE A 25 -3.92 -5.62 -2.66
CA ILE A 25 -5.02 -6.52 -2.94
C ILE A 25 -5.13 -7.55 -1.82
N LEU A 26 -6.33 -7.64 -1.27
CA LEU A 26 -6.59 -8.58 -0.18
C LEU A 26 -7.60 -9.63 -0.66
N ASN A 27 -7.11 -10.85 -0.80
CA ASN A 27 -7.95 -11.95 -1.24
C ASN A 27 -8.29 -12.84 -0.04
N GLY A 28 -9.49 -12.65 0.48
CA GLY A 28 -9.95 -13.43 1.61
C GLY A 28 -11.37 -13.94 1.40
N LYS A 29 -11.71 -14.99 2.13
CA LYS A 29 -13.03 -15.58 2.02
C LYS A 29 -14.05 -14.67 2.73
N THR A 30 -13.60 -14.09 3.83
CA THR A 30 -14.46 -13.20 4.60
C THR A 30 -14.10 -11.74 4.31
N LEU A 31 -12.87 -11.53 3.87
CA LEU A 31 -12.40 -10.19 3.55
C LEU A 31 -11.74 -10.20 2.17
N LYS A 32 -12.48 -9.69 1.20
CA LYS A 32 -11.98 -9.64 -0.17
C LYS A 32 -12.25 -8.25 -0.75
N GLY A 33 -11.19 -7.60 -1.20
CA GLY A 33 -11.30 -6.28 -1.78
C GLY A 33 -9.97 -5.84 -2.40
N GLU A 34 -9.92 -4.56 -2.76
CA GLU A 34 -8.72 -4.01 -3.37
C GLU A 34 -8.52 -2.56 -2.90
N THR A 35 -7.32 -2.05 -3.18
CA THR A 35 -6.99 -0.69 -2.80
C THR A 35 -5.57 -0.35 -3.23
N THR A 36 -5.19 0.91 -3.02
CA THR A 36 -3.87 1.37 -3.39
C THR A 36 -3.38 2.44 -2.39
N THR A 37 -2.07 2.46 -2.20
CA THR A 37 -1.48 3.42 -1.29
C THR A 37 -0.10 3.87 -1.80
N CYS A 38 0.23 5.11 -1.49
CA CYS A 38 1.51 5.66 -1.92
C CYS A 38 2.37 5.89 -0.67
N ALA A 39 3.67 5.66 -0.84
CA ALA A 39 4.60 5.82 0.26
C ALA A 39 5.94 6.32 -0.29
N VAL A 40 6.73 6.91 0.59
CA VAL A 40 8.04 7.42 0.21
C VAL A 40 8.96 6.25 -0.13
N ASP A 41 8.83 5.19 0.65
CA ASP A 41 9.65 4.02 0.44
C ASP A 41 8.77 2.77 0.55
N ALA A 42 9.09 1.78 -0.28
CA ALA A 42 8.34 0.54 -0.31
C ALA A 42 8.33 -0.06 1.10
N ALA A 43 9.35 0.28 1.87
CA ALA A 43 9.47 -0.22 3.23
C ALA A 43 8.33 0.34 4.07
N THR A 44 8.11 1.65 3.93
CA THR A 44 7.06 2.32 4.67
C THR A 44 5.68 1.84 4.19
N ALA A 45 5.57 1.70 2.89
CA ALA A 45 4.31 1.26 2.28
C ALA A 45 4.00 -0.17 2.78
N GLU A 46 5.05 -0.96 2.91
CA GLU A 46 4.89 -2.33 3.36
C GLU A 46 4.22 -2.37 4.73
N LYS A 47 4.55 -1.37 5.54
CA LYS A 47 3.98 -1.28 6.88
C LYS A 47 2.47 -1.04 6.77
N VAL A 48 2.10 -0.24 5.79
CA VAL A 48 0.70 0.06 5.57
C VAL A 48 -0.01 -1.18 5.01
N PHE A 49 0.69 -1.86 4.12
CA PHE A 49 0.14 -3.06 3.50
C PHE A 49 -0.05 -4.17 4.54
N LYS A 50 0.93 -4.28 5.42
CA LYS A 50 0.88 -5.29 6.46
C LYS A 50 -0.20 -4.92 7.47
N GLN A 51 -0.36 -3.62 7.67
CA GLN A 51 -1.35 -3.12 8.61
C GLN A 51 -2.76 -3.29 8.03
N TYR A 52 -2.83 -3.20 6.72
CA TYR A 52 -4.11 -3.33 6.03
C TYR A 52 -4.66 -4.75 6.17
N ALA A 53 -3.81 -5.71 5.81
CA ALA A 53 -4.20 -7.11 5.89
C ALA A 53 -4.56 -7.45 7.33
N ASN A 54 -3.80 -6.88 8.26
CA ASN A 54 -4.03 -7.12 9.67
C ASN A 54 -5.39 -6.56 10.07
N ASP A 55 -5.70 -5.40 9.50
CA ASP A 55 -6.98 -4.75 9.78
C ASP A 55 -8.12 -5.64 9.27
N ASN A 56 -7.78 -6.51 8.33
CA ASN A 56 -8.76 -7.40 7.75
C ASN A 56 -8.75 -8.73 8.52
N GLY A 57 -7.65 -8.96 9.22
CA GLY A 57 -7.49 -10.17 9.99
C GLY A 57 -7.30 -11.38 9.08
N VAL A 58 -6.79 -11.11 7.88
CA VAL A 58 -6.56 -12.15 6.91
C VAL A 58 -5.05 -12.33 6.71
N ASP A 59 -4.61 -13.57 6.75
CA ASP A 59 -3.21 -13.88 6.57
C ASP A 59 -3.07 -15.21 5.80
N GLY A 60 -2.08 -15.23 4.92
CA GLY A 60 -1.83 -16.42 4.13
C GLY A 60 -0.57 -16.26 3.27
N GLU A 61 -0.76 -16.31 1.96
CA GLU A 61 0.34 -16.16 1.03
C GLU A 61 0.47 -14.71 0.57
N TRP A 62 1.58 -14.09 0.97
CA TRP A 62 1.84 -12.72 0.60
C TRP A 62 2.75 -12.70 -0.62
N THR A 63 2.29 -12.03 -1.66
CA THR A 63 3.05 -11.94 -2.89
C THR A 63 3.05 -10.50 -3.41
N TYR A 64 4.24 -10.04 -3.78
CA TYR A 64 4.40 -8.69 -4.29
C TYR A 64 5.25 -8.68 -5.56
N ASP A 65 4.82 -7.89 -6.53
CA ASP A 65 5.53 -7.78 -7.79
C ASP A 65 6.02 -6.35 -7.97
N ASP A 66 7.33 -6.18 -7.84
CA ASP A 66 7.93 -4.87 -7.98
C ASP A 66 7.73 -4.36 -9.42
N ALA A 67 7.46 -5.31 -10.31
CA ALA A 67 7.25 -4.99 -11.71
C ALA A 67 6.06 -4.03 -11.82
N THR A 68 5.07 -4.25 -10.95
CA THR A 68 3.88 -3.42 -10.95
C THR A 68 3.60 -2.90 -9.54
N LYS A 69 4.59 -3.06 -8.68
CA LYS A 69 4.47 -2.62 -7.30
C LYS A 69 3.05 -2.93 -6.79
N THR A 70 2.73 -4.21 -6.77
CA THR A 70 1.42 -4.65 -6.31
C THR A 70 1.56 -5.85 -5.37
N PHE A 71 0.78 -5.81 -4.30
CA PHE A 71 0.80 -6.89 -3.33
C PHE A 71 -0.56 -7.58 -3.25
N THR A 72 -0.52 -8.89 -3.10
CA THR A 72 -1.74 -9.68 -3.00
C THR A 72 -1.64 -10.66 -1.84
N VAL A 73 -2.72 -10.72 -1.06
CA VAL A 73 -2.77 -11.62 0.08
C VAL A 73 -3.80 -12.72 -0.19
N THR A 74 -3.32 -13.95 -0.21
CA THR A 74 -4.19 -15.09 -0.45
C THR A 74 -4.41 -15.87 0.84
N GLU A 75 -5.67 -15.95 1.25
CA GLU A 75 -6.02 -16.66 2.46
C GLU A 75 -6.48 -18.09 2.13
LA LA B . 1.10 19.72 1.28
N CYS A 1 2.17 9.85 -8.24
CA CYS A 1 1.25 10.15 -7.17
C CYS A 1 2.05 10.67 -5.98
N TYR A 2 2.23 11.98 -5.96
CA TYR A 2 2.96 12.62 -4.89
C TYR A 2 2.27 12.40 -3.54
N VAL A 3 3.04 12.64 -2.48
CA VAL A 3 2.51 12.47 -1.13
C VAL A 3 2.87 13.70 -0.29
N ASP A 4 1.91 14.16 0.46
CA ASP A 4 2.13 15.35 1.32
C ASP A 4 2.45 14.90 2.75
N THR A 5 3.31 15.63 3.44
CA THR A 5 3.67 15.28 4.80
C THR A 5 2.99 16.21 5.80
N ASN A 6 2.01 16.95 5.30
CA ASN A 6 1.29 17.89 6.14
C ASN A 6 -0.14 17.39 6.31
N ASN A 7 -0.55 16.51 5.41
CA ASN A 7 -1.89 15.96 5.46
C ASN A 7 -2.91 17.03 5.06
N ASP A 8 -2.43 18.00 4.28
CA ASP A 8 -3.28 19.08 3.82
C ASP A 8 -3.89 18.72 2.46
N GLY A 9 -3.19 17.83 1.76
CA GLY A 9 -3.65 17.41 0.45
C GLY A 9 -3.06 18.29 -0.65
N ALA A 10 -1.83 18.72 -0.43
CA ALA A 10 -1.15 19.58 -1.39
C ALA A 10 0.34 19.24 -1.41
N TYR A 11 0.90 19.22 -2.61
CA TYR A 11 2.31 18.91 -2.77
C TYR A 11 3.13 20.19 -2.95
N GLU A 12 3.99 20.45 -1.97
CA GLU A 12 4.83 21.62 -2.00
C GLU A 12 6.05 21.43 -1.10
N GLY A 13 7.22 21.39 -1.74
CA GLY A 13 8.46 21.21 -1.01
C GLY A 13 9.04 19.82 -1.26
N ASP A 14 9.21 19.07 -0.18
CA ASP A 14 9.75 17.72 -0.28
C ASP A 14 8.66 16.76 -0.77
N GLU A 15 7.42 17.23 -0.67
CA GLU A 15 6.28 16.44 -1.10
C GLU A 15 6.30 16.25 -2.62
N LEU A 16 7.21 16.99 -3.25
CA LEU A 16 7.34 16.91 -4.70
C LEU A 16 8.66 16.23 -5.06
N SER A 17 9.08 15.33 -4.18
CA SER A 17 10.32 14.60 -4.38
C SER A 17 10.05 13.32 -5.17
N GLY A 18 8.81 12.88 -5.11
CA GLY A 18 8.40 11.67 -5.80
C GLY A 18 8.03 10.57 -4.82
N THR A 19 6.92 9.91 -5.10
CA THR A 19 6.44 8.83 -4.24
C THR A 19 6.18 7.58 -5.08
N MET A 20 5.94 6.47 -4.37
CA MET A 20 5.68 5.21 -5.03
C MET A 20 4.27 4.71 -4.70
N GLU A 21 3.52 4.41 -5.75
CA GLU A 21 2.16 3.93 -5.59
C GLU A 21 2.12 2.40 -5.72
N TYR A 22 1.57 1.77 -4.69
CA TYR A 22 1.46 0.31 -4.67
C TYR A 22 0.00 -0.13 -4.62
N LYS A 23 -0.25 -1.28 -5.22
CA LYS A 23 -1.60 -1.82 -5.24
C LYS A 23 -1.72 -2.95 -4.22
N LEU A 24 -2.56 -2.71 -3.22
CA LEU A 24 -2.75 -3.69 -2.17
C LEU A 24 -4.03 -4.49 -2.46
N ILE A 25 -3.82 -5.77 -2.73
CA ILE A 25 -4.93 -6.66 -3.04
C ILE A 25 -5.07 -7.70 -1.92
N LEU A 26 -6.27 -7.75 -1.34
CA LEU A 26 -6.54 -8.70 -0.27
C LEU A 26 -7.55 -9.74 -0.76
N ASN A 27 -7.05 -10.96 -0.91
CA ASN A 27 -7.89 -12.06 -1.36
C ASN A 27 -8.24 -12.96 -0.17
N GLY A 28 -9.45 -12.78 0.33
CA GLY A 28 -9.91 -13.56 1.47
C GLY A 28 -11.30 -14.13 1.21
N LYS A 29 -11.64 -15.17 1.96
CA LYS A 29 -12.93 -15.81 1.81
C LYS A 29 -14.00 -14.91 2.44
N THR A 30 -13.64 -14.27 3.53
CA THR A 30 -14.55 -13.38 4.23
C THR A 30 -14.24 -11.92 3.90
N LEU A 31 -12.99 -11.69 3.51
CA LEU A 31 -12.55 -10.36 3.16
C LEU A 31 -11.83 -10.39 1.82
N LYS A 32 -12.50 -9.86 0.80
CA LYS A 32 -11.94 -9.82 -0.53
C LYS A 32 -12.14 -8.44 -1.14
N GLY A 33 -11.04 -7.83 -1.54
CA GLY A 33 -11.08 -6.51 -2.13
C GLY A 33 -9.69 -6.06 -2.59
N GLU A 34 -9.63 -4.84 -3.09
CA GLU A 34 -8.37 -4.29 -3.57
C GLU A 34 -8.25 -2.82 -3.16
N THR A 35 -7.05 -2.28 -3.34
CA THR A 35 -6.79 -0.89 -3.00
C THR A 35 -5.36 -0.51 -3.39
N THR A 36 -5.04 0.76 -3.15
CA THR A 36 -3.72 1.26 -3.48
C THR A 36 -3.30 2.34 -2.47
N THR A 37 -1.99 2.48 -2.31
CA THR A 37 -1.45 3.46 -1.39
C THR A 37 -0.13 4.03 -1.93
N CYS A 38 0.14 5.27 -1.55
CA CYS A 38 1.35 5.94 -1.99
C CYS A 38 2.25 6.15 -0.77
N ALA A 39 3.52 5.85 -0.95
CA ALA A 39 4.50 6.00 0.13
C ALA A 39 5.84 6.44 -0.46
N VAL A 40 6.60 7.15 0.36
CA VAL A 40 7.90 7.63 -0.06
C VAL A 40 8.85 6.44 -0.25
N ASP A 41 8.73 5.48 0.65
CA ASP A 41 9.57 4.28 0.60
C ASP A 41 8.68 3.05 0.71
N ALA A 42 9.07 2.01 -0.01
CA ALA A 42 8.33 0.76 0.00
C ALA A 42 8.23 0.25 1.44
N ALA A 43 9.11 0.77 2.28
CA ALA A 43 9.12 0.37 3.68
C ALA A 43 7.85 0.87 4.36
N THR A 44 7.52 2.13 4.07
CA THR A 44 6.33 2.73 4.66
C THR A 44 5.07 2.08 4.10
N ALA A 45 5.08 1.85 2.79
CA ALA A 45 3.95 1.23 2.13
C ALA A 45 3.81 -0.22 2.61
N GLU A 46 4.96 -0.84 2.82
CA GLU A 46 4.97 -2.22 3.29
C GLU A 46 4.24 -2.35 4.62
N LYS A 47 4.63 -1.50 5.56
CA LYS A 47 4.03 -1.50 6.87
C LYS A 47 2.53 -1.19 6.74
N VAL A 48 2.21 -0.43 5.70
CA VAL A 48 0.82 -0.05 5.45
C VAL A 48 0.06 -1.26 4.92
N PHE A 49 0.73 -2.01 4.05
CA PHE A 49 0.14 -3.19 3.44
C PHE A 49 -0.06 -4.29 4.48
N LYS A 50 0.94 -4.44 5.33
CA LYS A 50 0.90 -5.45 6.37
C LYS A 50 -0.18 -5.08 7.39
N GLN A 51 -0.34 -3.78 7.60
CA GLN A 51 -1.33 -3.29 8.53
C GLN A 51 -2.74 -3.43 7.94
N TYR A 52 -2.81 -3.31 6.63
CA TYR A 52 -4.07 -3.42 5.93
C TYR A 52 -4.65 -4.84 6.06
N ALA A 53 -3.81 -5.81 5.70
CA ALA A 53 -4.22 -7.21 5.77
C ALA A 53 -4.56 -7.56 7.21
N ASN A 54 -3.78 -7.01 8.13
CA ASN A 54 -3.99 -7.26 9.54
C ASN A 54 -5.33 -6.65 9.97
N ASP A 55 -5.66 -5.53 9.36
CA ASP A 55 -6.90 -4.84 9.66
C ASP A 55 -8.08 -5.67 9.16
N ASN A 56 -7.78 -6.55 8.20
CA ASN A 56 -8.81 -7.41 7.64
C ASN A 56 -8.83 -8.74 8.40
N GLY A 57 -7.74 -9.00 9.09
CA GLY A 57 -7.62 -10.23 9.87
C GLY A 57 -7.36 -11.43 8.95
N VAL A 58 -7.06 -11.12 7.71
CA VAL A 58 -6.78 -12.16 6.73
C VAL A 58 -5.27 -12.38 6.63
N ASP A 59 -4.88 -13.64 6.67
CA ASP A 59 -3.47 -14.00 6.59
C ASP A 59 -3.33 -15.31 5.82
N GLY A 60 -2.30 -15.35 4.98
CA GLY A 60 -2.04 -16.53 4.17
C GLY A 60 -0.74 -16.37 3.37
N GLU A 61 -0.88 -16.45 2.06
CA GLU A 61 0.25 -16.32 1.17
C GLU A 61 0.40 -14.87 0.71
N TRP A 62 1.52 -14.27 1.08
CA TRP A 62 1.80 -12.89 0.71
C TRP A 62 2.75 -12.91 -0.49
N THR A 63 2.32 -12.24 -1.55
CA THR A 63 3.11 -12.17 -2.77
C THR A 63 3.13 -10.73 -3.31
N TYR A 64 4.32 -10.27 -3.66
CA TYR A 64 4.49 -8.93 -4.18
C TYR A 64 5.36 -8.94 -5.44
N ASP A 65 4.95 -8.15 -6.42
CA ASP A 65 5.69 -8.07 -7.67
C ASP A 65 6.20 -6.64 -7.85
N ASP A 66 7.50 -6.49 -7.70
CA ASP A 66 8.12 -5.18 -7.85
C ASP A 66 7.92 -4.67 -9.27
N ALA A 67 7.63 -5.62 -10.17
CA ALA A 67 7.41 -5.29 -11.56
C ALA A 67 6.21 -4.34 -11.67
N THR A 68 5.31 -4.47 -10.71
CA THR A 68 4.11 -3.64 -10.69
C THR A 68 3.85 -3.13 -9.27
N LYS A 69 4.84 -3.32 -8.42
CA LYS A 69 4.72 -2.89 -7.03
C LYS A 69 3.31 -3.18 -6.52
N THR A 70 2.90 -4.44 -6.67
CA THR A 70 1.59 -4.86 -6.23
C THR A 70 1.69 -6.07 -5.31
N PHE A 71 0.90 -6.03 -4.25
CA PHE A 71 0.89 -7.11 -3.28
C PHE A 71 -0.48 -7.79 -3.23
N THR A 72 -0.45 -9.11 -3.09
CA THR A 72 -1.67 -9.89 -3.03
C THR A 72 -1.61 -10.88 -1.86
N VAL A 73 -2.69 -10.90 -1.09
CA VAL A 73 -2.77 -11.79 0.05
C VAL A 73 -3.81 -12.87 -0.23
N THR A 74 -3.34 -14.12 -0.24
CA THR A 74 -4.22 -15.24 -0.50
C THR A 74 -4.48 -16.02 0.79
N GLU A 75 -5.75 -16.07 1.17
CA GLU A 75 -6.15 -16.77 2.39
C GLU A 75 -6.54 -18.21 2.06
LA LA B . 1.60 19.64 1.81
N CYS A 1 3.82 9.54 -8.24
CA CYS A 1 2.75 9.98 -7.35
C CYS A 1 3.37 10.83 -6.24
N TYR A 2 2.60 11.81 -5.78
CA TYR A 2 3.06 12.70 -4.73
C TYR A 2 2.35 12.40 -3.41
N VAL A 3 3.11 12.47 -2.33
CA VAL A 3 2.55 12.22 -1.01
C VAL A 3 2.83 13.42 -0.10
N ASP A 4 1.86 13.74 0.71
CA ASP A 4 2.01 14.88 1.64
C ASP A 4 2.27 14.38 3.05
N THR A 5 3.22 14.98 3.77
CA THR A 5 3.53 14.56 5.12
C THR A 5 2.99 15.56 6.14
N ASN A 6 2.07 16.38 5.67
CA ASN A 6 1.48 17.40 6.52
C ASN A 6 0.01 17.05 6.78
N ASN A 7 -0.56 16.30 5.84
CA ASN A 7 -1.95 15.88 5.94
C ASN A 7 -2.85 17.02 5.47
N ASP A 8 -2.33 17.81 4.54
CA ASP A 8 -3.07 18.92 4.00
C ASP A 8 -3.49 18.61 2.56
N GLY A 9 -3.43 17.34 2.23
CA GLY A 9 -3.80 16.88 0.90
C GLY A 9 -3.28 17.85 -0.16
N ALA A 10 -2.03 18.29 0.03
CA ALA A 10 -1.42 19.22 -0.89
C ALA A 10 0.08 18.90 -1.00
N TYR A 11 0.58 18.95 -2.22
CA TYR A 11 1.98 18.67 -2.47
C TYR A 11 2.79 19.97 -2.60
N GLU A 12 3.72 20.14 -1.68
CA GLU A 12 4.57 21.32 -1.68
C GLU A 12 5.85 21.07 -0.88
N GLY A 13 6.96 21.12 -1.59
CA GLY A 13 8.26 20.89 -0.96
C GLY A 13 8.83 19.53 -1.36
N ASP A 14 9.06 18.70 -0.36
CA ASP A 14 9.60 17.37 -0.59
C ASP A 14 8.48 16.45 -1.09
N GLU A 15 7.25 16.90 -0.88
CA GLU A 15 6.09 16.12 -1.30
C GLU A 15 6.04 16.05 -2.83
N LEU A 16 6.88 16.85 -3.47
CA LEU A 16 6.95 16.88 -4.91
C LEU A 16 8.28 16.30 -5.38
N SER A 17 8.85 15.45 -4.54
CA SER A 17 10.13 14.83 -4.85
C SER A 17 9.90 13.52 -5.61
N GLY A 18 8.70 12.98 -5.45
CA GLY A 18 8.34 11.74 -6.12
C GLY A 18 8.03 10.64 -5.10
N THR A 19 6.88 10.01 -5.29
CA THR A 19 6.45 8.94 -4.41
C THR A 19 6.19 7.66 -5.20
N MET A 20 5.86 6.61 -4.46
CA MET A 20 5.59 5.32 -5.08
C MET A 20 4.18 4.83 -4.73
N GLU A 21 3.45 4.43 -5.76
CA GLU A 21 2.09 3.96 -5.58
C GLU A 21 2.06 2.42 -5.70
N TYR A 22 1.53 1.79 -4.66
CA TYR A 22 1.44 0.34 -4.64
C TYR A 22 -0.03 -0.10 -4.60
N LYS A 23 -0.28 -1.26 -5.19
CA LYS A 23 -1.62 -1.81 -5.23
C LYS A 23 -1.75 -2.93 -4.20
N LEU A 24 -2.59 -2.68 -3.21
CA LEU A 24 -2.81 -3.66 -2.15
C LEU A 24 -4.04 -4.50 -2.48
N ILE A 25 -3.80 -5.78 -2.73
CA ILE A 25 -4.87 -6.71 -3.06
C ILE A 25 -5.04 -7.71 -1.92
N LEU A 26 -6.25 -7.76 -1.39
CA LEU A 26 -6.56 -8.67 -0.30
C LEU A 26 -7.54 -9.73 -0.79
N ASN A 27 -7.04 -10.96 -0.89
CA ASN A 27 -7.86 -12.06 -1.34
C ASN A 27 -8.27 -12.92 -0.14
N GLY A 28 -9.50 -12.70 0.30
CA GLY A 28 -10.04 -13.43 1.43
C GLY A 28 -11.43 -13.98 1.13
N LYS A 29 -11.76 -15.08 1.79
CA LYS A 29 -13.05 -15.72 1.60
C LYS A 29 -14.14 -14.83 2.20
N THR A 30 -13.79 -14.20 3.31
CA THR A 30 -14.73 -13.33 4.01
C THR A 30 -14.40 -11.86 3.71
N LEU A 31 -13.14 -11.64 3.36
CA LEU A 31 -12.68 -10.28 3.05
C LEU A 31 -11.93 -10.30 1.73
N LYS A 32 -12.58 -9.78 0.70
CA LYS A 32 -11.98 -9.73 -0.62
C LYS A 32 -12.19 -8.33 -1.22
N GLY A 33 -11.09 -7.71 -1.59
CA GLY A 33 -11.15 -6.37 -2.17
C GLY A 33 -9.76 -5.93 -2.65
N GLU A 34 -9.72 -4.71 -3.17
CA GLU A 34 -8.47 -4.15 -3.66
C GLU A 34 -8.32 -2.69 -3.21
N THR A 35 -7.12 -2.17 -3.41
CA THR A 35 -6.84 -0.80 -3.02
C THR A 35 -5.40 -0.43 -3.39
N THR A 36 -5.07 0.83 -3.15
CA THR A 36 -3.73 1.32 -3.47
C THR A 36 -3.30 2.37 -2.44
N THR A 37 -1.98 2.53 -2.31
CA THR A 37 -1.44 3.49 -1.37
C THR A 37 -0.15 4.09 -1.92
N CYS A 38 0.14 5.32 -1.50
CA CYS A 38 1.32 6.01 -1.94
C CYS A 38 2.28 6.14 -0.75
N ALA A 39 3.54 5.83 -1.01
CA ALA A 39 4.56 5.90 0.02
C ALA A 39 5.89 6.30 -0.61
N VAL A 40 6.68 7.04 0.16
CA VAL A 40 7.98 7.48 -0.31
C VAL A 40 8.92 6.28 -0.45
N ASP A 41 8.80 5.37 0.49
CA ASP A 41 9.61 4.17 0.48
C ASP A 41 8.72 2.94 0.62
N ALA A 42 9.12 1.87 -0.08
CA ALA A 42 8.36 0.63 -0.05
C ALA A 42 8.24 0.15 1.39
N ALA A 43 9.15 0.64 2.22
CA ALA A 43 9.17 0.26 3.63
C ALA A 43 7.92 0.83 4.31
N THR A 44 7.62 2.08 4.00
CA THR A 44 6.46 2.74 4.58
C THR A 44 5.17 2.14 4.02
N ALA A 45 5.18 1.91 2.71
CA ALA A 45 4.02 1.34 2.05
C ALA A 45 3.79 -0.08 2.56
N GLU A 46 4.89 -0.77 2.79
CA GLU A 46 4.83 -2.14 3.27
C GLU A 46 4.06 -2.20 4.60
N LYS A 47 4.40 -1.27 5.48
CA LYS A 47 3.75 -1.20 6.78
C LYS A 47 2.24 -1.01 6.59
N VAL A 48 1.91 -0.07 5.72
CA VAL A 48 0.51 0.22 5.44
C VAL A 48 -0.15 -1.03 4.86
N PHE A 49 0.58 -1.72 4.01
CA PHE A 49 0.07 -2.93 3.39
C PHE A 49 -0.15 -4.03 4.43
N LYS A 50 0.78 -4.10 5.37
CA LYS A 50 0.71 -5.09 6.42
C LYS A 50 -0.42 -4.73 7.39
N GLN A 51 -0.59 -3.42 7.57
CA GLN A 51 -1.63 -2.92 8.47
C GLN A 51 -3.01 -3.10 7.83
N TYR A 52 -3.01 -3.08 6.50
CA TYR A 52 -4.25 -3.24 5.76
C TYR A 52 -4.79 -4.67 5.86
N ALA A 53 -3.90 -5.61 5.56
CA ALA A 53 -4.26 -7.02 5.60
C ALA A 53 -4.65 -7.39 7.04
N ASN A 54 -3.96 -6.76 7.98
CA ASN A 54 -4.23 -7.03 9.39
C ASN A 54 -5.58 -6.42 9.77
N ASP A 55 -5.90 -5.30 9.12
CA ASP A 55 -7.16 -4.62 9.38
C ASP A 55 -8.31 -5.48 8.87
N ASN A 56 -7.98 -6.38 7.94
CA ASN A 56 -8.98 -7.26 7.37
C ASN A 56 -9.05 -8.55 8.18
N GLY A 57 -7.99 -8.78 8.94
CA GLY A 57 -7.92 -9.97 9.77
C GLY A 57 -7.63 -11.22 8.93
N VAL A 58 -7.18 -10.97 7.72
CA VAL A 58 -6.86 -12.05 6.80
C VAL A 58 -5.35 -12.20 6.70
N ASP A 59 -4.90 -13.45 6.81
CA ASP A 59 -3.48 -13.74 6.74
C ASP A 59 -3.29 -15.09 6.04
N GLY A 60 -2.26 -15.14 5.20
CA GLY A 60 -1.95 -16.36 4.46
C GLY A 60 -0.64 -16.20 3.68
N GLU A 61 -0.76 -16.28 2.36
CA GLU A 61 0.39 -16.16 1.49
C GLU A 61 0.53 -14.72 1.00
N TRP A 62 1.63 -14.09 1.40
CA TRP A 62 1.89 -12.72 0.99
C TRP A 62 2.86 -12.74 -0.17
N THR A 63 2.45 -12.10 -1.26
CA THR A 63 3.27 -12.04 -2.46
C THR A 63 3.25 -10.63 -3.05
N TYR A 64 4.44 -10.15 -3.39
CA TYR A 64 4.57 -8.83 -3.96
C TYR A 64 5.43 -8.86 -5.23
N ASP A 65 5.00 -8.09 -6.22
CA ASP A 65 5.72 -8.03 -7.48
C ASP A 65 6.22 -6.60 -7.70
N ASP A 66 7.53 -6.43 -7.57
CA ASP A 66 8.14 -5.13 -7.76
C ASP A 66 7.93 -4.67 -9.20
N ALA A 67 7.65 -5.64 -10.06
CA ALA A 67 7.43 -5.34 -11.46
C ALA A 67 6.26 -4.38 -11.60
N THR A 68 5.36 -4.45 -10.63
CA THR A 68 4.19 -3.58 -10.62
C THR A 68 3.91 -3.07 -9.21
N LYS A 69 4.89 -3.27 -8.33
CA LYS A 69 4.75 -2.84 -6.95
C LYS A 69 3.33 -3.13 -6.47
N THR A 70 2.97 -4.41 -6.53
CA THR A 70 1.65 -4.82 -6.11
C THR A 70 1.75 -6.02 -5.16
N PHE A 71 0.95 -5.98 -4.10
CA PHE A 71 0.95 -7.04 -3.12
C PHE A 71 -0.41 -7.75 -3.09
N THR A 72 -0.35 -9.06 -2.93
CA THR A 72 -1.57 -9.87 -2.88
C THR A 72 -1.53 -10.82 -1.68
N VAL A 73 -2.63 -10.81 -0.94
CA VAL A 73 -2.74 -11.67 0.24
C VAL A 73 -3.76 -12.77 -0.04
N THR A 74 -3.28 -14.01 0.01
CA THR A 74 -4.14 -15.16 -0.23
C THR A 74 -4.39 -15.92 1.07
N GLU A 75 -5.66 -16.00 1.44
CA GLU A 75 -6.04 -16.68 2.65
C GLU A 75 -6.25 -18.17 2.38
LA LA B . 1.46 19.14 2.18
N CYS A 1 1.97 10.07 -8.19
CA CYS A 1 1.07 10.29 -7.06
C CYS A 1 1.91 10.77 -5.87
N TYR A 2 2.17 12.07 -5.86
CA TYR A 2 2.94 12.67 -4.78
C TYR A 2 2.26 12.48 -3.43
N VAL A 3 3.02 12.73 -2.38
CA VAL A 3 2.50 12.59 -1.03
C VAL A 3 2.86 13.84 -0.22
N ASP A 4 1.89 14.33 0.51
CA ASP A 4 2.12 15.54 1.34
C ASP A 4 2.38 15.12 2.80
N THR A 5 3.24 15.85 3.50
CA THR A 5 3.54 15.51 4.88
C THR A 5 2.86 16.51 5.82
N ASN A 6 1.94 17.27 5.26
CA ASN A 6 1.21 18.26 6.05
C ASN A 6 -0.24 17.81 6.20
N ASN A 7 -0.66 16.92 5.30
CA ASN A 7 -2.02 16.41 5.31
C ASN A 7 -2.98 17.51 4.86
N ASP A 8 -2.44 18.45 4.10
CA ASP A 8 -3.24 19.56 3.61
C ASP A 8 -3.83 19.17 2.25
N GLY A 9 -3.18 18.24 1.59
CA GLY A 9 -3.63 17.78 0.28
C GLY A 9 -2.99 18.60 -0.84
N ALA A 10 -1.75 19.00 -0.59
CA ALA A 10 -1.01 19.79 -1.57
C ALA A 10 0.46 19.41 -1.53
N TYR A 11 1.07 19.33 -2.70
CA TYR A 11 2.46 18.97 -2.81
C TYR A 11 3.33 20.22 -3.02
N GLU A 12 4.18 20.48 -2.03
CA GLU A 12 5.07 21.63 -2.10
C GLU A 12 6.27 21.41 -1.18
N GLY A 13 7.44 21.33 -1.80
CA GLY A 13 8.67 21.14 -1.05
C GLY A 13 9.22 19.72 -1.26
N ASP A 14 9.34 19.01 -0.15
CA ASP A 14 9.83 17.64 -0.20
C ASP A 14 8.72 16.71 -0.67
N GLU A 15 7.50 17.22 -0.61
CA GLU A 15 6.35 16.44 -1.03
C GLU A 15 6.38 16.22 -2.55
N LEU A 16 7.32 16.89 -3.19
CA LEU A 16 7.47 16.77 -4.63
C LEU A 16 8.78 16.05 -4.95
N SER A 17 9.14 15.14 -4.06
CA SER A 17 10.37 14.37 -4.23
C SER A 17 10.09 13.11 -5.05
N GLY A 18 8.83 12.72 -5.05
CA GLY A 18 8.41 11.53 -5.79
C GLY A 18 8.01 10.40 -4.84
N THR A 19 6.82 9.89 -5.07
CA THR A 19 6.29 8.81 -4.24
C THR A 19 6.02 7.57 -5.10
N MET A 20 5.79 6.46 -4.41
CA MET A 20 5.52 5.21 -5.09
C MET A 20 4.12 4.68 -4.73
N GLU A 21 3.34 4.40 -5.76
CA GLU A 21 1.99 3.90 -5.56
C GLU A 21 1.98 2.37 -5.69
N TYR A 22 1.47 1.73 -4.65
CA TYR A 22 1.39 0.28 -4.63
C TYR A 22 -0.07 -0.19 -4.60
N LYS A 23 -0.30 -1.36 -5.20
CA LYS A 23 -1.64 -1.92 -5.24
C LYS A 23 -1.74 -3.04 -4.21
N LEU A 24 -2.60 -2.81 -3.22
CA LEU A 24 -2.80 -3.79 -2.17
C LEU A 24 -4.06 -4.60 -2.48
N ILE A 25 -3.85 -5.89 -2.74
CA ILE A 25 -4.95 -6.78 -3.05
C ILE A 25 -5.08 -7.82 -1.93
N LEU A 26 -6.28 -7.88 -1.37
CA LEU A 26 -6.56 -8.83 -0.30
C LEU A 26 -7.55 -9.88 -0.79
N ASN A 27 -7.04 -11.09 -0.93
CA ASN A 27 -7.86 -12.21 -1.40
C ASN A 27 -8.22 -13.10 -0.21
N GLY A 28 -9.43 -12.92 0.28
CA GLY A 28 -9.90 -13.71 1.42
C GLY A 28 -11.33 -14.22 1.17
N LYS A 29 -11.65 -15.32 1.83
CA LYS A 29 -12.97 -15.92 1.70
C LYS A 29 -14.01 -15.00 2.35
N THR A 30 -13.61 -14.37 3.44
CA THR A 30 -14.48 -13.46 4.16
C THR A 30 -14.13 -12.01 3.84
N LEU A 31 -12.89 -11.82 3.43
CA LEU A 31 -12.40 -10.49 3.10
C LEU A 31 -11.70 -10.53 1.74
N LYS A 32 -12.39 -10.03 0.73
CA LYS A 32 -11.85 -10.00 -0.62
C LYS A 32 -12.09 -8.62 -1.23
N GLY A 33 -10.99 -8.00 -1.65
CA GLY A 33 -11.06 -6.68 -2.25
C GLY A 33 -9.68 -6.22 -2.70
N GLU A 34 -9.65 -5.00 -3.23
CA GLU A 34 -8.40 -4.42 -3.70
C GLU A 34 -8.29 -2.97 -3.26
N THR A 35 -7.09 -2.41 -3.43
CA THR A 35 -6.84 -1.03 -3.06
C THR A 35 -5.42 -0.62 -3.43
N THR A 36 -5.12 0.64 -3.18
CA THR A 36 -3.79 1.16 -3.49
C THR A 36 -3.39 2.24 -2.46
N THR A 37 -2.09 2.41 -2.31
CA THR A 37 -1.57 3.39 -1.38
C THR A 37 -0.26 4.00 -1.92
N CYS A 38 -0.03 5.24 -1.51
CA CYS A 38 1.17 5.95 -1.94
C CYS A 38 2.08 6.14 -0.72
N ALA A 39 3.36 5.88 -0.93
CA ALA A 39 4.34 6.02 0.13
C ALA A 39 5.68 6.47 -0.46
N VAL A 40 6.48 7.11 0.38
CA VAL A 40 7.78 7.59 -0.06
C VAL A 40 8.71 6.40 -0.29
N ASP A 41 8.59 5.42 0.59
CA ASP A 41 9.41 4.22 0.50
C ASP A 41 8.53 2.98 0.65
N ALA A 42 8.87 1.95 -0.10
CA ALA A 42 8.12 0.70 -0.06
C ALA A 42 8.07 0.19 1.38
N ALA A 43 9.02 0.67 2.17
CA ALA A 43 9.09 0.26 3.57
C ALA A 43 7.87 0.80 4.32
N THR A 44 7.57 2.07 4.08
CA THR A 44 6.44 2.71 4.72
C THR A 44 5.13 2.16 4.16
N ALA A 45 5.10 2.01 2.84
CA ALA A 45 3.91 1.48 2.17
C ALA A 45 3.67 0.04 2.62
N GLU A 46 4.77 -0.68 2.80
CA GLU A 46 4.69 -2.06 3.23
C GLU A 46 3.93 -2.17 4.56
N LYS A 47 4.30 -1.29 5.48
CA LYS A 47 3.68 -1.27 6.79
C LYS A 47 2.17 -1.03 6.63
N VAL A 48 1.84 -0.18 5.67
CA VAL A 48 0.46 0.15 5.40
C VAL A 48 -0.27 -1.12 4.91
N PHE A 49 0.40 -1.84 4.03
CA PHE A 49 -0.16 -3.05 3.48
C PHE A 49 -0.33 -4.12 4.56
N LYS A 50 0.69 -4.22 5.40
CA LYS A 50 0.68 -5.20 6.48
C LYS A 50 -0.44 -4.85 7.47
N GLN A 51 -0.64 -3.55 7.64
CA GLN A 51 -1.66 -3.07 8.55
C GLN A 51 -3.05 -3.27 7.94
N TYR A 52 -3.09 -3.26 6.61
CA TYR A 52 -4.34 -3.44 5.90
C TYR A 52 -4.83 -4.88 6.01
N ALA A 53 -3.95 -5.80 5.67
CA ALA A 53 -4.27 -7.22 5.72
C ALA A 53 -4.67 -7.59 7.16
N ASN A 54 -4.00 -6.95 8.11
CA ASN A 54 -4.28 -7.20 9.51
C ASN A 54 -5.68 -6.69 9.85
N ASP A 55 -6.00 -5.53 9.31
CA ASP A 55 -7.30 -4.92 9.54
C ASP A 55 -8.39 -5.84 8.99
N ASN A 56 -7.99 -6.69 8.06
CA ASN A 56 -8.92 -7.62 7.45
C ASN A 56 -8.92 -8.92 8.24
N GLY A 57 -7.87 -9.11 9.02
CA GLY A 57 -7.75 -10.31 9.84
C GLY A 57 -7.53 -11.54 8.97
N VAL A 58 -6.94 -11.30 7.80
CA VAL A 58 -6.66 -12.38 6.86
C VAL A 58 -5.15 -12.53 6.70
N ASP A 59 -4.69 -13.77 6.78
CA ASP A 59 -3.28 -14.06 6.64
C ASP A 59 -3.11 -15.40 5.92
N GLY A 60 -2.16 -15.42 5.00
CA GLY A 60 -1.88 -16.62 4.22
C GLY A 60 -0.60 -16.47 3.41
N GLU A 61 -0.76 -16.53 2.09
CA GLU A 61 0.37 -16.41 1.19
C GLU A 61 0.51 -14.95 0.72
N TRP A 62 1.59 -14.34 1.16
CA TRP A 62 1.86 -12.95 0.79
C TRP A 62 2.80 -12.95 -0.41
N THR A 63 2.38 -12.28 -1.47
CA THR A 63 3.18 -12.20 -2.68
C THR A 63 3.16 -10.77 -3.24
N TYR A 64 4.34 -10.30 -3.57
CA TYR A 64 4.49 -8.96 -4.12
C TYR A 64 5.34 -8.96 -5.38
N ASP A 65 4.91 -8.18 -6.37
CA ASP A 65 5.62 -8.08 -7.63
C ASP A 65 6.11 -6.65 -7.82
N ASP A 66 7.42 -6.47 -7.69
CA ASP A 66 8.02 -5.17 -7.84
C ASP A 66 7.79 -4.68 -9.28
N ALA A 67 7.52 -5.62 -10.15
CA ALA A 67 7.28 -5.30 -11.56
C ALA A 67 6.10 -4.33 -11.66
N THR A 68 5.20 -4.44 -10.69
CA THR A 68 4.03 -3.59 -10.65
C THR A 68 3.75 -3.11 -9.23
N LYS A 69 4.74 -3.32 -8.37
CA LYS A 69 4.62 -2.92 -6.98
C LYS A 69 3.20 -3.23 -6.48
N THR A 70 2.84 -4.50 -6.59
CA THR A 70 1.52 -4.94 -6.17
C THR A 70 1.63 -6.15 -5.24
N PHE A 71 0.84 -6.12 -4.18
CA PHE A 71 0.85 -7.21 -3.21
C PHE A 71 -0.51 -7.91 -3.18
N THR A 72 -0.45 -9.23 -3.04
CA THR A 72 -1.66 -10.03 -3.00
C THR A 72 -1.61 -11.00 -1.82
N VAL A 73 -2.70 -11.01 -1.05
CA VAL A 73 -2.78 -11.88 0.11
C VAL A 73 -3.80 -12.98 -0.16
N THR A 74 -3.32 -14.22 -0.14
CA THR A 74 -4.17 -15.36 -0.38
C THR A 74 -4.40 -16.15 0.91
N GLU A 75 -5.66 -16.23 1.31
CA GLU A 75 -6.01 -16.95 2.52
C GLU A 75 -6.33 -18.41 2.19
LA LA B . 1.69 19.85 1.70
N CYS A 1 1.90 10.18 -8.01
CA CYS A 1 1.01 10.48 -6.90
C CYS A 1 1.87 10.97 -5.73
N TYR A 2 2.11 12.28 -5.74
CA TYR A 2 2.92 12.89 -4.69
C TYR A 2 2.26 12.73 -3.33
N VAL A 3 3.06 12.92 -2.29
CA VAL A 3 2.56 12.79 -0.92
C VAL A 3 3.01 14.00 -0.11
N ASP A 4 2.09 14.54 0.63
CA ASP A 4 2.40 15.73 1.48
C ASP A 4 2.71 15.28 2.91
N THR A 5 3.64 15.95 3.59
CA THR A 5 3.99 15.58 4.95
C THR A 5 3.38 16.58 5.94
N ASN A 6 2.45 17.38 5.44
CA ASN A 6 1.79 18.37 6.27
C ASN A 6 0.33 17.97 6.47
N ASN A 7 -0.14 17.11 5.59
CA ASN A 7 -1.51 16.64 5.67
C ASN A 7 -2.45 17.77 5.28
N ASP A 8 -1.91 18.72 4.52
CA ASP A 8 -2.70 19.86 4.07
C ASP A 8 -3.37 19.53 2.75
N GLY A 9 -2.76 18.59 2.03
CA GLY A 9 -3.29 18.18 0.74
C GLY A 9 -2.68 18.99 -0.39
N ALA A 10 -1.42 19.36 -0.21
CA ALA A 10 -0.70 20.14 -1.21
C ALA A 10 0.76 19.71 -1.24
N TYR A 11 1.29 19.63 -2.45
CA TYR A 11 2.68 19.23 -2.64
C TYR A 11 3.58 20.45 -2.86
N GLU A 12 4.47 20.67 -1.91
CA GLU A 12 5.38 21.79 -1.99
C GLU A 12 6.62 21.54 -1.12
N GLY A 13 7.75 21.42 -1.79
CA GLY A 13 9.01 21.17 -1.10
C GLY A 13 9.51 19.75 -1.35
N ASP A 14 9.66 19.01 -0.26
CA ASP A 14 10.12 17.63 -0.35
C ASP A 14 8.96 16.74 -0.79
N GLU A 15 7.76 17.28 -0.66
CA GLU A 15 6.56 16.54 -1.03
C GLU A 15 6.54 16.31 -2.54
N LEU A 16 7.46 16.97 -3.23
CA LEU A 16 7.54 16.86 -4.68
C LEU A 16 8.83 16.12 -5.05
N SER A 17 9.20 15.19 -4.18
CA SER A 17 10.41 14.40 -4.40
C SER A 17 10.08 13.15 -5.23
N GLY A 18 8.81 12.78 -5.19
CA GLY A 18 8.35 11.61 -5.91
C GLY A 18 7.97 10.48 -4.96
N THR A 19 6.75 10.00 -5.12
CA THR A 19 6.24 8.92 -4.29
C THR A 19 6.10 7.64 -5.11
N MET A 20 5.66 6.58 -4.42
CA MET A 20 5.47 5.30 -5.06
C MET A 20 4.09 4.72 -4.74
N GLU A 21 3.37 4.37 -5.79
CA GLU A 21 2.04 3.81 -5.63
C GLU A 21 2.10 2.28 -5.66
N TYR A 22 1.25 1.67 -4.86
CA TYR A 22 1.19 0.21 -4.80
C TYR A 22 -0.26 -0.28 -4.77
N LYS A 23 -0.45 -1.47 -5.33
CA LYS A 23 -1.78 -2.07 -5.37
C LYS A 23 -1.87 -3.16 -4.31
N LEU A 24 -2.74 -2.92 -3.33
CA LEU A 24 -2.94 -3.87 -2.26
C LEU A 24 -4.18 -4.72 -2.55
N ILE A 25 -3.93 -6.01 -2.79
CA ILE A 25 -5.02 -6.93 -3.08
C ILE A 25 -5.14 -7.94 -1.94
N LEU A 26 -6.34 -8.01 -1.39
CA LEU A 26 -6.61 -8.92 -0.30
C LEU A 26 -7.58 -10.01 -0.77
N ASN A 27 -7.05 -11.22 -0.87
CA ASN A 27 -7.85 -12.36 -1.31
C ASN A 27 -8.20 -13.23 -0.11
N GLY A 28 -9.42 -13.06 0.38
CA GLY A 28 -9.88 -13.82 1.53
C GLY A 28 -11.29 -14.38 1.28
N LYS A 29 -11.57 -15.49 1.93
CA LYS A 29 -12.86 -16.14 1.80
C LYS A 29 -13.93 -15.24 2.41
N THR A 30 -13.56 -14.58 3.50
CA THR A 30 -14.49 -13.69 4.18
C THR A 30 -14.18 -12.23 3.84
N LEU A 31 -12.93 -12.00 3.44
CA LEU A 31 -12.50 -10.67 3.09
C LEU A 31 -11.78 -10.71 1.74
N LYS A 32 -12.47 -10.24 0.71
CA LYS A 32 -11.91 -10.21 -0.62
C LYS A 32 -12.16 -8.84 -1.26
N GLY A 33 -11.07 -8.22 -1.67
CA GLY A 33 -11.15 -6.91 -2.29
C GLY A 33 -9.78 -6.43 -2.75
N GLU A 34 -9.75 -5.21 -3.27
CA GLU A 34 -8.51 -4.63 -3.76
C GLU A 34 -8.42 -3.15 -3.36
N THR A 35 -7.23 -2.59 -3.54
CA THR A 35 -7.01 -1.20 -3.20
C THR A 35 -5.59 -0.78 -3.60
N THR A 36 -5.31 0.50 -3.39
CA THR A 36 -4.00 1.04 -3.71
C THR A 36 -3.60 2.11 -2.70
N THR A 37 -2.30 2.26 -2.54
CA THR A 37 -1.76 3.24 -1.60
C THR A 37 -0.44 3.82 -2.11
N CYS A 38 -0.18 5.06 -1.73
CA CYS A 38 1.02 5.73 -2.15
C CYS A 38 1.91 5.94 -0.91
N ALA A 39 3.20 5.72 -1.11
CA ALA A 39 4.17 5.88 -0.03
C ALA A 39 5.50 6.36 -0.60
N VAL A 40 6.24 7.06 0.24
CA VAL A 40 7.53 7.59 -0.18
C VAL A 40 8.52 6.42 -0.36
N ASP A 41 8.42 5.46 0.54
CA ASP A 41 9.29 4.29 0.47
C ASP A 41 8.45 3.03 0.59
N ALA A 42 8.87 2.00 -0.14
CA ALA A 42 8.16 0.74 -0.13
C ALA A 42 8.10 0.21 1.31
N ALA A 43 9.01 0.70 2.13
CA ALA A 43 9.07 0.29 3.52
C ALA A 43 7.83 0.79 4.26
N THR A 44 7.49 2.05 3.98
CA THR A 44 6.32 2.66 4.60
C THR A 44 5.04 2.06 4.03
N ALA A 45 5.03 1.90 2.72
CA ALA A 45 3.87 1.34 2.05
C ALA A 45 3.67 -0.12 2.50
N GLU A 46 4.79 -0.79 2.68
CA GLU A 46 4.76 -2.19 3.11
C GLU A 46 4.04 -2.31 4.45
N LYS A 47 4.47 -1.50 5.39
CA LYS A 47 3.87 -1.51 6.72
C LYS A 47 2.38 -1.19 6.60
N VAL A 48 2.05 -0.40 5.58
CA VAL A 48 0.67 0.00 5.36
C VAL A 48 -0.12 -1.21 4.83
N PHE A 49 0.52 -1.95 3.95
CA PHE A 49 -0.11 -3.13 3.36
C PHE A 49 -0.27 -4.24 4.41
N LYS A 50 0.76 -4.39 5.22
CA LYS A 50 0.75 -5.41 6.26
C LYS A 50 -0.34 -5.06 7.27
N GLN A 51 -0.51 -3.77 7.52
CA GLN A 51 -1.50 -3.30 8.46
C GLN A 51 -2.91 -3.45 7.86
N TYR A 52 -2.96 -3.40 6.54
CA TYR A 52 -4.23 -3.53 5.84
C TYR A 52 -4.79 -4.95 5.96
N ALA A 53 -3.95 -5.91 5.62
CA ALA A 53 -4.34 -7.31 5.69
C ALA A 53 -4.72 -7.66 7.13
N ASN A 54 -3.98 -7.07 8.06
CA ASN A 54 -4.21 -7.31 9.47
C ASN A 54 -5.57 -6.72 9.86
N ASP A 55 -5.88 -5.57 9.26
CA ASP A 55 -7.14 -4.90 9.53
C ASP A 55 -8.29 -5.75 9.01
N ASN A 56 -7.97 -6.63 8.08
CA ASN A 56 -8.96 -7.50 7.49
C ASN A 56 -9.01 -8.81 8.28
N GLY A 57 -7.94 -9.06 9.02
CA GLY A 57 -7.85 -10.27 9.83
C GLY A 57 -7.62 -11.50 8.95
N VAL A 58 -6.97 -11.26 7.81
CA VAL A 58 -6.69 -12.33 6.87
C VAL A 58 -5.18 -12.47 6.72
N ASP A 59 -4.71 -13.71 6.79
CA ASP A 59 -3.29 -13.97 6.65
C ASP A 59 -3.10 -15.32 5.93
N GLY A 60 -2.07 -15.36 5.09
CA GLY A 60 -1.78 -16.57 4.34
C GLY A 60 -0.51 -16.39 3.50
N GLU A 61 -0.69 -16.49 2.20
CA GLU A 61 0.43 -16.34 1.28
C GLU A 61 0.55 -14.90 0.80
N TRP A 62 1.62 -14.26 1.23
CA TRP A 62 1.87 -12.87 0.85
C TRP A 62 2.80 -12.87 -0.36
N THR A 63 2.35 -12.20 -1.41
CA THR A 63 3.14 -12.11 -2.63
C THR A 63 3.18 -10.67 -3.13
N TYR A 64 4.39 -10.23 -3.47
CA TYR A 64 4.58 -8.88 -3.96
C TYR A 64 5.50 -8.86 -5.18
N ASP A 65 5.08 -8.11 -6.20
CA ASP A 65 5.86 -8.01 -7.42
C ASP A 65 6.29 -6.55 -7.62
N ASP A 66 7.58 -6.32 -7.41
CA ASP A 66 8.13 -4.99 -7.57
C ASP A 66 7.99 -4.54 -9.02
N ALA A 67 7.81 -5.52 -9.90
CA ALA A 67 7.66 -5.25 -11.31
C ALA A 67 6.41 -4.38 -11.52
N THR A 68 5.45 -4.56 -10.63
CA THR A 68 4.21 -3.80 -10.71
C THR A 68 3.83 -3.25 -9.33
N LYS A 69 4.78 -3.34 -8.41
CA LYS A 69 4.57 -2.87 -7.05
C LYS A 69 3.15 -3.22 -6.62
N THR A 70 2.86 -4.51 -6.67
CA THR A 70 1.54 -4.99 -6.27
C THR A 70 1.68 -6.16 -5.29
N PHE A 71 0.83 -6.14 -4.27
CA PHE A 71 0.84 -7.18 -3.26
C PHE A 71 -0.51 -7.90 -3.20
N THR A 72 -0.43 -9.21 -3.01
CA THR A 72 -1.64 -10.02 -2.94
C THR A 72 -1.56 -10.96 -1.74
N VAL A 73 -2.66 -11.03 -1.00
CA VAL A 73 -2.74 -11.89 0.17
C VAL A 73 -3.75 -13.01 -0.09
N THR A 74 -3.25 -14.24 -0.06
CA THR A 74 -4.10 -15.39 -0.28
C THR A 74 -4.31 -16.16 1.02
N GLU A 75 -5.58 -16.24 1.42
CA GLU A 75 -5.93 -16.94 2.64
C GLU A 75 -6.21 -18.41 2.35
LA LA B . 2.16 20.04 1.94
N CYS A 1 1.57 10.32 -8.12
CA CYS A 1 0.73 10.64 -6.97
C CYS A 1 1.63 11.10 -5.83
N TYR A 2 1.89 12.41 -5.81
CA TYR A 2 2.73 12.99 -4.79
C TYR A 2 2.12 12.79 -3.40
N VAL A 3 2.98 12.80 -2.40
CA VAL A 3 2.54 12.63 -1.02
C VAL A 3 3.11 13.76 -0.16
N ASP A 4 2.26 14.27 0.68
CA ASP A 4 2.70 15.39 1.58
C ASP A 4 3.10 14.82 2.95
N THR A 5 4.10 15.41 3.59
CA THR A 5 4.55 14.92 4.88
C THR A 5 4.08 15.86 6.00
N ASN A 6 3.13 16.73 5.64
CA ASN A 6 2.59 17.69 6.58
C ASN A 6 1.13 17.33 6.88
N ASN A 7 0.56 16.53 6.00
CA ASN A 7 -0.82 16.10 6.15
C ASN A 7 -1.74 17.30 5.91
N ASP A 8 -1.23 18.26 5.17
CA ASP A 8 -2.00 19.46 4.87
C ASP A 8 -2.76 19.25 3.56
N GLY A 9 -2.25 18.34 2.74
CA GLY A 9 -2.87 18.03 1.47
C GLY A 9 -2.31 18.92 0.35
N ALA A 10 -1.03 19.21 0.47
CA ALA A 10 -0.36 20.05 -0.51
C ALA A 10 1.08 19.56 -0.71
N TYR A 11 1.53 19.59 -1.95
CA TYR A 11 2.87 19.16 -2.27
C TYR A 11 3.80 20.35 -2.46
N GLU A 12 4.80 20.42 -1.60
CA GLU A 12 5.77 21.51 -1.66
C GLU A 12 7.04 21.13 -0.90
N GLY A 13 8.12 21.01 -1.64
CA GLY A 13 9.41 20.65 -1.06
C GLY A 13 9.80 19.22 -1.43
N ASP A 14 9.97 18.40 -0.40
CA ASP A 14 10.34 17.02 -0.61
C ASP A 14 9.12 16.22 -1.04
N GLU A 15 7.95 16.80 -0.81
CA GLU A 15 6.70 16.16 -1.18
C GLU A 15 6.56 16.09 -2.70
N LEU A 16 7.50 16.75 -3.38
CA LEU A 16 7.49 16.76 -4.83
C LEU A 16 8.72 16.03 -5.35
N SER A 17 9.19 15.09 -4.55
CA SER A 17 10.35 14.31 -4.91
C SER A 17 9.93 13.07 -5.72
N GLY A 18 8.67 12.69 -5.53
CA GLY A 18 8.13 11.54 -6.22
C GLY A 18 7.75 10.44 -5.23
N THR A 19 6.55 9.91 -5.41
CA THR A 19 6.05 8.86 -4.54
C THR A 19 5.81 7.58 -5.34
N MET A 20 5.58 6.50 -4.62
CA MET A 20 5.34 5.21 -5.25
C MET A 20 3.95 4.68 -4.90
N GLU A 21 3.20 4.35 -5.94
CA GLU A 21 1.86 3.83 -5.77
C GLU A 21 1.85 2.31 -5.87
N TYR A 22 1.31 1.68 -4.83
CA TYR A 22 1.25 0.23 -4.78
C TYR A 22 -0.21 -0.25 -4.74
N LYS A 23 -0.43 -1.42 -5.32
CA LYS A 23 -1.77 -1.99 -5.35
C LYS A 23 -1.86 -3.10 -4.30
N LEU A 24 -2.72 -2.86 -3.31
CA LEU A 24 -2.92 -3.82 -2.25
C LEU A 24 -4.12 -4.71 -2.58
N ILE A 25 -3.84 -5.98 -2.80
CA ILE A 25 -4.88 -6.94 -3.12
C ILE A 25 -5.02 -7.95 -1.98
N LEU A 26 -6.23 -8.07 -1.47
CA LEU A 26 -6.52 -8.99 -0.39
C LEU A 26 -7.43 -10.11 -0.89
N ASN A 27 -6.87 -11.30 -0.97
CA ASN A 27 -7.64 -12.45 -1.43
C ASN A 27 -8.02 -13.32 -0.23
N GLY A 28 -9.25 -13.17 0.20
CA GLY A 28 -9.77 -13.92 1.34
C GLY A 28 -11.15 -14.49 1.04
N LYS A 29 -11.49 -15.54 1.77
CA LYS A 29 -12.78 -16.18 1.61
C LYS A 29 -13.87 -15.30 2.23
N THR A 30 -13.52 -14.66 3.33
CA THR A 30 -14.44 -13.79 4.02
C THR A 30 -14.14 -12.32 3.71
N LEU A 31 -12.89 -12.09 3.34
CA LEU A 31 -12.45 -10.74 3.01
C LEU A 31 -11.71 -10.75 1.67
N LYS A 32 -12.41 -10.28 0.64
CA LYS A 32 -11.84 -10.24 -0.69
C LYS A 32 -12.12 -8.88 -1.32
N GLY A 33 -11.05 -8.22 -1.73
CA GLY A 33 -11.18 -6.90 -2.35
C GLY A 33 -9.83 -6.41 -2.87
N GLU A 34 -9.81 -5.16 -3.31
CA GLU A 34 -8.59 -4.56 -3.82
C GLU A 34 -8.47 -3.10 -3.36
N THR A 35 -7.29 -2.54 -3.58
CA THR A 35 -7.04 -1.17 -3.19
C THR A 35 -5.61 -0.77 -3.56
N THR A 36 -5.32 0.51 -3.36
CA THR A 36 -4.00 1.04 -3.66
C THR A 36 -3.62 2.13 -2.67
N THR A 37 -2.31 2.34 -2.52
CA THR A 37 -1.81 3.35 -1.61
C THR A 37 -0.53 3.97 -2.17
N CYS A 38 -0.29 5.22 -1.79
CA CYS A 38 0.89 5.93 -2.24
C CYS A 38 1.81 6.15 -1.04
N ALA A 39 3.08 5.88 -1.25
CA ALA A 39 4.06 6.04 -0.19
C ALA A 39 5.41 6.45 -0.81
N VAL A 40 6.12 7.30 -0.07
CA VAL A 40 7.41 7.77 -0.53
C VAL A 40 8.41 6.61 -0.53
N ASP A 41 8.16 5.66 0.36
CA ASP A 41 9.02 4.50 0.48
C ASP A 41 8.16 3.25 0.62
N ALA A 42 8.64 2.16 0.02
CA ALA A 42 7.92 0.90 0.08
C ALA A 42 7.72 0.50 1.55
N ALA A 43 8.55 1.08 2.40
CA ALA A 43 8.48 0.80 3.82
C ALA A 43 7.17 1.34 4.38
N THR A 44 6.86 2.57 4.00
CA THR A 44 5.64 3.22 4.46
C THR A 44 4.41 2.49 3.91
N ALA A 45 4.50 2.14 2.63
CA ALA A 45 3.41 1.44 1.97
C ALA A 45 3.24 0.05 2.61
N GLU A 46 4.37 -0.54 2.95
CA GLU A 46 4.36 -1.86 3.56
C GLU A 46 3.56 -1.83 4.86
N LYS A 47 3.79 -0.80 5.65
CA LYS A 47 3.10 -0.64 6.91
C LYS A 47 1.59 -0.60 6.66
N VAL A 48 1.20 0.27 5.75
CA VAL A 48 -0.20 0.42 5.39
C VAL A 48 -0.75 -0.92 4.88
N PHE A 49 0.10 -1.60 4.11
CA PHE A 49 -0.29 -2.88 3.56
C PHE A 49 -0.51 -3.92 4.66
N LYS A 50 0.37 -3.88 5.65
CA LYS A 50 0.28 -4.80 6.76
C LYS A 50 -0.91 -4.43 7.64
N GLN A 51 -1.16 -3.13 7.71
CA GLN A 51 -2.27 -2.63 8.51
C GLN A 51 -3.61 -2.96 7.84
N TYR A 52 -3.58 -3.00 6.51
CA TYR A 52 -4.76 -3.31 5.75
C TYR A 52 -5.15 -4.78 5.89
N ALA A 53 -4.17 -5.64 5.63
CA ALA A 53 -4.39 -7.07 5.72
C ALA A 53 -4.82 -7.42 7.15
N ASN A 54 -4.26 -6.69 8.10
CA ASN A 54 -4.57 -6.91 9.50
C ASN A 54 -6.02 -6.49 9.77
N ASP A 55 -6.40 -5.39 9.13
CA ASP A 55 -7.74 -4.86 9.30
C ASP A 55 -8.76 -5.87 8.76
N ASN A 56 -8.27 -6.75 7.89
CA ASN A 56 -9.11 -7.76 7.30
C ASN A 56 -9.05 -9.03 8.15
N GLY A 57 -8.01 -9.11 8.97
CA GLY A 57 -7.81 -10.26 9.84
C GLY A 57 -7.49 -11.50 9.03
N VAL A 58 -6.99 -11.28 7.82
CA VAL A 58 -6.63 -12.38 6.94
C VAL A 58 -5.11 -12.45 6.81
N ASP A 59 -4.59 -13.66 6.96
CA ASP A 59 -3.15 -13.88 6.86
C ASP A 59 -2.89 -15.24 6.21
N GLY A 60 -1.98 -15.23 5.25
CA GLY A 60 -1.63 -16.45 4.55
C GLY A 60 -0.32 -16.28 3.77
N GLU A 61 -0.43 -16.36 2.45
CA GLU A 61 0.73 -16.21 1.59
C GLU A 61 0.81 -14.78 1.05
N TRP A 62 1.84 -14.07 1.49
CA TRP A 62 2.05 -12.70 1.06
C TRP A 62 3.03 -12.71 -0.12
N THR A 63 2.59 -12.12 -1.22
CA THR A 63 3.41 -12.05 -2.41
C THR A 63 3.34 -10.65 -3.03
N TYR A 64 4.51 -10.14 -3.37
CA TYR A 64 4.60 -8.82 -3.96
C TYR A 64 5.49 -8.83 -5.21
N ASP A 65 5.05 -8.10 -6.22
CA ASP A 65 5.78 -8.03 -7.48
C ASP A 65 6.25 -6.59 -7.71
N ASP A 66 7.54 -6.39 -7.57
CA ASP A 66 8.11 -5.07 -7.76
C ASP A 66 7.92 -4.63 -9.21
N ALA A 67 7.69 -5.61 -10.06
CA ALA A 67 7.46 -5.35 -11.47
C ALA A 67 6.24 -4.45 -11.64
N THR A 68 5.33 -4.58 -10.69
CA THR A 68 4.11 -3.78 -10.72
C THR A 68 3.80 -3.23 -9.33
N LYS A 69 4.77 -3.35 -8.45
CA LYS A 69 4.62 -2.88 -7.08
C LYS A 69 3.20 -3.20 -6.59
N THR A 70 2.88 -4.48 -6.62
CA THR A 70 1.57 -4.93 -6.17
C THR A 70 1.71 -6.11 -5.21
N PHE A 71 0.91 -6.07 -4.16
CA PHE A 71 0.94 -7.12 -3.15
C PHE A 71 -0.40 -7.88 -3.11
N THR A 72 -0.30 -9.18 -2.94
CA THR A 72 -1.49 -10.01 -2.88
C THR A 72 -1.43 -10.95 -1.66
N VAL A 73 -2.54 -11.00 -0.94
CA VAL A 73 -2.62 -11.83 0.24
C VAL A 73 -3.58 -13.00 -0.04
N THR A 74 -3.04 -14.20 0.04
CA THR A 74 -3.83 -15.40 -0.19
C THR A 74 -4.05 -16.16 1.12
N GLU A 75 -5.32 -16.33 1.47
CA GLU A 75 -5.67 -17.04 2.69
C GLU A 75 -5.67 -18.55 2.44
LA LA B . 2.69 19.66 2.35
N CYS A 1 4.40 9.02 -8.05
CA CYS A 1 3.28 9.59 -7.33
C CYS A 1 3.82 10.49 -6.21
N TYR A 2 2.98 11.42 -5.79
CA TYR A 2 3.37 12.35 -4.73
C TYR A 2 2.67 12.01 -3.42
N VAL A 3 3.32 12.37 -2.32
CA VAL A 3 2.76 12.11 -1.00
C VAL A 3 2.87 13.39 -0.16
N ASP A 4 1.75 13.76 0.40
CA ASP A 4 1.71 14.98 1.25
C ASP A 4 2.09 14.63 2.69
N THR A 5 2.92 15.45 3.33
CA THR A 5 3.33 15.17 4.69
C THR A 5 2.61 16.12 5.67
N ASN A 6 1.52 16.69 5.18
CA ASN A 6 0.73 17.60 5.99
C ASN A 6 -0.64 16.97 6.28
N ASN A 7 -0.94 15.92 5.53
CA ASN A 7 -2.20 15.23 5.69
C ASN A 7 -3.34 16.13 5.22
N ASP A 8 -3.00 17.04 4.31
CA ASP A 8 -3.98 17.96 3.78
C ASP A 8 -4.52 17.42 2.45
N GLY A 9 -3.70 16.61 1.80
CA GLY A 9 -4.07 16.03 0.52
C GLY A 9 -3.63 16.91 -0.64
N ALA A 10 -2.44 17.48 -0.49
CA ALA A 10 -1.90 18.35 -1.52
C ALA A 10 -0.38 18.16 -1.58
N TYR A 11 0.15 18.29 -2.79
CA TYR A 11 1.58 18.14 -3.00
C TYR A 11 2.24 19.50 -3.27
N GLU A 12 3.08 19.91 -2.34
CA GLU A 12 3.79 21.17 -2.46
C GLU A 12 5.00 21.19 -1.54
N GLY A 13 6.17 21.26 -2.16
CA GLY A 13 7.41 21.29 -1.41
C GLY A 13 8.16 19.95 -1.53
N ASP A 14 8.33 19.30 -0.40
CA ASP A 14 9.02 18.02 -0.36
C ASP A 14 8.08 16.92 -0.84
N GLU A 15 6.79 17.25 -0.85
CA GLU A 15 5.78 16.31 -1.29
C GLU A 15 5.84 16.13 -2.81
N LEU A 16 6.70 16.92 -3.42
CA LEU A 16 6.86 16.86 -4.87
C LEU A 16 8.28 16.39 -5.21
N SER A 17 8.85 15.63 -4.28
CA SER A 17 10.19 15.10 -4.47
C SER A 17 10.13 13.75 -5.19
N GLY A 18 8.98 13.12 -5.11
CA GLY A 18 8.78 11.83 -5.75
C GLY A 18 8.44 10.75 -4.72
N THR A 19 7.38 10.02 -5.01
CA THR A 19 6.93 8.95 -4.13
C THR A 19 6.66 7.68 -4.92
N MET A 20 6.33 6.63 -4.18
CA MET A 20 6.03 5.35 -4.81
C MET A 20 4.61 4.88 -4.48
N GLU A 21 3.90 4.52 -5.54
CA GLU A 21 2.52 4.07 -5.38
C GLU A 21 2.45 2.54 -5.54
N TYR A 22 1.90 1.90 -4.53
CA TYR A 22 1.75 0.46 -4.54
C TYR A 22 0.28 0.05 -4.52
N LYS A 23 0.01 -1.10 -5.14
CA LYS A 23 -1.34 -1.62 -5.20
C LYS A 23 -1.51 -2.75 -4.19
N LEU A 24 -2.36 -2.51 -3.21
CA LEU A 24 -2.61 -3.51 -2.17
C LEU A 24 -3.89 -4.27 -2.51
N ILE A 25 -3.72 -5.58 -2.73
CA ILE A 25 -4.85 -6.42 -3.06
C ILE A 25 -5.04 -7.47 -1.96
N LEU A 26 -6.23 -7.46 -1.37
CA LEU A 26 -6.54 -8.39 -0.30
C LEU A 26 -7.56 -9.40 -0.80
N ASN A 27 -7.11 -10.64 -0.96
CA ASN A 27 -7.97 -11.71 -1.43
C ASN A 27 -8.36 -12.60 -0.26
N GLY A 28 -9.56 -12.39 0.24
CA GLY A 28 -10.07 -13.17 1.36
C GLY A 28 -11.52 -13.60 1.12
N LYS A 29 -11.89 -14.67 1.81
CA LYS A 29 -13.24 -15.19 1.69
C LYS A 29 -14.23 -14.23 2.35
N THR A 30 -13.78 -13.63 3.44
CA THR A 30 -14.61 -12.69 4.16
C THR A 30 -14.19 -11.25 3.85
N LEU A 31 -12.94 -11.12 3.43
CA LEU A 31 -12.41 -9.81 3.09
C LEU A 31 -11.72 -9.89 1.72
N LYS A 32 -12.41 -9.34 0.72
CA LYS A 32 -11.87 -9.34 -0.63
C LYS A 32 -12.05 -7.94 -1.24
N GLY A 33 -10.93 -7.38 -1.67
CA GLY A 33 -10.94 -6.05 -2.27
C GLY A 33 -9.53 -5.63 -2.69
N GLU A 34 -9.45 -4.42 -3.24
CA GLU A 34 -8.17 -3.90 -3.68
C GLU A 34 -8.01 -2.43 -3.25
N THR A 35 -6.81 -1.93 -3.40
CA THR A 35 -6.51 -0.55 -3.02
C THR A 35 -5.07 -0.20 -3.39
N THR A 36 -4.71 1.04 -3.09
CA THR A 36 -3.38 1.52 -3.38
C THR A 36 -2.93 2.54 -2.33
N THR A 37 -1.61 2.68 -2.19
CA THR A 37 -1.05 3.60 -1.23
C THR A 37 0.25 4.21 -1.77
N CYS A 38 0.53 5.42 -1.31
CA CYS A 38 1.74 6.10 -1.72
C CYS A 38 2.69 6.19 -0.53
N ALA A 39 3.95 5.87 -0.78
CA ALA A 39 4.96 5.92 0.27
C ALA A 39 6.31 6.31 -0.34
N VAL A 40 7.09 7.01 0.45
CA VAL A 40 8.40 7.45 0.01
C VAL A 40 9.33 6.23 -0.15
N ASP A 41 9.14 5.28 0.76
CA ASP A 41 9.94 4.08 0.74
C ASP A 41 9.02 2.86 0.83
N ALA A 42 9.41 1.80 0.12
CA ALA A 42 8.63 0.58 0.11
C ALA A 42 8.49 0.06 1.54
N ALA A 43 9.39 0.52 2.40
CA ALA A 43 9.38 0.11 3.79
C ALA A 43 8.13 0.67 4.47
N THR A 44 7.80 1.90 4.12
CA THR A 44 6.64 2.56 4.69
C THR A 44 5.36 1.95 4.13
N ALA A 45 5.36 1.72 2.82
CA ALA A 45 4.22 1.15 2.15
C ALA A 45 4.02 -0.30 2.64
N GLU A 46 5.13 -0.97 2.87
CA GLU A 46 5.09 -2.35 3.33
C GLU A 46 4.38 -2.42 4.68
N LYS A 47 4.82 -1.60 5.60
CA LYS A 47 4.24 -1.57 6.94
C LYS A 47 2.75 -1.20 6.82
N VAL A 48 2.44 -0.44 5.77
CA VAL A 48 1.08 -0.01 5.55
C VAL A 48 0.25 -1.19 5.02
N PHE A 49 0.89 -1.96 4.14
CA PHE A 49 0.23 -3.12 3.56
C PHE A 49 0.01 -4.21 4.61
N LYS A 50 1.02 -4.40 5.45
CA LYS A 50 0.95 -5.40 6.50
C LYS A 50 -0.13 -5.00 7.51
N GLN A 51 -0.24 -3.71 7.72
CA GLN A 51 -1.23 -3.18 8.65
C GLN A 51 -2.63 -3.28 8.05
N TYR A 52 -2.67 -3.24 6.73
CA TYR A 52 -3.94 -3.32 6.03
C TYR A 52 -4.53 -4.73 6.12
N ALA A 53 -3.71 -5.71 5.75
CA ALA A 53 -4.13 -7.10 5.79
C ALA A 53 -4.52 -7.46 7.22
N ASN A 54 -3.78 -6.90 8.17
CA ASN A 54 -4.04 -7.16 9.58
C ASN A 54 -5.39 -6.55 9.97
N ASP A 55 -5.64 -5.37 9.46
CA ASP A 55 -6.88 -4.68 9.75
C ASP A 55 -8.06 -5.51 9.22
N ASN A 56 -7.74 -6.37 8.26
CA ASN A 56 -8.76 -7.23 7.68
C ASN A 56 -8.81 -8.55 8.44
N GLY A 57 -7.74 -8.82 9.17
CA GLY A 57 -7.65 -10.04 9.95
C GLY A 57 -7.48 -11.27 9.04
N VAL A 58 -7.02 -11.00 7.83
CA VAL A 58 -6.80 -12.05 6.86
C VAL A 58 -5.30 -12.29 6.70
N ASP A 59 -4.92 -13.56 6.74
CA ASP A 59 -3.53 -13.94 6.59
C ASP A 59 -3.43 -15.26 5.83
N GLY A 60 -2.47 -15.31 4.92
CA GLY A 60 -2.26 -16.50 4.11
C GLY A 60 -0.98 -16.39 3.27
N GLU A 61 -1.17 -16.45 1.97
CA GLU A 61 -0.03 -16.36 1.06
C GLU A 61 0.19 -14.90 0.64
N TRP A 62 1.30 -14.34 1.09
CA TRP A 62 1.64 -12.97 0.76
C TRP A 62 2.58 -12.98 -0.45
N THR A 63 2.18 -12.26 -1.47
CA THR A 63 2.98 -12.17 -2.69
C THR A 63 3.02 -10.73 -3.20
N TYR A 64 4.23 -10.30 -3.53
CA TYR A 64 4.44 -8.96 -4.04
C TYR A 64 5.23 -8.96 -5.34
N ASP A 65 4.80 -8.13 -6.27
CA ASP A 65 5.45 -8.04 -7.56
C ASP A 65 6.03 -6.63 -7.73
N ASP A 66 7.35 -6.56 -7.66
CA ASP A 66 8.04 -5.29 -7.80
C ASP A 66 7.84 -4.76 -9.22
N ALA A 67 7.49 -5.68 -10.12
CA ALA A 67 7.26 -5.31 -11.51
C ALA A 67 6.16 -4.26 -11.58
N THR A 68 5.28 -4.29 -10.59
CA THR A 68 4.18 -3.35 -10.53
C THR A 68 3.91 -2.93 -9.08
N LYS A 69 4.88 -3.22 -8.23
CA LYS A 69 4.76 -2.89 -6.82
C LYS A 69 3.32 -3.13 -6.35
N THR A 70 2.93 -4.40 -6.42
CA THR A 70 1.58 -4.80 -6.02
C THR A 70 1.64 -5.99 -5.08
N PHE A 71 0.82 -5.92 -4.04
CA PHE A 71 0.76 -7.00 -3.06
C PHE A 71 -0.57 -7.75 -3.14
N THR A 72 -0.49 -9.05 -2.97
CA THR A 72 -1.67 -9.89 -3.02
C THR A 72 -1.69 -10.87 -1.84
N VAL A 73 -2.76 -10.80 -1.07
CA VAL A 73 -2.91 -11.67 0.08
C VAL A 73 -4.00 -12.69 -0.19
N THR A 74 -3.61 -13.96 -0.19
CA THR A 74 -4.55 -15.04 -0.43
C THR A 74 -4.77 -15.85 0.84
N GLU A 75 -6.03 -15.86 1.29
CA GLU A 75 -6.39 -16.59 2.49
C GLU A 75 -6.76 -18.03 2.15
LA LA B . 0.74 19.07 1.42
N CYS A 1 2.07 10.73 -8.51
CA CYS A 1 1.14 10.64 -7.39
C CYS A 1 1.88 11.08 -6.12
N TYR A 2 2.09 12.38 -6.02
CA TYR A 2 2.78 12.95 -4.87
C TYR A 2 2.00 12.67 -3.58
N VAL A 3 2.74 12.62 -2.48
CA VAL A 3 2.13 12.37 -1.19
C VAL A 3 2.66 13.39 -0.17
N ASP A 4 1.74 14.05 0.48
CA ASP A 4 2.13 15.06 1.50
C ASP A 4 2.29 14.40 2.87
N THR A 5 3.32 14.77 3.61
CA THR A 5 3.54 14.19 4.93
C THR A 5 3.19 15.19 6.02
N ASN A 6 2.43 16.21 5.64
CA ASN A 6 2.03 17.24 6.58
C ASN A 6 0.52 17.12 6.84
N ASN A 7 -0.18 16.60 5.83
CA ASN A 7 -1.61 16.44 5.94
C ASN A 7 -2.30 17.75 5.57
N ASP A 8 -1.59 18.58 4.82
CA ASP A 8 -2.12 19.85 4.39
C ASP A 8 -2.98 19.66 3.14
N GLY A 9 -2.81 18.50 2.52
CA GLY A 9 -3.56 18.17 1.32
C GLY A 9 -2.93 18.83 0.09
N ALA A 10 -1.65 19.15 0.22
CA ALA A 10 -0.94 19.78 -0.88
C ALA A 10 0.51 19.28 -0.87
N TYR A 11 1.13 19.35 -2.04
CA TYR A 11 2.50 18.91 -2.19
C TYR A 11 3.45 20.11 -2.34
N GLU A 12 4.36 20.22 -1.40
CA GLU A 12 5.34 21.31 -1.41
C GLU A 12 6.58 20.92 -0.62
N GLY A 13 7.71 20.91 -1.32
CA GLY A 13 8.97 20.57 -0.69
C GLY A 13 9.44 19.17 -1.13
N ASP A 14 9.50 18.28 -0.15
CA ASP A 14 9.91 16.92 -0.42
C ASP A 14 8.76 16.14 -1.05
N GLU A 15 7.56 16.70 -0.91
CA GLU A 15 6.37 16.08 -1.46
C GLU A 15 6.35 16.22 -2.98
N LEU A 16 7.35 16.91 -3.49
CA LEU A 16 7.46 17.13 -4.93
C LEU A 16 8.67 16.35 -5.46
N SER A 17 9.09 15.38 -4.68
CA SER A 17 10.23 14.56 -5.06
C SER A 17 9.75 13.34 -5.85
N GLY A 18 8.48 13.00 -5.65
CA GLY A 18 7.90 11.86 -6.34
C GLY A 18 7.65 10.71 -5.37
N THR A 19 6.47 10.12 -5.49
CA THR A 19 6.09 9.01 -4.64
C THR A 19 5.87 7.74 -5.48
N MET A 20 5.44 6.69 -4.79
CA MET A 20 5.19 5.42 -5.46
C MET A 20 3.79 4.89 -5.10
N GLU A 21 3.06 4.50 -6.13
CA GLU A 21 1.72 3.96 -5.93
C GLU A 21 1.74 2.43 -6.04
N TYR A 22 1.24 1.80 -4.98
CA TYR A 22 1.19 0.35 -4.94
C TYR A 22 -0.25 -0.15 -4.88
N LYS A 23 -0.47 -1.33 -5.45
CA LYS A 23 -1.79 -1.93 -5.46
C LYS A 23 -1.85 -3.03 -4.39
N LEU A 24 -2.70 -2.79 -3.40
CA LEU A 24 -2.86 -3.75 -2.33
C LEU A 24 -4.08 -4.65 -2.63
N ILE A 25 -3.79 -5.92 -2.85
CA ILE A 25 -4.83 -6.89 -3.14
C ILE A 25 -4.96 -7.88 -1.98
N LEU A 26 -6.17 -7.99 -1.46
CA LEU A 26 -6.44 -8.88 -0.35
C LEU A 26 -7.38 -9.99 -0.82
N ASN A 27 -6.84 -11.20 -0.90
CA ASN A 27 -7.61 -12.35 -1.32
C ASN A 27 -8.01 -13.17 -0.10
N GLY A 28 -9.25 -12.98 0.33
CA GLY A 28 -9.77 -13.70 1.48
C GLY A 28 -11.16 -14.26 1.20
N LYS A 29 -11.49 -15.33 1.92
CA LYS A 29 -12.78 -15.97 1.75
C LYS A 29 -13.87 -15.08 2.36
N THR A 30 -13.50 -14.45 3.47
CA THR A 30 -14.43 -13.57 4.16
C THR A 30 -14.12 -12.11 3.85
N LEU A 31 -12.87 -11.87 3.47
CA LEU A 31 -12.43 -10.53 3.14
C LEU A 31 -11.69 -10.55 1.81
N LYS A 32 -12.38 -10.07 0.78
CA LYS A 32 -11.81 -10.04 -0.55
C LYS A 32 -12.09 -8.67 -1.19
N GLY A 33 -11.02 -8.01 -1.59
CA GLY A 33 -11.14 -6.69 -2.21
C GLY A 33 -9.79 -6.22 -2.73
N GLU A 34 -9.78 -4.99 -3.23
CA GLU A 34 -8.56 -4.40 -3.77
C GLU A 34 -8.44 -2.95 -3.30
N THR A 35 -7.27 -2.38 -3.54
CA THR A 35 -6.99 -1.01 -3.16
C THR A 35 -5.57 -0.61 -3.56
N THR A 36 -5.27 0.66 -3.35
CA THR A 36 -3.96 1.19 -3.69
C THR A 36 -3.54 2.27 -2.69
N THR A 37 -2.24 2.46 -2.58
CA THR A 37 -1.70 3.46 -1.67
C THR A 37 -0.42 4.07 -2.24
N CYS A 38 -0.17 5.30 -1.86
CA CYS A 38 1.01 6.01 -2.31
C CYS A 38 1.96 6.21 -1.13
N ALA A 39 3.23 5.91 -1.37
CA ALA A 39 4.23 6.05 -0.32
C ALA A 39 5.57 6.45 -0.96
N VAL A 40 6.44 7.01 -0.14
CA VAL A 40 7.74 7.44 -0.61
C VAL A 40 8.66 6.23 -0.73
N ASP A 41 8.54 5.33 0.23
CA ASP A 41 9.34 4.13 0.24
C ASP A 41 8.44 2.91 0.46
N ALA A 42 8.79 1.82 -0.21
CA ALA A 42 8.02 0.59 -0.10
C ALA A 42 7.97 0.16 1.37
N ALA A 43 8.93 0.65 2.13
CA ALA A 43 9.00 0.33 3.55
C ALA A 43 7.81 0.95 4.28
N THR A 44 7.53 2.19 3.92
CA THR A 44 6.42 2.92 4.53
C THR A 44 5.09 2.35 4.04
N ALA A 45 5.03 2.09 2.73
CA ALA A 45 3.83 1.56 2.12
C ALA A 45 3.55 0.17 2.70
N GLU A 46 4.63 -0.56 2.95
CA GLU A 46 4.51 -1.91 3.50
C GLU A 46 3.74 -1.87 4.82
N LYS A 47 3.95 -0.79 5.57
CA LYS A 47 3.29 -0.62 6.85
C LYS A 47 1.78 -0.60 6.63
N VAL A 48 1.36 0.25 5.71
CA VAL A 48 -0.05 0.39 5.40
C VAL A 48 -0.58 -0.94 4.86
N PHE A 49 0.21 -1.54 3.98
CA PHE A 49 -0.15 -2.80 3.38
C PHE A 49 -0.34 -3.89 4.44
N LYS A 50 0.55 -3.87 5.42
CA LYS A 50 0.49 -4.84 6.50
C LYS A 50 -0.68 -4.50 7.43
N GLN A 51 -0.88 -3.21 7.61
CA GLN A 51 -1.96 -2.73 8.46
C GLN A 51 -3.32 -3.01 7.81
N TYR A 52 -3.31 -3.08 6.49
CA TYR A 52 -4.52 -3.34 5.75
C TYR A 52 -4.97 -4.79 5.92
N ALA A 53 -4.04 -5.70 5.66
CA ALA A 53 -4.32 -7.12 5.78
C ALA A 53 -4.74 -7.42 7.22
N ASN A 54 -4.12 -6.71 8.15
CA ASN A 54 -4.42 -6.90 9.56
C ASN A 54 -5.84 -6.43 9.85
N ASP A 55 -6.19 -5.29 9.24
CA ASP A 55 -7.51 -4.73 9.42
C ASP A 55 -8.56 -5.70 8.90
N ASN A 56 -8.11 -6.61 8.03
CA ASN A 56 -8.99 -7.59 7.45
C ASN A 56 -8.96 -8.86 8.30
N GLY A 57 -7.90 -8.97 9.09
CA GLY A 57 -7.72 -10.13 9.96
C GLY A 57 -7.36 -11.36 9.15
N VAL A 58 -7.01 -11.13 7.89
CA VAL A 58 -6.63 -12.22 7.01
C VAL A 58 -5.11 -12.29 6.91
N ASP A 59 -4.59 -13.50 7.05
CA ASP A 59 -3.16 -13.72 6.97
C ASP A 59 -2.88 -15.08 6.30
N GLY A 60 -1.94 -15.06 5.37
CA GLY A 60 -1.58 -16.27 4.65
C GLY A 60 -0.27 -16.08 3.88
N GLU A 61 -0.37 -16.20 2.57
CA GLU A 61 0.80 -16.04 1.71
C GLU A 61 0.87 -14.62 1.17
N TRP A 62 1.94 -13.92 1.55
CA TRP A 62 2.13 -12.55 1.12
C TRP A 62 3.11 -12.57 -0.05
N THR A 63 2.67 -11.98 -1.16
CA THR A 63 3.50 -11.92 -2.36
C THR A 63 3.42 -10.54 -3.00
N TYR A 64 4.58 -10.01 -3.33
CA TYR A 64 4.66 -8.69 -3.95
C TYR A 64 5.51 -8.73 -5.22
N ASP A 65 5.05 -8.01 -6.23
CA ASP A 65 5.76 -7.95 -7.50
C ASP A 65 6.21 -6.51 -7.76
N ASP A 66 7.51 -6.30 -7.63
CA ASP A 66 8.07 -4.98 -7.86
C ASP A 66 7.84 -4.56 -9.31
N ALA A 67 7.60 -5.56 -10.15
CA ALA A 67 7.36 -5.31 -11.56
C ALA A 67 6.15 -4.39 -11.71
N THR A 68 5.25 -4.48 -10.75
CA THR A 68 4.05 -3.66 -10.75
C THR A 68 3.75 -3.12 -9.35
N LYS A 69 4.74 -3.27 -8.49
CA LYS A 69 4.59 -2.80 -7.11
C LYS A 69 3.18 -3.13 -6.61
N THR A 70 2.87 -4.42 -6.63
CA THR A 70 1.56 -4.88 -6.18
C THR A 70 1.71 -6.05 -5.21
N PHE A 71 0.92 -6.01 -4.15
CA PHE A 71 0.95 -7.07 -3.15
C PHE A 71 -0.37 -7.84 -3.13
N THR A 72 -0.25 -9.15 -2.94
CA THR A 72 -1.42 -10.01 -2.89
C THR A 72 -1.36 -10.91 -1.67
N VAL A 73 -2.46 -10.92 -0.91
CA VAL A 73 -2.55 -11.74 0.28
C VAL A 73 -3.53 -12.89 0.03
N THR A 74 -2.99 -14.10 0.12
CA THR A 74 -3.81 -15.28 -0.09
C THR A 74 -4.01 -16.04 1.22
N GLU A 75 -5.28 -16.20 1.59
CA GLU A 75 -5.61 -16.89 2.83
C GLU A 75 -5.64 -18.41 2.59
LA LA B . 2.19 19.36 2.46
N CYS A 1 3.82 9.47 -8.29
CA CYS A 1 2.78 9.93 -7.38
C CYS A 1 3.43 10.75 -6.28
N TYR A 2 2.67 11.73 -5.79
CA TYR A 2 3.17 12.59 -4.74
C TYR A 2 2.50 12.26 -3.40
N VAL A 3 3.23 12.51 -2.32
CA VAL A 3 2.71 12.25 -0.98
C VAL A 3 2.97 13.48 -0.10
N ASP A 4 1.96 13.83 0.64
CA ASP A 4 2.09 15.00 1.56
C ASP A 4 2.48 14.53 2.97
N THR A 5 3.41 15.22 3.61
CA THR A 5 3.84 14.84 4.94
C THR A 5 3.28 15.81 5.98
N ASN A 6 2.26 16.55 5.58
CA ASN A 6 1.62 17.51 6.46
C ASN A 6 0.21 17.02 6.80
N ASN A 7 -0.30 16.13 5.97
CA ASN A 7 -1.63 15.59 6.18
C ASN A 7 -2.67 16.64 5.79
N ASP A 8 -2.32 17.45 4.81
CA ASP A 8 -3.21 18.50 4.34
C ASP A 8 -3.86 18.06 3.03
N GLY A 9 -3.13 17.24 2.29
CA GLY A 9 -3.62 16.75 1.01
C GLY A 9 -3.16 17.66 -0.14
N ALA A 10 -1.93 18.14 -0.01
CA ALA A 10 -1.37 19.01 -1.02
C ALA A 10 0.12 18.73 -1.16
N TYR A 11 0.60 18.82 -2.39
CA TYR A 11 2.01 18.58 -2.67
C TYR A 11 2.77 19.89 -2.85
N GLU A 12 3.67 20.15 -1.92
CA GLU A 12 4.47 21.37 -1.98
C GLU A 12 5.74 21.21 -1.14
N GLY A 13 6.88 21.24 -1.83
CA GLY A 13 8.16 21.09 -1.17
C GLY A 13 8.78 19.73 -1.47
N ASP A 14 8.98 18.97 -0.40
CA ASP A 14 9.57 17.64 -0.54
C ASP A 14 8.50 16.67 -1.03
N GLU A 15 7.26 17.09 -0.89
CA GLU A 15 6.14 16.26 -1.32
C GLU A 15 6.09 16.18 -2.85
N LEU A 16 6.95 16.96 -3.48
CA LEU A 16 7.02 16.98 -4.93
C LEU A 16 8.35 16.37 -5.38
N SER A 17 8.90 15.52 -4.52
CA SER A 17 10.16 14.87 -4.81
C SER A 17 9.92 13.57 -5.58
N GLY A 18 8.71 13.05 -5.42
CA GLY A 18 8.35 11.81 -6.09
C GLY A 18 8.04 10.70 -5.07
N THR A 19 6.96 10.00 -5.32
CA THR A 19 6.54 8.92 -4.44
C THR A 19 6.26 7.65 -5.24
N MET A 20 6.01 6.57 -4.51
CA MET A 20 5.73 5.29 -5.15
C MET A 20 4.33 4.81 -4.79
N GLU A 21 3.59 4.41 -5.81
CA GLU A 21 2.23 3.93 -5.61
C GLU A 21 2.19 2.40 -5.74
N TYR A 22 1.68 1.76 -4.71
CA TYR A 22 1.58 0.31 -4.69
C TYR A 22 0.11 -0.14 -4.67
N LYS A 23 -0.13 -1.30 -5.26
CA LYS A 23 -1.48 -1.84 -5.32
C LYS A 23 -1.60 -2.96 -4.28
N LEU A 24 -2.46 -2.72 -3.29
CA LEU A 24 -2.68 -3.69 -2.25
C LEU A 24 -3.96 -4.48 -2.54
N ILE A 25 -3.77 -5.77 -2.80
CA ILE A 25 -4.89 -6.64 -3.11
C ILE A 25 -5.04 -7.67 -1.99
N LEU A 26 -6.23 -7.70 -1.41
CA LEU A 26 -6.53 -8.62 -0.34
C LEU A 26 -7.54 -9.66 -0.82
N ASN A 27 -7.06 -10.89 -0.96
CA ASN A 27 -7.91 -11.98 -1.42
C ASN A 27 -8.27 -12.87 -0.23
N GLY A 28 -9.48 -12.67 0.27
CA GLY A 28 -9.96 -13.44 1.40
C GLY A 28 -11.40 -13.91 1.17
N LYS A 29 -11.76 -14.98 1.88
CA LYS A 29 -13.09 -15.54 1.76
C LYS A 29 -14.10 -14.59 2.41
N THR A 30 -13.67 -13.97 3.49
CA THR A 30 -14.52 -13.04 4.21
C THR A 30 -14.13 -11.59 3.88
N LEU A 31 -12.88 -11.43 3.46
CA LEU A 31 -12.38 -10.12 3.11
C LEU A 31 -11.70 -10.19 1.74
N LYS A 32 -12.39 -9.66 0.74
CA LYS A 32 -11.86 -9.66 -0.61
C LYS A 32 -12.05 -8.28 -1.23
N GLY A 33 -10.95 -7.71 -1.67
CA GLY A 33 -10.99 -6.38 -2.28
C GLY A 33 -9.59 -5.94 -2.71
N GLU A 34 -9.53 -4.75 -3.31
CA GLU A 34 -8.27 -4.20 -3.77
C GLU A 34 -8.14 -2.75 -3.32
N THR A 35 -6.93 -2.22 -3.49
CA THR A 35 -6.66 -0.84 -3.11
C THR A 35 -5.22 -0.46 -3.49
N THR A 36 -4.89 0.79 -3.22
CA THR A 36 -3.57 1.30 -3.53
C THR A 36 -3.13 2.34 -2.49
N THR A 37 -1.82 2.50 -2.37
CA THR A 37 -1.28 3.46 -1.42
C THR A 37 0.02 4.06 -1.97
N CYS A 38 0.30 5.27 -1.53
CA CYS A 38 1.49 5.97 -1.97
C CYS A 38 2.45 6.09 -0.77
N ALA A 39 3.70 5.78 -1.02
CA ALA A 39 4.71 5.84 0.01
C ALA A 39 6.06 6.23 -0.61
N VAL A 40 6.78 7.08 0.11
CA VAL A 40 8.08 7.54 -0.37
C VAL A 40 9.06 6.36 -0.34
N ASP A 41 8.78 5.42 0.54
CA ASP A 41 9.64 4.24 0.68
C ASP A 41 8.76 2.99 0.75
N ALA A 42 9.26 1.92 0.14
CA ALA A 42 8.53 0.66 0.13
C ALA A 42 8.29 0.21 1.57
N ALA A 43 9.09 0.75 2.48
CA ALA A 43 8.96 0.42 3.89
C ALA A 43 7.63 0.95 4.42
N THR A 44 7.29 2.15 3.97
CA THR A 44 6.06 2.78 4.39
C THR A 44 4.85 2.09 3.74
N ALA A 45 4.99 1.81 2.45
CA ALA A 45 3.93 1.16 1.71
C ALA A 45 3.73 -0.26 2.26
N GLU A 46 4.85 -0.88 2.60
CA GLU A 46 4.81 -2.23 3.14
C GLU A 46 4.15 -2.25 4.51
N LYS A 47 4.59 -1.34 5.36
CA LYS A 47 4.04 -1.23 6.71
C LYS A 47 2.54 -0.98 6.63
N VAL A 48 2.16 -0.25 5.60
CA VAL A 48 0.76 0.08 5.39
C VAL A 48 0.02 -1.16 4.87
N PHE A 49 0.70 -1.87 3.98
CA PHE A 49 0.12 -3.08 3.41
C PHE A 49 -0.08 -4.16 4.48
N LYS A 50 0.88 -4.22 5.39
CA LYS A 50 0.82 -5.20 6.46
C LYS A 50 -0.28 -4.80 7.45
N GLN A 51 -0.45 -3.49 7.61
CA GLN A 51 -1.46 -2.98 8.52
C GLN A 51 -2.85 -3.16 7.92
N TYR A 52 -2.90 -3.14 6.59
CA TYR A 52 -4.16 -3.31 5.89
C TYR A 52 -4.67 -4.74 5.99
N ALA A 53 -3.80 -5.68 5.65
CA ALA A 53 -4.15 -7.09 5.71
C ALA A 53 -4.48 -7.46 7.15
N ASN A 54 -3.77 -6.85 8.07
CA ASN A 54 -3.98 -7.11 9.48
C ASN A 54 -5.34 -6.54 9.91
N ASP A 55 -5.69 -5.43 9.30
CA ASP A 55 -6.95 -4.77 9.61
C ASP A 55 -8.10 -5.66 9.11
N ASN A 56 -7.78 -6.54 8.17
CA ASN A 56 -8.76 -7.44 7.61
C ASN A 56 -8.76 -8.75 8.41
N GLY A 57 -7.67 -8.96 9.13
CA GLY A 57 -7.52 -10.16 9.93
C GLY A 57 -7.30 -11.39 9.05
N VAL A 58 -6.92 -11.12 7.81
CA VAL A 58 -6.67 -12.20 6.86
C VAL A 58 -5.16 -12.38 6.68
N ASP A 59 -4.75 -13.64 6.75
CA ASP A 59 -3.33 -13.96 6.60
C ASP A 59 -3.20 -15.29 5.86
N GLY A 60 -2.24 -15.34 4.94
CA GLY A 60 -2.00 -16.53 4.17
C GLY A 60 -0.71 -16.40 3.33
N GLU A 61 -0.89 -16.48 2.02
CA GLU A 61 0.24 -16.36 1.11
C GLU A 61 0.41 -14.91 0.65
N TRP A 62 1.51 -14.31 1.08
CA TRP A 62 1.80 -12.93 0.72
C TRP A 62 2.74 -12.95 -0.49
N THR A 63 2.31 -12.27 -1.54
CA THR A 63 3.10 -12.19 -2.75
C THR A 63 3.15 -10.75 -3.27
N TYR A 64 4.35 -10.33 -3.62
CA TYR A 64 4.55 -8.97 -4.12
C TYR A 64 5.44 -8.98 -5.38
N ASP A 65 5.02 -8.21 -6.36
CA ASP A 65 5.76 -8.12 -7.61
C ASP A 65 6.26 -6.68 -7.79
N ASP A 66 7.57 -6.51 -7.64
CA ASP A 66 8.17 -5.21 -7.78
C ASP A 66 7.96 -4.71 -9.21
N ALA A 67 7.69 -5.65 -10.10
CA ALA A 67 7.45 -5.32 -11.50
C ALA A 67 6.28 -4.34 -11.60
N THR A 68 5.40 -4.42 -10.62
CA THR A 68 4.24 -3.55 -10.59
C THR A 68 3.94 -3.10 -9.15
N LYS A 69 4.92 -3.32 -8.29
CA LYS A 69 4.78 -2.96 -6.89
C LYS A 69 3.36 -3.26 -6.42
N THR A 70 2.96 -4.50 -6.63
CA THR A 70 1.63 -4.94 -6.24
C THR A 70 1.72 -6.15 -5.31
N PHE A 71 0.93 -6.10 -4.24
CA PHE A 71 0.91 -7.18 -3.27
C PHE A 71 -0.47 -7.86 -3.24
N THR A 72 -0.43 -9.18 -3.10
CA THR A 72 -1.66 -9.96 -3.05
C THR A 72 -1.62 -10.93 -1.87
N VAL A 73 -2.70 -10.91 -1.10
CA VAL A 73 -2.81 -11.77 0.06
C VAL A 73 -3.86 -12.85 -0.21
N THR A 74 -3.41 -14.09 -0.18
CA THR A 74 -4.31 -15.21 -0.43
C THR A 74 -4.51 -16.01 0.86
N GLU A 75 -5.78 -16.06 1.28
CA GLU A 75 -6.13 -16.78 2.49
C GLU A 75 -6.40 -18.25 2.18
LA LA B . 1.54 19.17 1.94
N CYS A 1 1.91 10.36 -8.31
CA CYS A 1 1.03 10.49 -7.16
C CYS A 1 1.87 10.92 -5.96
N TYR A 2 2.14 12.21 -5.89
CA TYR A 2 2.92 12.77 -4.80
C TYR A 2 2.23 12.54 -3.46
N VAL A 3 3.01 12.67 -2.39
CA VAL A 3 2.49 12.49 -1.05
C VAL A 3 2.94 13.65 -0.17
N ASP A 4 2.01 14.16 0.60
CA ASP A 4 2.32 15.29 1.51
C ASP A 4 2.66 14.75 2.91
N THR A 5 3.59 15.40 3.60
CA THR A 5 3.96 14.95 4.94
C THR A 5 3.40 15.89 6.00
N ASN A 6 2.45 16.73 5.56
CA ASN A 6 1.83 17.68 6.46
C ASN A 6 0.37 17.28 6.68
N ASN A 7 -0.14 16.47 5.76
CA ASN A 7 -1.51 16.01 5.85
C ASN A 7 -2.46 17.16 5.51
N ASP A 8 -1.98 18.05 4.67
CA ASP A 8 -2.77 19.21 4.26
C ASP A 8 -3.39 18.94 2.89
N GLY A 9 -2.74 18.04 2.15
CA GLY A 9 -3.22 17.69 0.82
C GLY A 9 -2.61 18.60 -0.24
N ALA A 10 -1.34 18.93 -0.03
CA ALA A 10 -0.62 19.78 -0.96
C ALA A 10 0.83 19.34 -1.04
N TYR A 11 1.35 19.36 -2.25
CA TYR A 11 2.74 18.96 -2.48
C TYR A 11 3.65 20.18 -2.61
N GLU A 12 4.56 20.30 -1.66
CA GLU A 12 5.49 21.42 -1.66
C GLU A 12 6.70 21.10 -0.78
N GLY A 13 7.85 21.00 -1.42
CA GLY A 13 9.08 20.70 -0.72
C GLY A 13 9.55 19.28 -1.02
N ASP A 14 9.64 18.49 0.05
CA ASP A 14 10.07 17.11 -0.09
C ASP A 14 8.92 16.25 -0.61
N GLU A 15 7.72 16.82 -0.51
CA GLU A 15 6.52 16.14 -0.98
C GLU A 15 6.51 16.06 -2.51
N LEU A 16 7.49 16.73 -3.10
CA LEU A 16 7.60 16.74 -4.55
C LEU A 16 8.88 16.02 -4.97
N SER A 17 9.28 15.06 -4.14
CA SER A 17 10.48 14.28 -4.40
C SER A 17 10.13 13.06 -5.25
N GLY A 18 8.86 12.68 -5.18
CA GLY A 18 8.39 11.53 -5.93
C GLY A 18 7.97 10.40 -4.99
N THR A 19 6.77 9.90 -5.23
CA THR A 19 6.23 8.81 -4.41
C THR A 19 5.96 7.58 -5.27
N MET A 20 5.71 6.47 -4.59
CA MET A 20 5.44 5.22 -5.28
C MET A 20 4.05 4.69 -4.92
N GLU A 21 3.29 4.36 -5.96
CA GLU A 21 1.94 3.84 -5.78
C GLU A 21 1.94 2.32 -5.89
N TYR A 22 1.43 1.68 -4.84
CA TYR A 22 1.37 0.23 -4.82
C TYR A 22 -0.09 -0.25 -4.80
N LYS A 23 -0.30 -1.42 -5.38
CA LYS A 23 -1.63 -2.01 -5.44
C LYS A 23 -1.74 -3.10 -4.38
N LEU A 24 -2.62 -2.86 -3.41
CA LEU A 24 -2.84 -3.81 -2.34
C LEU A 24 -4.09 -4.65 -2.65
N ILE A 25 -3.87 -5.94 -2.85
CA ILE A 25 -4.95 -6.85 -3.16
C ILE A 25 -5.10 -7.87 -2.02
N LEU A 26 -6.29 -7.90 -1.44
CA LEU A 26 -6.56 -8.82 -0.35
C LEU A 26 -7.53 -9.90 -0.83
N ASN A 27 -7.00 -11.11 -0.93
CA ASN A 27 -7.79 -12.23 -1.39
C ASN A 27 -8.14 -13.12 -0.19
N GLY A 28 -9.36 -12.95 0.30
CA GLY A 28 -9.83 -13.73 1.44
C GLY A 28 -11.23 -14.26 1.20
N LYS A 29 -11.59 -15.27 1.98
CA LYS A 29 -12.90 -15.89 1.87
C LYS A 29 -13.95 -14.95 2.47
N THR A 30 -13.55 -14.28 3.54
CA THR A 30 -14.45 -13.36 4.22
C THR A 30 -14.10 -11.91 3.85
N LEU A 31 -12.86 -11.73 3.44
CA LEU A 31 -12.39 -10.41 3.06
C LEU A 31 -11.69 -10.49 1.70
N LYS A 32 -12.38 -10.02 0.68
CA LYS A 32 -11.84 -10.03 -0.68
C LYS A 32 -12.07 -8.67 -1.33
N GLY A 33 -10.98 -8.07 -1.77
CA GLY A 33 -11.05 -6.77 -2.42
C GLY A 33 -9.67 -6.31 -2.87
N GLU A 34 -9.64 -5.10 -3.42
CA GLU A 34 -8.39 -4.53 -3.89
C GLU A 34 -8.30 -3.05 -3.50
N THR A 35 -7.12 -2.49 -3.68
CA THR A 35 -6.89 -1.09 -3.36
C THR A 35 -5.45 -0.68 -3.71
N THR A 36 -5.15 0.58 -3.47
CA THR A 36 -3.83 1.09 -3.75
C THR A 36 -3.44 2.16 -2.73
N THR A 37 -2.14 2.36 -2.59
CA THR A 37 -1.63 3.34 -1.65
C THR A 37 -0.34 3.97 -2.17
N CYS A 38 -0.10 5.20 -1.76
CA CYS A 38 1.09 5.93 -2.19
C CYS A 38 2.00 6.10 -0.98
N ALA A 39 3.28 5.82 -1.20
CA ALA A 39 4.27 5.95 -0.14
C ALA A 39 5.61 6.38 -0.75
N VAL A 40 6.34 7.17 0.02
CA VAL A 40 7.63 7.67 -0.42
C VAL A 40 8.61 6.50 -0.50
N ASP A 41 8.44 5.56 0.42
CA ASP A 41 9.31 4.38 0.46
C ASP A 41 8.46 3.14 0.66
N ALA A 42 8.88 2.06 0.01
CA ALA A 42 8.17 0.80 0.11
C ALA A 42 8.09 0.37 1.56
N ALA A 43 9.03 0.88 2.36
CA ALA A 43 9.07 0.56 3.77
C ALA A 43 7.85 1.15 4.47
N THR A 44 7.52 2.37 4.08
CA THR A 44 6.37 3.05 4.66
C THR A 44 5.07 2.45 4.14
N ALA A 45 5.06 2.17 2.85
CA ALA A 45 3.88 1.58 2.22
C ALA A 45 3.65 0.18 2.78
N GLU A 46 4.75 -0.51 3.06
CA GLU A 46 4.68 -1.85 3.61
C GLU A 46 3.89 -1.84 4.92
N LYS A 47 4.05 -0.77 5.66
CA LYS A 47 3.37 -0.62 6.94
C LYS A 47 1.87 -0.51 6.69
N VAL A 48 1.53 0.23 5.64
CA VAL A 48 0.13 0.43 5.29
C VAL A 48 -0.46 -0.89 4.77
N PHE A 49 0.36 -1.58 3.98
CA PHE A 49 -0.05 -2.85 3.41
C PHE A 49 -0.24 -3.92 4.50
N LYS A 50 0.69 -3.90 5.45
CA LYS A 50 0.64 -4.87 6.55
C LYS A 50 -0.50 -4.49 7.49
N GLN A 51 -0.73 -3.19 7.61
CA GLN A 51 -1.79 -2.69 8.46
C GLN A 51 -3.16 -3.00 7.87
N TYR A 52 -3.19 -3.04 6.55
CA TYR A 52 -4.42 -3.32 5.83
C TYR A 52 -4.83 -4.78 6.01
N ALA A 53 -3.89 -5.67 5.71
CA ALA A 53 -4.14 -7.10 5.84
C ALA A 53 -4.52 -7.42 7.28
N ASN A 54 -3.91 -6.69 8.20
CA ASN A 54 -4.17 -6.90 9.62
C ASN A 54 -5.58 -6.42 9.94
N ASP A 55 -5.96 -5.31 9.31
CA ASP A 55 -7.29 -4.75 9.52
C ASP A 55 -8.34 -5.73 9.00
N ASN A 56 -7.91 -6.61 8.11
CA ASN A 56 -8.80 -7.59 7.53
C ASN A 56 -8.73 -8.88 8.36
N GLY A 57 -7.66 -8.99 9.12
CA GLY A 57 -7.45 -10.17 9.96
C GLY A 57 -7.19 -11.41 9.11
N VAL A 58 -6.79 -11.16 7.87
CA VAL A 58 -6.50 -12.25 6.95
C VAL A 58 -4.98 -12.39 6.78
N ASP A 59 -4.51 -13.62 6.89
CA ASP A 59 -3.10 -13.90 6.76
C ASP A 59 -2.91 -15.25 6.06
N GLY A 60 -2.02 -15.25 5.07
CA GLY A 60 -1.73 -16.45 4.32
C GLY A 60 -0.44 -16.31 3.51
N GLU A 61 -0.60 -16.37 2.20
CA GLU A 61 0.54 -16.25 1.30
C GLU A 61 0.66 -14.82 0.78
N TRP A 62 1.72 -14.15 1.20
CA TRP A 62 1.97 -12.78 0.78
C TRP A 62 2.90 -12.81 -0.42
N THR A 63 2.45 -12.18 -1.51
CA THR A 63 3.23 -12.12 -2.72
C THR A 63 3.23 -10.71 -3.30
N TYR A 64 4.41 -10.24 -3.66
CA TYR A 64 4.55 -8.91 -4.23
C TYR A 64 5.39 -8.94 -5.50
N ASP A 65 4.95 -8.18 -6.49
CA ASP A 65 5.66 -8.12 -7.77
C ASP A 65 6.15 -6.68 -8.00
N ASP A 66 7.46 -6.52 -7.88
CA ASP A 66 8.06 -5.21 -8.07
C ASP A 66 7.82 -4.75 -9.51
N ALA A 67 7.53 -5.71 -10.37
CA ALA A 67 7.28 -5.42 -11.77
C ALA A 67 6.11 -4.45 -11.88
N THR A 68 5.21 -4.53 -10.90
CA THR A 68 4.04 -3.67 -10.86
C THR A 68 3.79 -3.16 -9.44
N LYS A 69 4.78 -3.36 -8.60
CA LYS A 69 4.68 -2.93 -7.22
C LYS A 69 3.27 -3.23 -6.69
N THR A 70 2.90 -4.49 -6.78
CA THR A 70 1.58 -4.91 -6.33
C THR A 70 1.70 -6.11 -5.38
N PHE A 71 0.92 -6.06 -4.31
CA PHE A 71 0.93 -7.12 -3.32
C PHE A 71 -0.42 -7.83 -3.26
N THR A 72 -0.37 -9.14 -3.10
CA THR A 72 -1.59 -9.94 -3.03
C THR A 72 -1.52 -10.89 -1.83
N VAL A 73 -2.60 -10.90 -1.07
CA VAL A 73 -2.69 -11.76 0.10
C VAL A 73 -3.69 -12.88 -0.16
N THR A 74 -3.17 -14.11 -0.12
CA THR A 74 -4.01 -15.28 -0.36
C THR A 74 -4.23 -16.04 0.95
N GLU A 75 -5.50 -16.16 1.32
CA GLU A 75 -5.86 -16.86 2.54
C GLU A 75 -6.23 -18.31 2.23
LA LA B . 2.16 19.56 2.14
N CYS A 1 1.65 10.77 -7.91
CA CYS A 1 0.87 10.74 -6.69
C CYS A 1 1.75 11.17 -5.53
N TYR A 2 2.13 12.44 -5.55
CA TYR A 2 2.98 12.99 -4.52
C TYR A 2 2.30 12.90 -3.14
N VAL A 3 3.09 13.16 -2.11
CA VAL A 3 2.57 13.12 -0.75
C VAL A 3 2.99 14.39 -0.02
N ASP A 4 2.04 14.93 0.71
CA ASP A 4 2.32 16.18 1.50
C ASP A 4 2.68 15.82 2.93
N THR A 5 3.69 16.48 3.49
CA THR A 5 4.10 16.21 4.86
C THR A 5 3.66 17.34 5.79
N ASN A 6 2.70 18.11 5.31
CA ASN A 6 2.17 19.23 6.10
C ASN A 6 0.74 18.92 6.51
N ASN A 7 0.09 18.07 5.72
CA ASN A 7 -1.28 17.69 6.00
C ASN A 7 -2.23 18.77 5.46
N ASP A 8 -1.78 19.43 4.41
CA ASP A 8 -2.57 20.48 3.80
C ASP A 8 -3.22 19.95 2.51
N GLY A 9 -2.54 19.01 1.88
CA GLY A 9 -3.03 18.42 0.65
C GLY A 9 -2.46 19.14 -0.57
N ALA A 10 -1.20 19.50 -0.46
CA ALA A 10 -0.52 20.19 -1.55
C ALA A 10 0.93 19.74 -1.61
N TYR A 11 1.48 19.75 -2.83
CA TYR A 11 2.85 19.35 -3.04
C TYR A 11 3.75 20.56 -3.29
N GLU A 12 4.68 20.78 -2.37
CA GLU A 12 5.60 21.90 -2.49
C GLU A 12 6.78 21.71 -1.54
N GLY A 13 7.95 21.54 -2.14
CA GLY A 13 9.17 21.34 -1.38
C GLY A 13 9.67 19.90 -1.50
N ASP A 14 9.72 19.22 -0.36
CA ASP A 14 10.17 17.83 -0.34
C ASP A 14 9.05 16.93 -0.84
N GLU A 15 7.84 17.47 -0.86
CA GLU A 15 6.68 16.72 -1.32
C GLU A 15 6.76 16.50 -2.83
N LEU A 16 7.76 17.12 -3.44
CA LEU A 16 7.94 17.01 -4.87
C LEU A 16 9.12 16.06 -5.15
N SER A 17 9.32 15.14 -4.23
CA SER A 17 10.40 14.17 -4.37
C SER A 17 9.92 12.94 -5.15
N GLY A 18 8.60 12.76 -5.15
CA GLY A 18 8.00 11.64 -5.84
C GLY A 18 7.66 10.51 -4.87
N THR A 19 6.44 10.00 -5.02
CA THR A 19 5.98 8.92 -4.17
C THR A 19 5.77 7.64 -4.99
N MET A 20 5.46 6.56 -4.28
CA MET A 20 5.23 5.28 -4.93
C MET A 20 3.83 4.74 -4.59
N GLU A 21 3.09 4.42 -5.64
CA GLU A 21 1.75 3.89 -5.47
C GLU A 21 1.75 2.38 -5.63
N TYR A 22 1.21 1.70 -4.62
CA TYR A 22 1.15 0.25 -4.63
C TYR A 22 -0.30 -0.23 -4.57
N LYS A 23 -0.53 -1.39 -5.18
CA LYS A 23 -1.86 -1.96 -5.20
C LYS A 23 -1.94 -3.10 -4.17
N LEU A 24 -2.77 -2.89 -3.16
CA LEU A 24 -2.93 -3.88 -2.11
C LEU A 24 -4.18 -4.71 -2.41
N ILE A 25 -3.94 -5.99 -2.69
CA ILE A 25 -5.02 -6.91 -2.99
C ILE A 25 -5.13 -7.95 -1.88
N LEU A 26 -6.33 -8.08 -1.33
CA LEU A 26 -6.57 -9.03 -0.27
C LEU A 26 -7.53 -10.11 -0.76
N ASN A 27 -7.00 -11.31 -0.92
CA ASN A 27 -7.79 -12.44 -1.39
C ASN A 27 -8.11 -13.35 -0.20
N GLY A 28 -9.33 -13.21 0.30
CA GLY A 28 -9.77 -14.01 1.42
C GLY A 28 -11.18 -14.57 1.18
N LYS A 29 -11.48 -15.66 1.88
CA LYS A 29 -12.78 -16.28 1.75
C LYS A 29 -13.85 -15.40 2.41
N THR A 30 -13.46 -14.78 3.50
CA THR A 30 -14.36 -13.90 4.24
C THR A 30 -14.04 -12.44 3.93
N LEU A 31 -12.81 -12.20 3.52
CA LEU A 31 -12.37 -10.85 3.19
C LEU A 31 -11.68 -10.86 1.82
N LYS A 32 -12.39 -10.36 0.83
CA LYS A 32 -11.85 -10.30 -0.51
C LYS A 32 -12.13 -8.92 -1.11
N GLY A 33 -11.04 -8.28 -1.54
CA GLY A 33 -11.14 -6.95 -2.12
C GLY A 33 -9.78 -6.44 -2.58
N GLU A 34 -9.76 -5.23 -3.09
CA GLU A 34 -8.54 -4.62 -3.57
C GLU A 34 -8.45 -3.16 -3.12
N THR A 35 -7.27 -2.59 -3.30
CA THR A 35 -7.04 -1.20 -2.92
C THR A 35 -5.63 -0.77 -3.31
N THR A 36 -5.34 0.50 -3.06
CA THR A 36 -4.04 1.05 -3.38
C THR A 36 -3.63 2.10 -2.35
N THR A 37 -2.33 2.30 -2.24
CA THR A 37 -1.80 3.26 -1.29
C THR A 37 -0.53 3.92 -1.85
N CYS A 38 -0.29 5.14 -1.40
CA CYS A 38 0.88 5.88 -1.84
C CYS A 38 1.83 6.02 -0.66
N ALA A 39 3.10 5.75 -0.94
CA ALA A 39 4.13 5.85 0.09
C ALA A 39 5.44 6.30 -0.55
N VAL A 40 6.18 7.11 0.20
CA VAL A 40 7.45 7.61 -0.28
C VAL A 40 8.45 6.47 -0.36
N ASP A 41 8.24 5.47 0.49
CA ASP A 41 9.11 4.31 0.53
C ASP A 41 8.26 3.04 0.64
N ALA A 42 8.72 2.00 -0.04
CA ALA A 42 8.01 0.72 -0.01
C ALA A 42 7.86 0.25 1.43
N ALA A 43 8.72 0.78 2.28
CA ALA A 43 8.70 0.42 3.69
C ALA A 43 7.40 0.94 4.32
N THR A 44 7.09 2.19 4.02
CA THR A 44 5.89 2.81 4.55
C THR A 44 4.64 2.12 4.00
N ALA A 45 4.68 1.84 2.71
CA ALA A 45 3.56 1.17 2.05
C ALA A 45 3.41 -0.23 2.62
N GLU A 46 4.55 -0.85 2.90
CA GLU A 46 4.56 -2.20 3.44
C GLU A 46 3.80 -2.25 4.76
N LYS A 47 4.07 -1.27 5.60
CA LYS A 47 3.43 -1.18 6.89
C LYS A 47 1.91 -1.10 6.70
N VAL A 48 1.50 -0.22 5.79
CA VAL A 48 0.10 -0.05 5.50
C VAL A 48 -0.49 -1.37 5.00
N PHE A 49 0.25 -2.00 4.10
CA PHE A 49 -0.18 -3.27 3.54
C PHE A 49 -0.33 -4.33 4.63
N LYS A 50 0.62 -4.32 5.56
CA LYS A 50 0.60 -5.27 6.65
C LYS A 50 -0.54 -4.91 7.62
N GLN A 51 -0.78 -3.61 7.75
CA GLN A 51 -1.83 -3.14 8.62
C GLN A 51 -3.20 -3.41 8.01
N TYR A 52 -3.24 -3.40 6.68
CA TYR A 52 -4.48 -3.65 5.97
C TYR A 52 -4.90 -5.11 6.09
N ALA A 53 -3.97 -6.00 5.78
CA ALA A 53 -4.24 -7.43 5.85
C ALA A 53 -4.61 -7.79 7.29
N ASN A 54 -3.96 -7.13 8.22
CA ASN A 54 -4.21 -7.37 9.63
C ASN A 54 -5.64 -6.90 9.98
N ASP A 55 -6.02 -5.78 9.39
CA ASP A 55 -7.33 -5.21 9.62
C ASP A 55 -8.40 -6.17 9.08
N ASN A 56 -7.97 -7.03 8.17
CA ASN A 56 -8.87 -8.00 7.57
C ASN A 56 -8.80 -9.31 8.37
N GLY A 57 -7.72 -9.45 9.12
CA GLY A 57 -7.52 -10.64 9.93
C GLY A 57 -7.27 -11.86 9.04
N VAL A 58 -6.76 -11.60 7.85
CA VAL A 58 -6.48 -12.66 6.90
C VAL A 58 -4.96 -12.78 6.71
N ASP A 59 -4.47 -14.00 6.78
CA ASP A 59 -3.06 -14.26 6.61
C ASP A 59 -2.87 -15.59 5.87
N GLY A 60 -1.93 -15.57 4.93
CA GLY A 60 -1.64 -16.76 4.15
C GLY A 60 -0.37 -16.58 3.32
N GLU A 61 -0.55 -16.62 2.01
CA GLU A 61 0.57 -16.45 1.10
C GLU A 61 0.66 -15.00 0.62
N TRP A 62 1.73 -14.33 1.04
CA TRP A 62 1.94 -12.94 0.67
C TRP A 62 2.87 -12.92 -0.55
N THR A 63 2.38 -12.27 -1.60
CA THR A 63 3.16 -12.16 -2.83
C THR A 63 3.16 -10.72 -3.34
N TYR A 64 4.34 -10.25 -3.70
CA TYR A 64 4.49 -8.90 -4.20
C TYR A 64 5.37 -8.87 -5.46
N ASP A 65 4.92 -8.10 -6.44
CA ASP A 65 5.65 -7.97 -7.69
C ASP A 65 6.11 -6.53 -7.86
N ASP A 66 7.41 -6.32 -7.71
CA ASP A 66 7.98 -4.99 -7.85
C ASP A 66 7.75 -4.50 -9.28
N ALA A 67 7.50 -5.44 -10.18
CA ALA A 67 7.27 -5.11 -11.57
C ALA A 67 6.02 -4.23 -11.67
N THR A 68 5.14 -4.38 -10.69
CA THR A 68 3.92 -3.59 -10.66
C THR A 68 3.63 -3.10 -9.24
N LYS A 69 4.63 -3.26 -8.38
CA LYS A 69 4.50 -2.84 -7.00
C LYS A 69 3.10 -3.18 -6.49
N THR A 70 2.73 -4.43 -6.70
CA THR A 70 1.43 -4.92 -6.26
C THR A 70 1.58 -6.12 -5.33
N PHE A 71 0.78 -6.11 -4.28
CA PHE A 71 0.81 -7.18 -3.31
C PHE A 71 -0.54 -7.89 -3.23
N THR A 72 -0.46 -9.21 -3.08
CA THR A 72 -1.66 -10.03 -3.00
C THR A 72 -1.56 -11.01 -1.83
N VAL A 73 -2.65 -11.08 -1.07
CA VAL A 73 -2.70 -11.98 0.08
C VAL A 73 -3.69 -13.10 -0.20
N THR A 74 -3.16 -14.32 -0.20
CA THR A 74 -4.00 -15.48 -0.45
C THR A 74 -4.19 -16.29 0.84
N GLU A 75 -5.45 -16.43 1.23
CA GLU A 75 -5.78 -17.16 2.44
C GLU A 75 -6.07 -18.62 2.10
LA LA B . 2.27 20.36 1.41
N CYS A 1 3.82 9.26 -8.02
CA CYS A 1 2.78 9.83 -7.19
C CYS A 1 3.46 10.66 -6.09
N TYR A 2 2.78 11.71 -5.68
CA TYR A 2 3.30 12.59 -4.65
C TYR A 2 2.55 12.38 -3.32
N VAL A 3 3.25 12.67 -2.24
CA VAL A 3 2.66 12.52 -0.91
C VAL A 3 2.94 13.79 -0.10
N ASP A 4 1.91 14.26 0.54
CA ASP A 4 2.04 15.48 1.39
C ASP A 4 2.24 15.10 2.85
N THR A 5 3.04 15.86 3.58
CA THR A 5 3.29 15.56 4.98
C THR A 5 2.54 16.55 5.88
N ASN A 6 1.61 17.27 5.27
CA ASN A 6 0.83 18.25 6.00
C ASN A 6 -0.62 17.76 6.10
N ASN A 7 -1.00 16.94 5.13
CA ASN A 7 -2.35 16.39 5.11
C ASN A 7 -3.31 17.45 4.53
N ASP A 8 -2.77 18.27 3.65
CA ASP A 8 -3.55 19.32 3.03
C ASP A 8 -3.81 18.95 1.56
N GLY A 9 -3.67 17.66 1.27
CA GLY A 9 -3.88 17.17 -0.07
C GLY A 9 -3.28 18.11 -1.11
N ALA A 10 -2.10 18.61 -0.79
CA ALA A 10 -1.40 19.52 -1.68
C ALA A 10 0.11 19.27 -1.59
N TYR A 11 0.73 19.17 -2.76
CA TYR A 11 2.16 18.92 -2.83
C TYR A 11 2.92 20.23 -3.03
N GLU A 12 3.81 20.51 -2.09
CA GLU A 12 4.61 21.72 -2.15
C GLU A 12 5.81 21.61 -1.20
N GLY A 13 6.99 21.59 -1.79
CA GLY A 13 8.22 21.49 -1.03
C GLY A 13 8.88 20.12 -1.23
N ASP A 14 9.04 19.42 -0.10
CA ASP A 14 9.66 18.10 -0.14
C ASP A 14 8.62 17.08 -0.62
N GLU A 15 7.36 17.49 -0.57
CA GLU A 15 6.28 16.62 -1.00
C GLU A 15 6.37 16.36 -2.50
N LEU A 16 7.24 17.11 -3.15
CA LEU A 16 7.44 16.97 -4.58
C LEU A 16 8.76 16.26 -4.85
N SER A 17 9.13 15.38 -3.93
CA SER A 17 10.36 14.63 -4.04
C SER A 17 10.12 13.34 -4.82
N GLY A 18 8.87 12.92 -4.83
CA GLY A 18 8.48 11.70 -5.53
C GLY A 18 8.12 10.59 -4.54
N THR A 19 7.02 9.92 -4.83
CA THR A 19 6.57 8.83 -3.97
C THR A 19 6.31 7.57 -4.81
N MET A 20 6.03 6.49 -4.10
CA MET A 20 5.75 5.22 -4.77
C MET A 20 4.35 4.72 -4.44
N GLU A 21 3.60 4.42 -5.48
CA GLU A 21 2.24 3.93 -5.32
C GLU A 21 2.20 2.41 -5.48
N TYR A 22 1.66 1.76 -4.46
CA TYR A 22 1.55 0.31 -4.48
C TYR A 22 0.09 -0.14 -4.43
N LYS A 23 -0.16 -1.28 -5.05
CA LYS A 23 -1.51 -1.81 -5.09
C LYS A 23 -1.63 -2.96 -4.07
N LEU A 24 -2.47 -2.73 -3.07
CA LEU A 24 -2.67 -3.73 -2.03
C LEU A 24 -3.96 -4.51 -2.33
N ILE A 25 -3.78 -5.79 -2.62
CA ILE A 25 -4.91 -6.65 -2.91
C ILE A 25 -5.07 -7.69 -1.81
N LEU A 26 -6.25 -7.69 -1.21
CA LEU A 26 -6.53 -8.63 -0.14
C LEU A 26 -7.55 -9.66 -0.62
N ASN A 27 -7.09 -10.89 -0.78
CA ASN A 27 -7.94 -11.97 -1.23
C ASN A 27 -8.30 -12.86 -0.04
N GLY A 28 -9.50 -12.66 0.48
CA GLY A 28 -9.97 -13.44 1.61
C GLY A 28 -11.41 -13.92 1.39
N LYS A 29 -11.73 -15.01 2.07
CA LYS A 29 -13.07 -15.59 1.95
C LYS A 29 -14.08 -14.64 2.61
N THR A 30 -13.65 -14.02 3.70
CA THR A 30 -14.51 -13.09 4.42
C THR A 30 -14.13 -11.65 4.09
N LEU A 31 -12.88 -11.48 3.67
CA LEU A 31 -12.38 -10.16 3.33
C LEU A 31 -11.70 -10.23 1.96
N LYS A 32 -12.39 -9.69 0.96
CA LYS A 32 -11.86 -9.68 -0.39
C LYS A 32 -12.06 -8.29 -1.00
N GLY A 33 -10.94 -7.71 -1.43
CA GLY A 33 -10.98 -6.39 -2.03
C GLY A 33 -9.59 -5.93 -2.45
N GLU A 34 -9.53 -4.76 -3.06
CA GLU A 34 -8.26 -4.20 -3.52
C GLU A 34 -8.13 -2.75 -3.06
N THR A 35 -6.93 -2.23 -3.21
CA THR A 35 -6.65 -0.86 -2.82
C THR A 35 -5.23 -0.46 -3.21
N THR A 36 -4.88 0.78 -2.92
CA THR A 36 -3.56 1.29 -3.23
C THR A 36 -3.12 2.32 -2.18
N THR A 37 -1.81 2.47 -2.07
CA THR A 37 -1.24 3.41 -1.13
C THR A 37 0.04 4.02 -1.67
N CYS A 38 0.32 5.24 -1.22
CA CYS A 38 1.51 5.95 -1.65
C CYS A 38 2.48 6.03 -0.48
N ALA A 39 3.74 5.73 -0.75
CA ALA A 39 4.77 5.78 0.28
C ALA A 39 6.09 6.22 -0.34
N VAL A 40 6.84 7.01 0.41
CA VAL A 40 8.12 7.50 -0.06
C VAL A 40 9.10 6.34 -0.16
N ASP A 41 8.86 5.33 0.67
CA ASP A 41 9.72 4.16 0.69
C ASP A 41 8.84 2.90 0.77
N ALA A 42 9.29 1.86 0.08
CA ALA A 42 8.57 0.60 0.06
C ALA A 42 8.42 0.09 1.50
N ALA A 43 9.29 0.60 2.37
CA ALA A 43 9.28 0.20 3.76
C ALA A 43 7.99 0.71 4.42
N THR A 44 7.62 1.93 4.06
CA THR A 44 6.42 2.55 4.60
C THR A 44 5.17 1.89 4.01
N ALA A 45 5.22 1.66 2.71
CA ALA A 45 4.10 1.03 2.02
C ALA A 45 3.95 -0.41 2.51
N GLU A 46 5.09 -1.04 2.75
CA GLU A 46 5.09 -2.41 3.24
C GLU A 46 4.32 -2.53 4.54
N LYS A 47 4.69 -1.66 5.49
CA LYS A 47 4.05 -1.66 6.79
C LYS A 47 2.56 -1.34 6.62
N VAL A 48 2.28 -0.50 5.64
CA VAL A 48 0.91 -0.11 5.36
C VAL A 48 0.13 -1.31 4.84
N PHE A 49 0.79 -2.07 3.98
CA PHE A 49 0.17 -3.25 3.39
C PHE A 49 -0.02 -4.34 4.44
N LYS A 50 0.99 -4.49 5.29
CA LYS A 50 0.95 -5.49 6.34
C LYS A 50 -0.12 -5.09 7.37
N GLN A 51 -0.24 -3.79 7.58
CA GLN A 51 -1.21 -3.26 8.52
C GLN A 51 -2.62 -3.38 7.95
N TYR A 52 -2.70 -3.35 6.62
CA TYR A 52 -3.98 -3.46 5.94
C TYR A 52 -4.56 -4.87 6.09
N ALA A 53 -3.75 -5.85 5.74
CA ALA A 53 -4.17 -7.23 5.82
C ALA A 53 -4.54 -7.57 7.26
N ASN A 54 -3.79 -6.97 8.19
CA ASN A 54 -4.02 -7.19 9.60
C ASN A 54 -5.39 -6.63 9.99
N ASP A 55 -5.67 -5.45 9.46
CA ASP A 55 -6.94 -4.79 9.74
C ASP A 55 -8.09 -5.66 9.21
N ASN A 56 -7.74 -6.52 8.27
CA ASN A 56 -8.73 -7.40 7.66
C ASN A 56 -8.74 -8.74 8.43
N GLY A 57 -7.66 -8.97 9.16
CA GLY A 57 -7.54 -10.19 9.93
C GLY A 57 -7.38 -11.41 9.02
N VAL A 58 -6.79 -11.17 7.86
CA VAL A 58 -6.58 -12.23 6.89
C VAL A 58 -5.07 -12.43 6.68
N ASP A 59 -4.66 -13.68 6.73
CA ASP A 59 -3.26 -14.02 6.55
C ASP A 59 -3.15 -15.35 5.79
N GLY A 60 -2.15 -15.43 4.93
CA GLY A 60 -1.93 -16.63 4.14
C GLY A 60 -0.67 -16.50 3.28
N GLU A 61 -0.89 -16.55 1.97
CA GLU A 61 0.22 -16.43 1.03
C GLU A 61 0.39 -14.98 0.59
N TRP A 62 1.52 -14.40 1.00
CA TRP A 62 1.81 -13.02 0.66
C TRP A 62 2.74 -13.03 -0.56
N THR A 63 2.31 -12.32 -1.59
CA THR A 63 3.08 -12.23 -2.81
C THR A 63 3.11 -10.79 -3.34
N TYR A 64 4.30 -10.34 -3.69
CA TYR A 64 4.48 -9.00 -4.19
C TYR A 64 5.30 -8.99 -5.49
N ASP A 65 4.85 -8.19 -6.44
CA ASP A 65 5.52 -8.10 -7.72
C ASP A 65 6.04 -6.67 -7.91
N ASP A 66 7.36 -6.52 -7.81
CA ASP A 66 7.99 -5.23 -7.97
C ASP A 66 7.78 -4.74 -9.40
N ALA A 67 7.48 -5.68 -10.29
CA ALA A 67 7.26 -5.37 -11.68
C ALA A 67 6.12 -4.35 -11.79
N THR A 68 5.27 -4.35 -10.78
CA THR A 68 4.14 -3.44 -10.74
C THR A 68 3.84 -3.00 -9.31
N LYS A 69 4.82 -3.21 -8.45
CA LYS A 69 4.69 -2.83 -7.05
C LYS A 69 3.26 -3.15 -6.58
N THR A 70 2.93 -4.43 -6.63
CA THR A 70 1.61 -4.87 -6.22
C THR A 70 1.72 -6.08 -5.28
N PHE A 71 0.92 -6.06 -4.23
CA PHE A 71 0.92 -7.14 -3.26
C PHE A 71 -0.45 -7.80 -3.18
N THR A 72 -0.43 -9.12 -3.04
CA THR A 72 -1.66 -9.89 -2.95
C THR A 72 -1.60 -10.86 -1.77
N VAL A 73 -2.69 -10.92 -1.04
CA VAL A 73 -2.78 -11.80 0.12
C VAL A 73 -3.86 -12.86 -0.13
N THR A 74 -3.42 -14.11 -0.15
CA THR A 74 -4.34 -15.22 -0.38
C THR A 74 -4.54 -16.02 0.92
N GLU A 75 -5.79 -16.06 1.36
CA GLU A 75 -6.13 -16.77 2.57
C GLU A 75 -6.41 -18.25 2.26
LA LA B . 1.34 19.79 1.67
N CYS A 1 4.02 9.20 -8.15
CA CYS A 1 2.96 9.72 -7.31
C CYS A 1 3.61 10.57 -6.20
N TYR A 2 2.83 11.51 -5.69
CA TYR A 2 3.31 12.39 -4.63
C TYR A 2 2.67 12.03 -3.29
N VAL A 3 3.38 12.37 -2.23
CA VAL A 3 2.89 12.09 -0.89
C VAL A 3 3.04 13.35 -0.03
N ASP A 4 1.97 13.70 0.62
CA ASP A 4 2.00 14.91 1.50
C ASP A 4 2.45 14.52 2.91
N THR A 5 3.30 15.32 3.52
CA THR A 5 3.78 15.03 4.86
C THR A 5 3.12 15.96 5.89
N ASN A 6 2.02 16.56 5.47
CA ASN A 6 1.29 17.47 6.34
C ASN A 6 -0.05 16.84 6.72
N ASN A 7 -0.49 15.90 5.88
CA ASN A 7 -1.75 15.22 6.12
C ASN A 7 -2.90 16.14 5.73
N ASP A 8 -2.65 16.98 4.73
CA ASP A 8 -3.65 17.91 4.26
C ASP A 8 -4.26 17.37 2.96
N GLY A 9 -3.45 16.63 2.23
CA GLY A 9 -3.89 16.05 0.97
C GLY A 9 -3.49 16.94 -0.20
N ALA A 10 -2.30 17.52 -0.08
CA ALA A 10 -1.79 18.39 -1.13
C ALA A 10 -0.28 18.21 -1.22
N TYR A 11 0.23 18.32 -2.44
CA TYR A 11 1.65 18.17 -2.69
C TYR A 11 2.31 19.53 -2.96
N GLU A 12 3.17 19.92 -2.03
CA GLU A 12 3.86 21.20 -2.15
C GLU A 12 5.14 21.19 -1.30
N GLY A 13 6.27 21.28 -1.98
CA GLY A 13 7.55 21.28 -1.30
C GLY A 13 8.28 19.96 -1.51
N ASP A 14 8.52 19.28 -0.40
CA ASP A 14 9.20 18.00 -0.44
C ASP A 14 8.23 16.91 -0.89
N GLU A 15 6.95 17.25 -0.81
CA GLU A 15 5.91 16.31 -1.21
C GLU A 15 5.88 16.16 -2.73
N LEU A 16 6.71 16.95 -3.38
CA LEU A 16 6.80 16.92 -4.83
C LEU A 16 8.18 16.41 -5.25
N SER A 17 8.76 15.60 -4.38
CA SER A 17 10.08 15.04 -4.64
C SER A 17 9.94 13.71 -5.40
N GLY A 18 8.77 13.11 -5.27
CA GLY A 18 8.50 11.86 -5.94
C GLY A 18 8.20 10.75 -4.93
N THR A 19 7.15 9.99 -5.21
CA THR A 19 6.76 8.89 -4.34
C THR A 19 6.44 7.64 -5.16
N MET A 20 6.27 6.54 -4.45
CA MET A 20 5.96 5.28 -5.09
C MET A 20 4.54 4.81 -4.73
N GLU A 21 3.79 4.44 -5.74
CA GLU A 21 2.43 3.98 -5.55
C GLU A 21 2.36 2.46 -5.71
N TYR A 22 1.84 1.81 -4.67
CA TYR A 22 1.71 0.36 -4.68
C TYR A 22 0.25 -0.06 -4.63
N LYS A 23 -0.03 -1.20 -5.24
CA LYS A 23 -1.39 -1.73 -5.27
C LYS A 23 -1.52 -2.85 -4.24
N LEU A 24 -2.37 -2.59 -3.25
CA LEU A 24 -2.60 -3.56 -2.20
C LEU A 24 -3.89 -4.34 -2.49
N ILE A 25 -3.72 -5.63 -2.75
CA ILE A 25 -4.86 -6.49 -3.04
C ILE A 25 -5.02 -7.51 -1.91
N LEU A 26 -6.22 -7.52 -1.34
CA LEU A 26 -6.52 -8.44 -0.27
C LEU A 26 -7.56 -9.46 -0.74
N ASN A 27 -7.12 -10.69 -0.88
CA ASN A 27 -8.00 -11.76 -1.33
C ASN A 27 -8.38 -12.63 -0.13
N GLY A 28 -9.58 -12.40 0.38
CA GLY A 28 -10.08 -13.15 1.52
C GLY A 28 -11.50 -13.67 1.26
N LYS A 29 -11.80 -14.80 1.87
CA LYS A 29 -13.12 -15.41 1.71
C LYS A 29 -14.16 -14.49 2.34
N THR A 30 -13.79 -13.88 3.45
CA THR A 30 -14.68 -12.97 4.16
C THR A 30 -14.32 -11.51 3.85
N LEU A 31 -13.07 -11.31 3.47
CA LEU A 31 -12.60 -9.98 3.15
C LEU A 31 -11.86 -10.02 1.80
N LYS A 32 -12.51 -9.45 0.80
CA LYS A 32 -11.94 -9.42 -0.54
C LYS A 32 -12.10 -8.01 -1.12
N GLY A 33 -10.97 -7.42 -1.49
CA GLY A 33 -10.98 -6.09 -2.06
C GLY A 33 -9.56 -5.67 -2.48
N GLU A 34 -9.49 -4.54 -3.15
CA GLU A 34 -8.21 -4.01 -3.62
C GLU A 34 -8.07 -2.55 -3.20
N THR A 35 -6.85 -2.03 -3.37
CA THR A 35 -6.55 -0.66 -3.02
C THR A 35 -5.12 -0.31 -3.41
N THR A 36 -4.76 0.94 -3.14
CA THR A 36 -3.42 1.41 -3.45
C THR A 36 -2.96 2.43 -2.41
N THR A 37 -1.64 2.56 -2.29
CA THR A 37 -1.07 3.49 -1.33
C THR A 37 0.24 4.08 -1.88
N CYS A 38 0.54 5.29 -1.44
CA CYS A 38 1.75 5.96 -1.88
C CYS A 38 2.71 6.05 -0.69
N ALA A 39 3.96 5.72 -0.95
CA ALA A 39 4.98 5.76 0.08
C ALA A 39 6.32 6.14 -0.54
N VAL A 40 7.06 6.97 0.18
CA VAL A 40 8.36 7.43 -0.29
C VAL A 40 9.33 6.25 -0.30
N ASP A 41 9.05 5.28 0.57
CA ASP A 41 9.90 4.10 0.66
C ASP A 41 9.00 2.86 0.76
N ALA A 42 9.46 1.79 0.13
CA ALA A 42 8.73 0.54 0.14
C ALA A 42 8.53 0.08 1.59
N ALA A 43 9.36 0.61 2.45
CA ALA A 43 9.29 0.28 3.87
C ALA A 43 7.99 0.81 4.46
N THR A 44 7.65 2.03 4.05
CA THR A 44 6.45 2.67 4.53
C THR A 44 5.21 1.99 3.93
N ALA A 45 5.29 1.71 2.63
CA ALA A 45 4.19 1.07 1.94
C ALA A 45 4.02 -0.35 2.47
N GLU A 46 5.15 -0.98 2.76
CA GLU A 46 5.14 -2.34 3.28
C GLU A 46 4.34 -2.41 4.58
N LYS A 47 4.70 -1.52 5.50
CA LYS A 47 4.03 -1.47 6.79
C LYS A 47 2.55 -1.16 6.57
N VAL A 48 2.30 -0.25 5.65
CA VAL A 48 0.93 0.14 5.34
C VAL A 48 0.15 -1.07 4.83
N PHE A 49 0.83 -1.85 4.00
CA PHE A 49 0.22 -3.04 3.43
C PHE A 49 0.00 -4.11 4.50
N LYS A 50 0.99 -4.24 5.36
CA LYS A 50 0.93 -5.22 6.44
C LYS A 50 -0.17 -4.82 7.42
N GLN A 51 -0.30 -3.52 7.61
CA GLN A 51 -1.31 -2.99 8.51
C GLN A 51 -2.71 -3.12 7.89
N TYR A 52 -2.73 -3.09 6.57
CA TYR A 52 -3.98 -3.20 5.84
C TYR A 52 -4.55 -4.62 5.94
N ALA A 53 -3.71 -5.59 5.60
CA ALA A 53 -4.11 -6.98 5.65
C ALA A 53 -4.52 -7.34 7.09
N ASN A 54 -3.82 -6.74 8.03
CA ASN A 54 -4.09 -6.99 9.43
C ASN A 54 -5.45 -6.39 9.79
N ASP A 55 -5.72 -5.22 9.22
CA ASP A 55 -6.98 -4.53 9.48
C ASP A 55 -8.13 -5.38 8.94
N ASN A 56 -7.79 -6.25 8.00
CA ASN A 56 -8.78 -7.12 7.39
C ASN A 56 -8.86 -8.43 8.18
N GLY A 57 -7.81 -8.69 8.94
CA GLY A 57 -7.74 -9.90 9.73
C GLY A 57 -7.55 -11.13 8.84
N VAL A 58 -7.04 -10.89 7.65
CA VAL A 58 -6.82 -11.97 6.69
C VAL A 58 -5.32 -12.19 6.53
N ASP A 59 -4.93 -13.46 6.59
CA ASP A 59 -3.53 -13.81 6.45
C ASP A 59 -3.42 -15.14 5.72
N GLY A 60 -2.38 -15.26 4.91
CA GLY A 60 -2.14 -16.47 4.15
C GLY A 60 -0.86 -16.36 3.31
N GLU A 61 -1.04 -16.42 2.00
CA GLU A 61 0.08 -16.33 1.09
C GLU A 61 0.28 -14.88 0.63
N TRP A 62 1.40 -14.32 1.05
CA TRP A 62 1.72 -12.94 0.70
C TRP A 62 2.63 -12.97 -0.53
N THR A 63 2.22 -12.27 -1.57
CA THR A 63 2.99 -12.21 -2.79
C THR A 63 3.07 -10.76 -3.30
N TYR A 64 4.27 -10.36 -3.66
CA TYR A 64 4.50 -9.02 -4.16
C TYR A 64 5.39 -9.04 -5.41
N ASP A 65 4.98 -8.24 -6.40
CA ASP A 65 5.72 -8.17 -7.64
C ASP A 65 6.24 -6.74 -7.83
N ASP A 66 7.55 -6.60 -7.67
CA ASP A 66 8.19 -5.31 -7.81
C ASP A 66 7.99 -4.80 -9.25
N ALA A 67 7.70 -5.73 -10.14
CA ALA A 67 7.48 -5.40 -11.53
C ALA A 67 6.32 -4.40 -11.64
N THR A 68 5.43 -4.47 -10.66
CA THR A 68 4.28 -3.58 -10.63
C THR A 68 4.00 -3.12 -9.20
N LYS A 69 4.97 -3.36 -8.34
CA LYS A 69 4.83 -2.98 -6.94
C LYS A 69 3.41 -3.27 -6.47
N THR A 70 2.99 -4.51 -6.65
CA THR A 70 1.66 -4.92 -6.26
C THR A 70 1.72 -6.13 -5.32
N PHE A 71 0.95 -6.06 -4.26
CA PHE A 71 0.91 -7.14 -3.28
C PHE A 71 -0.48 -7.79 -3.24
N THR A 72 -0.47 -9.11 -3.10
CA THR A 72 -1.72 -9.86 -3.04
C THR A 72 -1.69 -10.84 -1.86
N VAL A 73 -2.75 -10.79 -1.07
CA VAL A 73 -2.87 -11.67 0.09
C VAL A 73 -3.96 -12.72 -0.18
N THR A 74 -3.53 -13.97 -0.18
CA THR A 74 -4.44 -15.08 -0.41
C THR A 74 -4.67 -15.86 0.87
N GLU A 75 -5.92 -15.89 1.31
CA GLU A 75 -6.28 -16.60 2.51
C GLU A 75 -6.56 -18.08 2.21
LA LA B . 0.99 19.00 1.82
N CYS A 1 4.08 9.88 -8.39
CA CYS A 1 3.03 10.20 -7.41
C CYS A 1 3.70 10.89 -6.22
N TYR A 2 2.97 11.84 -5.65
CA TYR A 2 3.48 12.58 -4.51
C TYR A 2 2.61 12.34 -3.27
N VAL A 3 3.21 12.54 -2.11
CA VAL A 3 2.50 12.35 -0.86
C VAL A 3 2.75 13.56 0.05
N ASP A 4 1.69 13.99 0.68
CA ASP A 4 1.81 15.17 1.61
C ASP A 4 1.93 14.68 3.06
N THR A 5 2.70 15.38 3.87
CA THR A 5 2.87 14.99 5.26
C THR A 5 2.09 15.92 6.18
N ASN A 6 1.20 16.69 5.58
CA ASN A 6 0.37 17.62 6.32
C ASN A 6 -1.08 17.14 6.32
N ASN A 7 -1.43 16.43 5.26
CA ASN A 7 -2.78 15.91 5.13
C ASN A 7 -3.70 17.01 4.64
N ASP A 8 -3.14 17.93 3.87
CA ASP A 8 -3.90 19.04 3.34
C ASP A 8 -4.33 18.73 1.90
N GLY A 9 -3.53 17.89 1.25
CA GLY A 9 -3.82 17.50 -0.12
C GLY A 9 -3.06 18.38 -1.11
N ALA A 10 -1.86 18.78 -0.71
CA ALA A 10 -1.03 19.63 -1.55
C ALA A 10 0.43 19.24 -1.36
N TYR A 11 1.14 19.16 -2.48
CA TYR A 11 2.55 18.80 -2.46
C TYR A 11 3.43 20.05 -2.52
N GLU A 12 4.18 20.26 -1.46
CA GLU A 12 5.07 21.42 -1.38
C GLU A 12 6.19 21.16 -0.36
N GLY A 13 7.41 21.10 -0.88
CA GLY A 13 8.57 20.86 -0.03
C GLY A 13 9.13 19.46 -0.27
N ASP A 14 9.19 18.69 0.81
CA ASP A 14 9.70 17.33 0.73
C ASP A 14 8.64 16.42 0.13
N GLU A 15 7.41 16.91 0.13
CA GLU A 15 6.30 16.14 -0.41
C GLU A 15 6.49 15.92 -1.91
N LEU A 16 7.46 16.64 -2.46
CA LEU A 16 7.75 16.53 -3.89
C LEU A 16 9.11 15.85 -4.07
N SER A 17 9.36 14.85 -3.23
CA SER A 17 10.61 14.12 -3.29
C SER A 17 10.47 12.94 -4.25
N GLY A 18 9.24 12.53 -4.47
CA GLY A 18 8.96 11.42 -5.36
C GLY A 18 8.45 10.20 -4.59
N THR A 19 7.16 9.93 -4.75
CA THR A 19 6.53 8.81 -4.08
C THR A 19 6.31 7.65 -5.06
N MET A 20 5.74 6.58 -4.53
CA MET A 20 5.46 5.41 -5.35
C MET A 20 4.08 4.83 -5.03
N GLU A 21 3.34 4.55 -6.09
CA GLU A 21 2.00 3.99 -5.94
C GLU A 21 2.06 2.46 -6.00
N TYR A 22 1.25 1.83 -5.15
CA TYR A 22 1.19 0.38 -5.10
C TYR A 22 -0.25 -0.10 -5.01
N LYS A 23 -0.48 -1.28 -5.57
CA LYS A 23 -1.81 -1.87 -5.56
C LYS A 23 -1.87 -2.96 -4.47
N LEU A 24 -2.71 -2.71 -3.48
CA LEU A 24 -2.87 -3.65 -2.38
C LEU A 24 -4.14 -4.47 -2.60
N ILE A 25 -3.94 -5.76 -2.84
CA ILE A 25 -5.05 -6.66 -3.07
C ILE A 25 -5.13 -7.67 -1.92
N LEU A 26 -6.30 -7.72 -1.30
CA LEU A 26 -6.53 -8.63 -0.20
C LEU A 26 -7.52 -9.72 -0.62
N ASN A 27 -6.99 -10.93 -0.76
CA ASN A 27 -7.82 -12.05 -1.16
C ASN A 27 -8.10 -12.93 0.07
N GLY A 28 -9.30 -12.77 0.60
CA GLY A 28 -9.71 -13.53 1.77
C GLY A 28 -11.11 -14.10 1.58
N LYS A 29 -11.35 -15.24 2.22
CA LYS A 29 -12.65 -15.89 2.13
C LYS A 29 -13.70 -15.00 2.78
N THR A 30 -13.30 -14.32 3.84
CA THR A 30 -14.21 -13.43 4.56
C THR A 30 -13.92 -11.98 4.19
N LEU A 31 -12.70 -11.74 3.74
CA LEU A 31 -12.28 -10.40 3.36
C LEU A 31 -11.62 -10.47 1.98
N LYS A 32 -12.34 -9.97 0.99
CA LYS A 32 -11.83 -9.95 -0.37
C LYS A 32 -12.07 -8.58 -1.00
N GLY A 33 -10.99 -7.96 -1.45
CA GLY A 33 -11.08 -6.65 -2.07
C GLY A 33 -9.71 -6.18 -2.56
N GLU A 34 -9.70 -5.01 -3.18
CA GLU A 34 -8.47 -4.44 -3.70
C GLU A 34 -8.38 -2.96 -3.33
N THR A 35 -7.20 -2.41 -3.55
CA THR A 35 -6.96 -1.00 -3.25
C THR A 35 -5.55 -0.59 -3.68
N THR A 36 -5.25 0.68 -3.45
CA THR A 36 -3.94 1.21 -3.82
C THR A 36 -3.50 2.26 -2.80
N THR A 37 -2.18 2.37 -2.65
CA THR A 37 -1.61 3.33 -1.71
C THR A 37 -0.30 3.88 -2.25
N CYS A 38 0.01 5.11 -1.85
CA CYS A 38 1.24 5.74 -2.28
C CYS A 38 2.16 5.89 -1.07
N ALA A 39 3.42 5.53 -1.28
CA ALA A 39 4.41 5.62 -0.22
C ALA A 39 5.74 6.09 -0.80
N VAL A 40 6.57 6.64 0.07
CA VAL A 40 7.87 7.14 -0.35
C VAL A 40 8.75 5.95 -0.75
N ASP A 41 8.63 4.89 0.01
CA ASP A 41 9.41 3.68 -0.26
C ASP A 41 8.57 2.45 0.09
N ALA A 42 8.87 1.36 -0.61
CA ALA A 42 8.16 0.11 -0.39
C ALA A 42 8.17 -0.22 1.10
N ALA A 43 9.15 0.37 1.80
CA ALA A 43 9.28 0.13 3.23
C ALA A 43 8.09 0.75 3.96
N THR A 44 7.78 1.99 3.57
CA THR A 44 6.67 2.70 4.19
C THR A 44 5.33 2.12 3.70
N ALA A 45 5.29 1.84 2.41
CA ALA A 45 4.08 1.29 1.82
C ALA A 45 3.82 -0.10 2.40
N GLU A 46 4.91 -0.82 2.62
CA GLU A 46 4.80 -2.16 3.18
C GLU A 46 4.07 -2.13 4.52
N LYS A 47 4.40 -1.13 5.32
CA LYS A 47 3.79 -0.98 6.62
C LYS A 47 2.28 -0.81 6.45
N VAL A 48 1.92 0.04 5.51
CA VAL A 48 0.51 0.30 5.24
C VAL A 48 -0.14 -0.98 4.72
N PHE A 49 0.60 -1.70 3.89
CA PHE A 49 0.11 -2.94 3.33
C PHE A 49 -0.14 -3.99 4.41
N LYS A 50 0.79 -4.04 5.36
CA LYS A 50 0.69 -4.99 6.46
C LYS A 50 -0.43 -4.54 7.40
N GLN A 51 -0.58 -3.23 7.51
CA GLN A 51 -1.60 -2.67 8.38
C GLN A 51 -2.99 -2.88 7.77
N TYR A 52 -3.02 -2.89 6.45
CA TYR A 52 -4.27 -3.09 5.73
C TYR A 52 -4.79 -4.52 5.90
N ALA A 53 -3.91 -5.47 5.61
CA ALA A 53 -4.26 -6.87 5.73
C ALA A 53 -4.67 -7.17 7.18
N ASN A 54 -3.99 -6.51 8.10
CA ASN A 54 -4.27 -6.70 9.51
C ASN A 54 -5.68 -6.18 9.82
N ASP A 55 -5.99 -5.03 9.25
CA ASP A 55 -7.29 -4.42 9.45
C ASP A 55 -8.37 -5.36 8.92
N ASN A 56 -7.96 -6.24 8.03
CA ASN A 56 -8.88 -7.20 7.44
C ASN A 56 -8.85 -8.49 8.25
N GLY A 57 -7.79 -8.65 9.02
CA GLY A 57 -7.64 -9.83 9.85
C GLY A 57 -7.44 -11.08 8.98
N VAL A 58 -6.79 -10.88 7.85
CA VAL A 58 -6.51 -11.98 6.93
C VAL A 58 -5.01 -12.14 6.75
N ASP A 59 -4.56 -13.38 6.86
CA ASP A 59 -3.14 -13.68 6.70
C ASP A 59 -2.98 -15.03 6.00
N GLY A 60 -1.98 -15.09 5.14
CA GLY A 60 -1.71 -16.32 4.40
C GLY A 60 -0.47 -16.17 3.53
N GLU A 61 -0.68 -16.27 2.23
CA GLU A 61 0.42 -16.15 1.28
C GLU A 61 0.56 -14.71 0.80
N TRP A 62 1.65 -14.08 1.20
CA TRP A 62 1.90 -12.70 0.82
C TRP A 62 2.83 -12.71 -0.40
N THR A 63 2.37 -12.05 -1.45
CA THR A 63 3.16 -11.98 -2.69
C THR A 63 3.15 -10.55 -3.23
N TYR A 64 4.35 -10.09 -3.59
CA TYR A 64 4.49 -8.75 -4.12
C TYR A 64 5.38 -8.75 -5.38
N ASP A 65 4.93 -8.00 -6.37
CA ASP A 65 5.68 -7.91 -7.62
C ASP A 65 6.12 -6.47 -7.84
N ASP A 66 7.42 -6.26 -7.68
CA ASP A 66 7.99 -4.93 -7.85
C ASP A 66 7.81 -4.49 -9.31
N ALA A 67 7.60 -5.47 -10.17
CA ALA A 67 7.41 -5.20 -11.59
C ALA A 67 6.20 -4.29 -11.77
N THR A 68 5.23 -4.46 -10.88
CA THR A 68 4.01 -3.66 -10.94
C THR A 68 3.67 -3.12 -9.55
N LYS A 69 4.64 -3.23 -8.65
CA LYS A 69 4.45 -2.76 -7.29
C LYS A 69 3.04 -3.10 -6.82
N THR A 70 2.76 -4.39 -6.78
CA THR A 70 1.45 -4.86 -6.35
C THR A 70 1.59 -6.04 -5.38
N PHE A 71 0.78 -6.00 -4.33
CA PHE A 71 0.81 -7.04 -3.33
C PHE A 71 -0.54 -7.77 -3.25
N THR A 72 -0.48 -9.07 -3.07
CA THR A 72 -1.67 -9.89 -2.98
C THR A 72 -1.59 -10.83 -1.78
N VAL A 73 -2.65 -10.82 -0.99
CA VAL A 73 -2.71 -11.66 0.20
C VAL A 73 -3.74 -12.77 -0.03
N THR A 74 -3.26 -14.00 0.01
CA THR A 74 -4.12 -15.15 -0.19
C THR A 74 -4.31 -15.90 1.13
N GLU A 75 -5.57 -15.96 1.55
CA GLU A 75 -5.91 -16.64 2.80
C GLU A 75 -6.13 -18.14 2.54
LA LA B . 1.46 19.40 2.02
N CYS A 1 2.05 10.11 -8.27
CA CYS A 1 1.15 10.33 -7.15
C CYS A 1 1.98 10.80 -5.96
N TYR A 2 2.24 12.10 -5.93
CA TYR A 2 3.02 12.69 -4.86
C TYR A 2 2.32 12.50 -3.51
N VAL A 3 3.10 12.67 -2.44
CA VAL A 3 2.57 12.53 -1.10
C VAL A 3 3.01 13.72 -0.25
N ASP A 4 2.11 14.17 0.57
CA ASP A 4 2.41 15.33 1.45
C ASP A 4 2.75 14.84 2.86
N THR A 5 3.67 15.52 3.54
CA THR A 5 4.07 15.11 4.88
C THR A 5 3.47 16.06 5.92
N ASN A 6 2.51 16.86 5.46
CA ASN A 6 1.85 17.81 6.34
C ASN A 6 0.41 17.38 6.57
N ASN A 7 -0.10 16.61 5.62
CA ASN A 7 -1.47 16.12 5.71
C ASN A 7 -2.43 17.25 5.37
N ASP A 8 -1.97 18.15 4.51
CA ASP A 8 -2.78 19.28 4.10
C ASP A 8 -3.40 18.99 2.74
N GLY A 9 -2.76 18.09 2.01
CA GLY A 9 -3.25 17.71 0.69
C GLY A 9 -2.64 18.60 -0.39
N ALA A 10 -1.39 18.96 -0.18
CA ALA A 10 -0.68 19.81 -1.13
C ALA A 10 0.80 19.39 -1.18
N TYR A 11 1.35 19.40 -2.38
CA TYR A 11 2.73 19.03 -2.57
C TYR A 11 3.63 20.27 -2.72
N GLU A 12 4.50 20.44 -1.74
CA GLU A 12 5.41 21.59 -1.75
C GLU A 12 6.63 21.29 -0.86
N GLY A 13 7.78 21.21 -1.51
CA GLY A 13 9.02 20.95 -0.80
C GLY A 13 9.53 19.54 -1.11
N ASP A 14 9.66 18.75 -0.06
CA ASP A 14 10.14 17.38 -0.19
C ASP A 14 9.00 16.50 -0.71
N GLU A 15 7.79 17.02 -0.59
CA GLU A 15 6.62 16.29 -1.04
C GLU A 15 6.62 16.17 -2.55
N LEU A 16 7.56 16.86 -3.18
CA LEU A 16 7.68 16.83 -4.62
C LEU A 16 8.95 16.08 -5.01
N SER A 17 9.34 15.16 -4.14
CA SER A 17 10.53 14.36 -4.39
C SER A 17 10.17 13.11 -5.19
N GLY A 18 8.90 12.74 -5.11
CA GLY A 18 8.43 11.57 -5.83
C GLY A 18 8.01 10.47 -4.86
N THR A 19 6.86 9.87 -5.14
CA THR A 19 6.34 8.81 -4.30
C THR A 19 6.08 7.55 -5.13
N MET A 20 5.84 6.45 -4.43
CA MET A 20 5.57 5.19 -5.09
C MET A 20 4.16 4.68 -4.76
N GLU A 21 3.41 4.39 -5.81
CA GLU A 21 2.05 3.89 -5.64
C GLU A 21 2.02 2.38 -5.78
N TYR A 22 1.48 1.73 -4.73
CA TYR A 22 1.39 0.28 -4.73
C TYR A 22 -0.08 -0.16 -4.66
N LYS A 23 -0.34 -1.32 -5.25
CA LYS A 23 -1.69 -1.87 -5.27
C LYS A 23 -1.78 -2.99 -4.24
N LEU A 24 -2.59 -2.77 -3.23
CA LEU A 24 -2.78 -3.76 -2.18
C LEU A 24 -4.03 -4.59 -2.47
N ILE A 25 -3.82 -5.88 -2.67
CA ILE A 25 -4.92 -6.78 -2.95
C ILE A 25 -5.05 -7.80 -1.82
N LEU A 26 -6.24 -7.87 -1.27
CA LEU A 26 -6.52 -8.79 -0.18
C LEU A 26 -7.52 -9.85 -0.66
N ASN A 27 -7.03 -11.07 -0.77
CA ASN A 27 -7.87 -12.17 -1.21
C ASN A 27 -8.22 -13.05 0.00
N GLY A 28 -9.44 -12.85 0.50
CA GLY A 28 -9.91 -13.61 1.64
C GLY A 28 -11.33 -14.13 1.42
N LYS A 29 -11.60 -15.29 1.99
CA LYS A 29 -12.91 -15.90 1.86
C LYS A 29 -13.96 -15.00 2.49
N THR A 30 -13.57 -14.37 3.59
CA THR A 30 -14.46 -13.48 4.31
C THR A 30 -14.12 -12.02 4.00
N LEU A 31 -12.87 -11.82 3.61
CA LEU A 31 -12.41 -10.48 3.29
C LEU A 31 -11.68 -10.51 1.94
N LYS A 32 -12.37 -10.00 0.93
CA LYS A 32 -11.80 -9.97 -0.42
C LYS A 32 -12.04 -8.59 -1.03
N GLY A 33 -10.95 -7.96 -1.43
CA GLY A 33 -11.02 -6.64 -2.03
C GLY A 33 -9.65 -6.16 -2.50
N GLU A 34 -9.64 -4.99 -3.12
CA GLU A 34 -8.40 -4.41 -3.61
C GLU A 34 -8.28 -2.95 -3.19
N THR A 35 -7.10 -2.39 -3.39
CA THR A 35 -6.84 -1.01 -3.04
C THR A 35 -5.43 -0.61 -3.42
N THR A 36 -5.12 0.66 -3.21
CA THR A 36 -3.81 1.18 -3.53
C THR A 36 -3.40 2.26 -2.52
N THR A 37 -2.09 2.43 -2.38
CA THR A 37 -1.56 3.41 -1.45
C THR A 37 -0.26 4.01 -2.00
N CYS A 38 0.00 5.25 -1.60
CA CYS A 38 1.20 5.95 -2.04
C CYS A 38 2.11 6.13 -0.84
N ALA A 39 3.39 5.82 -1.05
CA ALA A 39 4.37 5.95 0.01
C ALA A 39 5.71 6.37 -0.59
N VAL A 40 6.44 7.18 0.16
CA VAL A 40 7.74 7.66 -0.29
C VAL A 40 8.72 6.50 -0.34
N ASP A 41 8.47 5.51 0.51
CA ASP A 41 9.32 4.33 0.57
C ASP A 41 8.45 3.09 0.72
N ALA A 42 8.89 2.01 0.08
CA ALA A 42 8.16 0.76 0.12
C ALA A 42 8.04 0.32 1.58
N ALA A 43 8.91 0.86 2.42
CA ALA A 43 8.91 0.52 3.83
C ALA A 43 7.63 1.07 4.47
N THR A 44 7.24 2.26 4.04
CA THR A 44 6.05 2.90 4.57
C THR A 44 4.80 2.20 4.03
N ALA A 45 4.83 1.92 2.74
CA ALA A 45 3.72 1.26 2.08
C ALA A 45 3.56 -0.15 2.65
N GLU A 46 4.69 -0.78 2.92
CA GLU A 46 4.69 -2.13 3.46
C GLU A 46 3.92 -2.17 4.79
N LYS A 47 4.24 -1.21 5.65
CA LYS A 47 3.59 -1.12 6.95
C LYS A 47 2.09 -0.94 6.74
N VAL A 48 1.74 -0.27 5.65
CA VAL A 48 0.35 -0.02 5.33
C VAL A 48 -0.29 -1.31 4.83
N PHE A 49 0.47 -2.04 4.03
CA PHE A 49 -0.01 -3.30 3.47
C PHE A 49 -0.21 -4.34 4.57
N LYS A 50 0.73 -4.36 5.50
CA LYS A 50 0.66 -5.31 6.61
C LYS A 50 -0.48 -4.91 7.54
N GLN A 51 -0.69 -3.61 7.64
CA GLN A 51 -1.75 -3.09 8.49
C GLN A 51 -3.12 -3.40 7.89
N TYR A 52 -3.23 -3.15 6.59
CA TYR A 52 -4.48 -3.39 5.88
C TYR A 52 -4.90 -4.87 6.01
N ALA A 53 -3.96 -5.74 5.67
CA ALA A 53 -4.22 -7.17 5.75
C ALA A 53 -4.62 -7.54 7.18
N ASN A 54 -4.00 -6.85 8.13
CA ASN A 54 -4.27 -7.10 9.52
C ASN A 54 -5.70 -6.64 9.86
N ASP A 55 -6.06 -5.49 9.31
CA ASP A 55 -7.37 -4.93 9.54
C ASP A 55 -8.43 -5.90 9.01
N ASN A 56 -8.00 -6.77 8.10
CA ASN A 56 -8.89 -7.75 7.51
C ASN A 56 -8.83 -9.03 8.33
N GLY A 57 -7.77 -9.16 9.11
CA GLY A 57 -7.58 -10.33 9.94
C GLY A 57 -7.36 -11.58 9.10
N VAL A 58 -6.78 -11.36 7.91
CA VAL A 58 -6.49 -12.45 7.00
C VAL A 58 -4.99 -12.56 6.79
N ASP A 59 -4.49 -13.78 6.90
CA ASP A 59 -3.07 -14.04 6.73
C ASP A 59 -2.87 -15.39 6.04
N GLY A 60 -2.02 -15.39 5.02
CA GLY A 60 -1.75 -16.60 4.28
C GLY A 60 -0.47 -16.44 3.44
N GLU A 61 -0.66 -16.50 2.13
CA GLU A 61 0.45 -16.37 1.20
C GLU A 61 0.57 -14.92 0.72
N TRP A 62 1.67 -14.29 1.12
CA TRP A 62 1.91 -12.91 0.74
C TRP A 62 2.83 -12.92 -0.48
N THR A 63 2.38 -12.26 -1.53
CA THR A 63 3.14 -12.17 -2.75
C THR A 63 3.14 -10.75 -3.30
N TYR A 64 4.33 -10.28 -3.66
CA TYR A 64 4.47 -8.93 -4.20
C TYR A 64 5.31 -8.94 -5.47
N ASP A 65 4.85 -8.17 -6.44
CA ASP A 65 5.55 -8.06 -7.72
C ASP A 65 6.04 -6.63 -7.92
N ASP A 66 7.34 -6.46 -7.82
CA ASP A 66 7.94 -5.14 -7.98
C ASP A 66 7.74 -4.68 -9.43
N ALA A 67 7.49 -5.65 -10.30
CA ALA A 67 7.28 -5.37 -11.70
C ALA A 67 6.07 -4.44 -11.86
N THR A 68 5.18 -4.51 -10.88
CA THR A 68 3.98 -3.69 -10.89
C THR A 68 3.68 -3.17 -9.49
N LYS A 69 4.66 -3.32 -8.62
CA LYS A 69 4.52 -2.87 -7.24
C LYS A 69 3.10 -3.20 -6.75
N THR A 70 2.80 -4.49 -6.72
CA THR A 70 1.49 -4.94 -6.28
C THR A 70 1.63 -6.12 -5.33
N PHE A 71 0.83 -6.09 -4.27
CA PHE A 71 0.86 -7.15 -3.28
C PHE A 71 -0.50 -7.86 -3.20
N THR A 72 -0.44 -9.17 -3.03
CA THR A 72 -1.65 -9.96 -2.94
C THR A 72 -1.57 -10.92 -1.74
N VAL A 73 -2.66 -10.97 -0.99
CA VAL A 73 -2.72 -11.85 0.17
C VAL A 73 -3.75 -12.94 -0.07
N THR A 74 -3.28 -14.17 -0.06
CA THR A 74 -4.15 -15.32 -0.27
C THR A 74 -4.32 -16.10 1.03
N GLU A 75 -5.58 -16.19 1.46
CA GLU A 75 -5.89 -16.91 2.68
C GLU A 75 -6.09 -18.40 2.39
LA LA B . 2.12 19.62 2.02
N CYS A 1 3.22 9.14 -8.30
CA CYS A 1 2.30 9.70 -7.34
C CYS A 1 3.11 10.43 -6.27
N TYR A 2 2.53 11.52 -5.77
CA TYR A 2 3.18 12.32 -4.75
C TYR A 2 2.47 12.16 -3.40
N VAL A 3 3.19 12.51 -2.34
CA VAL A 3 2.64 12.41 -1.00
C VAL A 3 2.94 13.71 -0.24
N ASP A 4 1.96 14.16 0.50
CA ASP A 4 2.13 15.41 1.28
C ASP A 4 2.50 15.07 2.73
N THR A 5 3.34 15.88 3.36
CA THR A 5 3.74 15.63 4.73
C THR A 5 3.03 16.60 5.68
N ASN A 6 2.01 17.25 5.15
CA ASN A 6 1.25 18.22 5.94
C ASN A 6 -0.16 17.66 6.19
N ASN A 7 -0.52 16.66 5.40
CA ASN A 7 -1.82 16.05 5.52
C ASN A 7 -2.89 17.03 5.04
N ASP A 8 -2.47 17.92 4.15
CA ASP A 8 -3.38 18.92 3.61
C ASP A 8 -3.94 18.41 2.28
N GLY A 9 -3.17 17.55 1.63
CA GLY A 9 -3.58 16.98 0.35
C GLY A 9 -3.06 17.83 -0.81
N ALA A 10 -1.86 18.37 -0.63
CA ALA A 10 -1.25 19.20 -1.65
C ALA A 10 0.25 18.95 -1.67
N TYR A 11 0.81 18.99 -2.86
CA TYR A 11 2.25 18.78 -3.04
C TYR A 11 2.97 20.11 -3.28
N GLU A 12 3.86 20.43 -2.34
CA GLU A 12 4.63 21.65 -2.43
C GLU A 12 5.82 21.61 -1.48
N GLY A 13 7.01 21.58 -2.06
CA GLY A 13 8.24 21.55 -1.27
C GLY A 13 8.92 20.18 -1.41
N ASP A 14 9.06 19.51 -0.27
CA ASP A 14 9.69 18.21 -0.25
C ASP A 14 8.70 17.15 -0.74
N GLU A 15 7.44 17.54 -0.76
CA GLU A 15 6.39 16.64 -1.22
C GLU A 15 6.50 16.41 -2.72
N LEU A 16 7.40 17.17 -3.34
CA LEU A 16 7.61 17.05 -4.77
C LEU A 16 8.91 16.26 -5.03
N SER A 17 9.20 15.35 -4.11
CA SER A 17 10.38 14.52 -4.23
C SER A 17 10.06 13.25 -5.02
N GLY A 18 8.78 12.92 -5.05
CA GLY A 18 8.33 11.74 -5.76
C GLY A 18 8.02 10.60 -4.78
N THR A 19 6.87 9.96 -5.02
CA THR A 19 6.44 8.86 -4.18
C THR A 19 6.14 7.62 -5.03
N MET A 20 5.92 6.51 -4.34
CA MET A 20 5.62 5.26 -5.02
C MET A 20 4.23 4.75 -4.64
N GLU A 21 3.43 4.48 -5.66
CA GLU A 21 2.08 3.99 -5.45
C GLU A 21 2.04 2.47 -5.61
N TYR A 22 1.55 1.80 -4.58
CA TYR A 22 1.45 0.35 -4.59
C TYR A 22 -0.02 -0.10 -4.52
N LYS A 23 -0.27 -1.24 -5.15
CA LYS A 23 -1.62 -1.78 -5.17
C LYS A 23 -1.72 -2.93 -4.15
N LEU A 24 -2.54 -2.71 -3.14
CA LEU A 24 -2.73 -3.71 -2.10
C LEU A 24 -4.01 -4.49 -2.39
N ILE A 25 -3.83 -5.77 -2.68
CA ILE A 25 -4.95 -6.64 -2.97
C ILE A 25 -5.07 -7.70 -1.88
N LEU A 26 -6.25 -7.77 -1.29
CA LEU A 26 -6.51 -8.74 -0.23
C LEU A 26 -7.52 -9.76 -0.72
N ASN A 27 -7.04 -10.98 -0.90
CA ASN A 27 -7.89 -12.08 -1.37
C ASN A 27 -8.22 -12.99 -0.19
N GLY A 28 -9.42 -12.80 0.34
CA GLY A 28 -9.87 -13.61 1.46
C GLY A 28 -11.31 -14.10 1.25
N LYS A 29 -11.62 -15.21 1.88
CA LYS A 29 -12.95 -15.79 1.76
C LYS A 29 -13.95 -14.87 2.48
N THR A 30 -13.51 -14.29 3.58
CA THR A 30 -14.35 -13.39 4.35
C THR A 30 -13.98 -11.94 4.07
N LEU A 31 -12.74 -11.75 3.63
CA LEU A 31 -12.25 -10.42 3.32
C LEU A 31 -11.59 -10.43 1.94
N LYS A 32 -12.32 -9.88 0.97
CA LYS A 32 -11.81 -9.82 -0.39
C LYS A 32 -12.04 -8.42 -0.96
N GLY A 33 -10.95 -7.80 -1.40
CA GLY A 33 -11.01 -6.47 -1.96
C GLY A 33 -9.64 -6.00 -2.42
N GLU A 34 -9.61 -4.79 -2.98
CA GLU A 34 -8.37 -4.22 -3.47
C GLU A 34 -8.23 -2.78 -3.00
N THR A 35 -7.04 -2.24 -3.20
CA THR A 35 -6.76 -0.87 -2.80
C THR A 35 -5.33 -0.47 -3.21
N THR A 36 -5.00 0.78 -2.94
CA THR A 36 -3.68 1.30 -3.27
C THR A 36 -3.23 2.32 -2.23
N THR A 37 -1.92 2.48 -2.13
CA THR A 37 -1.35 3.42 -1.18
C THR A 37 -0.06 4.03 -1.74
N CYS A 38 0.22 5.24 -1.30
CA CYS A 38 1.41 5.94 -1.74
C CYS A 38 2.38 6.04 -0.57
N ALA A 39 3.64 5.73 -0.85
CA ALA A 39 4.67 5.78 0.17
C ALA A 39 6.00 6.18 -0.47
N VAL A 40 6.75 6.99 0.27
CA VAL A 40 8.04 7.46 -0.22
C VAL A 40 9.01 6.28 -0.28
N ASP A 41 8.75 5.30 0.55
CA ASP A 41 9.59 4.10 0.60
C ASP A 41 8.71 2.86 0.75
N ALA A 42 9.14 1.80 0.10
CA ALA A 42 8.40 0.55 0.15
C ALA A 42 8.27 0.10 1.60
N ALA A 43 9.15 0.61 2.44
CA ALA A 43 9.15 0.28 3.84
C ALA A 43 7.87 0.83 4.49
N THR A 44 7.50 2.03 4.07
CA THR A 44 6.31 2.68 4.59
C THR A 44 5.05 1.99 4.05
N ALA A 45 5.08 1.71 2.76
CA ALA A 45 3.95 1.06 2.11
C ALA A 45 3.78 -0.35 2.68
N GLU A 46 4.91 -0.98 2.95
CA GLU A 46 4.90 -2.34 3.49
C GLU A 46 4.13 -2.36 4.81
N LYS A 47 4.42 -1.39 5.65
CA LYS A 47 3.76 -1.30 6.95
C LYS A 47 2.25 -1.16 6.74
N VAL A 48 1.89 -0.26 5.84
CA VAL A 48 0.49 -0.02 5.54
C VAL A 48 -0.14 -1.31 5.01
N PHE A 49 0.64 -2.00 4.20
CA PHE A 49 0.17 -3.26 3.62
C PHE A 49 -0.03 -4.33 4.70
N LYS A 50 0.91 -4.36 5.63
CA LYS A 50 0.85 -5.33 6.71
C LYS A 50 -0.31 -4.95 7.65
N GLN A 51 -0.54 -3.66 7.78
CA GLN A 51 -1.60 -3.17 8.63
C GLN A 51 -2.96 -3.48 8.01
N TYR A 52 -3.06 -3.21 6.71
CA TYR A 52 -4.30 -3.45 6.00
C TYR A 52 -4.72 -4.92 6.10
N ALA A 53 -3.78 -5.79 5.76
CA ALA A 53 -4.02 -7.22 5.81
C ALA A 53 -4.42 -7.61 7.23
N ASN A 54 -3.82 -6.93 8.18
CA ASN A 54 -4.10 -7.21 9.60
C ASN A 54 -5.53 -6.77 9.91
N ASP A 55 -5.90 -5.61 9.39
CA ASP A 55 -7.23 -5.08 9.61
C ASP A 55 -8.26 -6.05 9.05
N ASN A 56 -7.80 -6.89 8.13
CA ASN A 56 -8.68 -7.87 7.51
C ASN A 56 -8.62 -9.18 8.30
N GLY A 57 -7.57 -9.30 9.09
CA GLY A 57 -7.38 -10.49 9.90
C GLY A 57 -7.14 -11.72 9.03
N VAL A 58 -6.69 -11.47 7.81
CA VAL A 58 -6.43 -12.55 6.88
C VAL A 58 -4.92 -12.67 6.65
N ASP A 59 -4.44 -13.89 6.72
CA ASP A 59 -3.02 -14.15 6.53
C ASP A 59 -2.84 -15.50 5.81
N GLY A 60 -2.06 -15.46 4.75
CA GLY A 60 -1.80 -16.66 3.97
C GLY A 60 -0.55 -16.50 3.12
N GLU A 61 -0.75 -16.56 1.81
CA GLU A 61 0.36 -16.42 0.88
C GLU A 61 0.50 -14.96 0.43
N TRP A 62 1.60 -14.35 0.85
CA TRP A 62 1.87 -12.96 0.49
C TRP A 62 2.78 -12.96 -0.74
N THR A 63 2.31 -12.27 -1.77
CA THR A 63 3.06 -12.16 -3.01
C THR A 63 3.09 -10.73 -3.51
N TYR A 64 4.28 -10.28 -3.89
CA TYR A 64 4.44 -8.92 -4.38
C TYR A 64 5.27 -8.91 -5.67
N ASP A 65 4.82 -8.11 -6.62
CA ASP A 65 5.50 -7.99 -7.90
C ASP A 65 6.00 -6.56 -8.08
N ASP A 66 7.31 -6.40 -7.97
CA ASP A 66 7.93 -5.09 -8.13
C ASP A 66 7.68 -4.57 -9.54
N ALA A 67 7.38 -5.51 -10.43
CA ALA A 67 7.12 -5.16 -11.82
C ALA A 67 5.93 -4.20 -11.89
N THR A 68 5.06 -4.31 -10.89
CA THR A 68 3.88 -3.46 -10.82
C THR A 68 3.65 -2.99 -9.37
N LYS A 69 4.65 -3.21 -8.54
CA LYS A 69 4.56 -2.82 -7.15
C LYS A 69 3.15 -3.12 -6.63
N THR A 70 2.78 -4.39 -6.74
CA THR A 70 1.47 -4.82 -6.28
C THR A 70 1.59 -6.05 -5.38
N PHE A 71 0.83 -6.04 -4.30
CA PHE A 71 0.85 -7.13 -3.35
C PHE A 71 -0.52 -7.82 -3.29
N THR A 72 -0.48 -9.14 -3.18
CA THR A 72 -1.71 -9.92 -3.11
C THR A 72 -1.63 -10.92 -1.95
N VAL A 73 -2.69 -10.95 -1.15
CA VAL A 73 -2.76 -11.83 -0.01
C VAL A 73 -3.81 -12.92 -0.29
N THR A 74 -3.33 -14.16 -0.32
CA THR A 74 -4.20 -15.30 -0.56
C THR A 74 -4.40 -16.11 0.72
N GLU A 75 -5.65 -16.20 1.14
CA GLU A 75 -5.99 -16.94 2.34
C GLU A 75 -6.24 -18.41 2.01
LA LA B . 1.54 19.67 1.43
N CYS A 1 4.34 9.46 -8.13
CA CYS A 1 3.19 9.92 -7.36
C CYS A 1 3.69 10.75 -6.18
N TYR A 2 2.91 11.74 -5.81
CA TYR A 2 3.26 12.61 -4.70
C TYR A 2 2.44 12.26 -3.45
N VAL A 3 3.06 12.47 -2.29
CA VAL A 3 2.41 12.19 -1.03
C VAL A 3 2.59 13.38 -0.10
N ASP A 4 1.50 13.79 0.49
CA ASP A 4 1.54 14.94 1.44
C ASP A 4 1.82 14.44 2.86
N THR A 5 2.69 15.13 3.60
CA THR A 5 3.02 14.72 4.95
C THR A 5 2.35 15.65 5.96
N ASN A 6 1.34 16.38 5.48
CA ASN A 6 0.61 17.30 6.34
C ASN A 6 -0.81 16.78 6.54
N ASN A 7 -1.22 15.89 5.65
CA ASN A 7 -2.55 15.31 5.73
C ASN A 7 -3.58 16.35 5.29
N ASP A 8 -3.15 17.19 4.36
CA ASP A 8 -4.02 18.23 3.83
C ASP A 8 -4.52 17.84 2.44
N GLY A 9 -3.72 17.03 1.77
CA GLY A 9 -4.06 16.57 0.44
C GLY A 9 -3.51 17.52 -0.63
N ALA A 10 -2.30 18.00 -0.37
CA ALA A 10 -1.65 18.91 -1.30
C ALA A 10 -0.14 18.64 -1.31
N TYR A 11 0.44 18.75 -2.50
CA TYR A 11 1.87 18.52 -2.66
C TYR A 11 2.63 19.84 -2.74
N GLU A 12 3.44 20.08 -1.73
CA GLU A 12 4.23 21.30 -1.68
C GLU A 12 5.41 21.13 -0.70
N GLY A 13 6.61 21.17 -1.26
CA GLY A 13 7.81 21.02 -0.45
C GLY A 13 8.47 19.66 -0.69
N ASP A 14 8.54 18.89 0.39
CA ASP A 14 9.14 17.56 0.32
C ASP A 14 8.14 16.59 -0.30
N GLU A 15 6.88 17.01 -0.31
CA GLU A 15 5.83 16.19 -0.87
C GLU A 15 5.93 16.16 -2.40
N LEU A 16 6.87 16.93 -2.92
CA LEU A 16 7.08 16.99 -4.35
C LEU A 16 8.45 16.39 -4.69
N SER A 17 8.90 15.50 -3.82
CA SER A 17 10.19 14.85 -4.02
C SER A 17 10.00 13.58 -4.85
N GLY A 18 8.78 13.07 -4.85
CA GLY A 18 8.47 11.88 -5.61
C GLY A 18 8.19 10.70 -4.67
N THR A 19 7.12 9.96 -4.98
CA THR A 19 6.74 8.82 -4.18
C THR A 19 6.46 7.61 -5.08
N MET A 20 6.28 6.46 -4.44
CA MET A 20 6.00 5.24 -5.17
C MET A 20 4.61 4.70 -4.82
N GLU A 21 3.83 4.46 -5.87
CA GLU A 21 2.49 3.95 -5.69
C GLU A 21 2.48 2.43 -5.77
N TYR A 22 1.63 1.82 -4.95
CA TYR A 22 1.53 0.37 -4.92
C TYR A 22 0.07 -0.07 -4.85
N LYS A 23 -0.20 -1.23 -5.43
CA LYS A 23 -1.55 -1.77 -5.45
C LYS A 23 -1.66 -2.87 -4.39
N LEU A 24 -2.50 -2.62 -3.40
CA LEU A 24 -2.71 -3.57 -2.32
C LEU A 24 -3.99 -4.37 -2.60
N ILE A 25 -3.80 -5.66 -2.86
CA ILE A 25 -4.92 -6.54 -3.14
C ILE A 25 -5.08 -7.53 -1.99
N LEU A 26 -6.27 -7.52 -1.39
CA LEU A 26 -6.56 -8.41 -0.29
C LEU A 26 -7.58 -9.46 -0.75
N ASN A 27 -7.11 -10.69 -0.86
CA ASN A 27 -7.98 -11.79 -1.28
C ASN A 27 -8.34 -12.64 -0.06
N GLY A 28 -9.55 -12.40 0.44
CA GLY A 28 -10.04 -13.13 1.59
C GLY A 28 -11.43 -13.71 1.34
N LYS A 29 -11.75 -14.77 2.07
CA LYS A 29 -13.04 -15.41 1.94
C LYS A 29 -14.13 -14.50 2.51
N THR A 30 -13.77 -13.83 3.59
CA THR A 30 -14.71 -12.92 4.25
C THR A 30 -14.38 -11.47 3.89
N LEU A 31 -13.13 -11.25 3.51
CA LEU A 31 -12.68 -9.92 3.13
C LEU A 31 -11.94 -9.99 1.80
N LYS A 32 -12.59 -9.47 0.77
CA LYS A 32 -12.00 -9.46 -0.56
C LYS A 32 -12.17 -8.09 -1.19
N GLY A 33 -11.06 -7.50 -1.58
CA GLY A 33 -11.07 -6.18 -2.20
C GLY A 33 -9.67 -5.78 -2.65
N GLU A 34 -9.59 -4.58 -3.22
CA GLU A 34 -8.33 -4.06 -3.70
C GLU A 34 -8.18 -2.59 -3.32
N THR A 35 -6.96 -2.08 -3.50
CA THR A 35 -6.68 -0.69 -3.18
C THR A 35 -5.24 -0.34 -3.58
N THR A 36 -4.88 0.91 -3.31
CA THR A 36 -3.55 1.38 -3.64
C THR A 36 -3.07 2.39 -2.60
N THR A 37 -1.75 2.49 -2.48
CA THR A 37 -1.15 3.41 -1.52
C THR A 37 0.17 3.96 -2.06
N CYS A 38 0.50 5.16 -1.62
CA CYS A 38 1.73 5.80 -2.05
C CYS A 38 2.68 5.86 -0.86
N ALA A 39 3.94 5.55 -1.12
CA ALA A 39 4.96 5.55 -0.09
C ALA A 39 6.30 5.97 -0.70
N VAL A 40 7.08 6.69 0.09
CA VAL A 40 8.38 7.14 -0.37
C VAL A 40 9.31 5.95 -0.51
N ASP A 41 9.02 4.92 0.28
CA ASP A 41 9.82 3.70 0.25
C ASP A 41 8.91 2.48 0.42
N ALA A 42 9.26 1.42 -0.28
CA ALA A 42 8.48 0.19 -0.21
C ALA A 42 8.40 -0.28 1.24
N ALA A 43 9.39 0.14 2.02
CA ALA A 43 9.44 -0.23 3.43
C ALA A 43 8.27 0.42 4.16
N THR A 44 8.02 1.67 3.81
CA THR A 44 6.93 2.42 4.43
C THR A 44 5.58 1.90 3.95
N ALA A 45 5.51 1.67 2.64
CA ALA A 45 4.28 1.17 2.04
C ALA A 45 3.99 -0.24 2.57
N GLU A 46 5.06 -1.00 2.77
CA GLU A 46 4.94 -2.35 3.27
C GLU A 46 4.21 -2.35 4.62
N LYS A 47 4.49 -1.33 5.41
CA LYS A 47 3.87 -1.21 6.72
C LYS A 47 2.36 -0.94 6.54
N VAL A 48 2.06 -0.12 5.55
CA VAL A 48 0.67 0.22 5.27
C VAL A 48 -0.05 -1.03 4.75
N PHE A 49 0.64 -1.77 3.91
CA PHE A 49 0.08 -2.98 3.34
C PHE A 49 -0.12 -4.06 4.41
N LYS A 50 0.88 -4.16 5.29
CA LYS A 50 0.83 -5.14 6.35
C LYS A 50 -0.24 -4.73 7.37
N GLN A 51 -0.38 -3.43 7.55
CA GLN A 51 -1.36 -2.90 8.48
C GLN A 51 -2.77 -3.03 7.90
N TYR A 52 -2.83 -3.07 6.58
CA TYR A 52 -4.10 -3.20 5.89
C TYR A 52 -4.69 -4.61 6.08
N ALA A 53 -3.87 -5.60 5.75
CA ALA A 53 -4.30 -6.98 5.89
C ALA A 53 -4.65 -7.26 7.35
N ASN A 54 -3.91 -6.63 8.24
CA ASN A 54 -4.14 -6.80 9.67
C ASN A 54 -5.50 -6.20 10.04
N ASP A 55 -5.80 -5.07 9.42
CA ASP A 55 -7.05 -4.38 9.67
C ASP A 55 -8.22 -5.33 9.37
N ASN A 56 -8.01 -6.16 8.37
CA ASN A 56 -9.03 -7.11 7.97
C ASN A 56 -8.86 -8.40 8.77
N GLY A 57 -7.67 -8.56 9.34
CA GLY A 57 -7.37 -9.74 10.13
C GLY A 57 -7.15 -10.96 9.24
N VAL A 58 -6.99 -10.69 7.95
CA VAL A 58 -6.78 -11.75 6.98
C VAL A 58 -5.27 -11.95 6.78
N ASP A 59 -4.86 -13.21 6.83
CA ASP A 59 -3.46 -13.54 6.65
C ASP A 59 -3.35 -14.89 5.92
N GLY A 60 -2.31 -14.99 5.10
CA GLY A 60 -2.08 -16.21 4.34
C GLY A 60 -0.81 -16.09 3.50
N GLU A 61 -0.98 -16.23 2.19
CA GLU A 61 0.15 -16.14 1.28
C GLU A 61 0.33 -14.69 0.79
N TRP A 62 1.44 -14.11 1.21
CA TRP A 62 1.75 -12.74 0.82
C TRP A 62 2.69 -12.79 -0.38
N THR A 63 2.28 -12.12 -1.45
CA THR A 63 3.07 -12.07 -2.65
C THR A 63 3.12 -10.65 -3.21
N TYR A 64 4.33 -10.22 -3.56
CA TYR A 64 4.53 -8.89 -4.10
C TYR A 64 5.44 -8.93 -5.33
N ASP A 65 5.04 -8.17 -6.34
CA ASP A 65 5.80 -8.11 -7.57
C ASP A 65 6.30 -6.68 -7.79
N ASP A 66 7.61 -6.50 -7.60
CA ASP A 66 8.22 -5.20 -7.77
C ASP A 66 8.05 -4.75 -9.22
N ALA A 67 7.80 -5.72 -10.09
CA ALA A 67 7.63 -5.43 -11.51
C ALA A 67 6.41 -4.52 -11.69
N THR A 68 5.49 -4.62 -10.74
CA THR A 68 4.29 -3.81 -10.77
C THR A 68 3.97 -3.25 -9.38
N LYS A 69 4.94 -3.40 -8.50
CA LYS A 69 4.78 -2.91 -7.13
C LYS A 69 3.35 -3.19 -6.66
N THR A 70 2.97 -4.47 -6.77
CA THR A 70 1.65 -4.88 -6.35
C THR A 70 1.74 -6.06 -5.38
N PHE A 71 0.92 -5.99 -4.34
CA PHE A 71 0.90 -7.04 -3.34
C PHE A 71 -0.48 -7.72 -3.28
N THR A 72 -0.44 -9.03 -3.10
CA THR A 72 -1.67 -9.81 -3.02
C THR A 72 -1.63 -10.74 -1.81
N VAL A 73 -2.72 -10.73 -1.05
CA VAL A 73 -2.83 -11.57 0.13
C VAL A 73 -3.89 -12.64 -0.10
N THR A 74 -3.46 -13.89 -0.08
CA THR A 74 -4.36 -15.00 -0.29
C THR A 74 -4.59 -15.75 1.03
N GLU A 75 -5.85 -15.77 1.45
CA GLU A 75 -6.22 -16.45 2.69
C GLU A 75 -6.69 -17.88 2.39
LA LA B . 0.89 19.09 1.91
N CYS A 1 3.71 8.97 -8.13
CA CYS A 1 2.72 9.48 -7.19
C CYS A 1 3.46 10.21 -6.06
N TYR A 2 2.87 11.32 -5.64
CA TYR A 2 3.47 12.12 -4.58
C TYR A 2 2.85 11.77 -3.23
N VAL A 3 3.48 12.27 -2.18
CA VAL A 3 3.00 12.02 -0.83
C VAL A 3 2.95 13.34 -0.06
N ASP A 4 1.82 13.59 0.55
CA ASP A 4 1.65 14.84 1.34
C ASP A 4 1.94 14.56 2.83
N THR A 5 2.52 15.52 3.53
CA THR A 5 2.82 15.34 4.93
C THR A 5 1.79 16.07 5.80
N ASN A 6 0.71 16.47 5.17
CA ASN A 6 -0.35 17.19 5.86
C ASN A 6 -1.60 16.30 5.92
N ASN A 7 -1.75 15.48 4.90
CA ASN A 7 -2.89 14.58 4.81
C ASN A 7 -4.12 15.35 4.34
N ASP A 8 -3.86 16.36 3.52
CA ASP A 8 -4.93 17.19 3.00
C ASP A 8 -5.28 16.72 1.57
N GLY A 9 -4.41 15.89 1.03
CA GLY A 9 -4.61 15.36 -0.31
C GLY A 9 -4.15 16.37 -1.36
N ALA A 10 -3.08 17.08 -1.04
CA ALA A 10 -2.54 18.08 -1.95
C ALA A 10 -1.02 18.10 -1.82
N TYR A 11 -0.35 18.01 -2.96
CA TYR A 11 1.09 18.02 -2.99
C TYR A 11 1.63 19.43 -3.27
N GLU A 12 2.30 19.98 -2.27
CA GLU A 12 2.86 21.31 -2.39
C GLU A 12 4.08 21.46 -1.47
N GLY A 13 5.21 21.73 -2.08
CA GLY A 13 6.45 21.90 -1.33
C GLY A 13 7.36 20.69 -1.50
N ASP A 14 7.76 20.13 -0.36
CA ASP A 14 8.64 18.97 -0.38
C ASP A 14 7.81 17.72 -0.69
N GLU A 15 6.50 17.87 -0.58
CA GLU A 15 5.60 16.76 -0.85
C GLU A 15 5.80 16.24 -2.27
N LEU A 16 6.48 17.06 -3.07
CA LEU A 16 6.74 16.69 -4.46
C LEU A 16 8.21 16.28 -4.59
N SER A 17 8.67 15.51 -3.63
CA SER A 17 10.04 15.04 -3.63
C SER A 17 10.15 13.72 -4.41
N GLY A 18 9.02 13.04 -4.51
CA GLY A 18 8.97 11.78 -5.21
C GLY A 18 8.60 10.63 -4.26
N THR A 19 7.58 9.88 -4.66
CA THR A 19 7.11 8.76 -3.86
C THR A 19 6.79 7.56 -4.75
N MET A 20 6.68 6.40 -4.11
CA MET A 20 6.37 5.18 -4.83
C MET A 20 4.96 4.70 -4.51
N GLU A 21 4.19 4.46 -5.57
CA GLU A 21 2.83 4.00 -5.41
C GLU A 21 2.78 2.46 -5.50
N TYR A 22 1.89 1.89 -4.69
CA TYR A 22 1.74 0.44 -4.66
C TYR A 22 0.26 0.06 -4.61
N LYS A 23 -0.04 -1.10 -5.19
CA LYS A 23 -1.40 -1.59 -5.22
C LYS A 23 -1.56 -2.70 -4.18
N LEU A 24 -2.40 -2.42 -3.19
CA LEU A 24 -2.64 -3.38 -2.11
C LEU A 24 -3.93 -4.15 -2.42
N ILE A 25 -3.76 -5.44 -2.67
CA ILE A 25 -4.89 -6.30 -2.97
C ILE A 25 -5.08 -7.30 -1.84
N LEU A 26 -6.29 -7.31 -1.30
CA LEU A 26 -6.62 -8.21 -0.21
C LEU A 26 -7.67 -9.22 -0.69
N ASN A 27 -7.24 -10.47 -0.80
CA ASN A 27 -8.14 -11.52 -1.24
C ASN A 27 -8.55 -12.38 -0.04
N GLY A 28 -9.74 -12.11 0.46
CA GLY A 28 -10.27 -12.84 1.60
C GLY A 28 -11.70 -13.29 1.35
N LYS A 29 -12.07 -14.37 2.02
CA LYS A 29 -13.41 -14.91 1.88
C LYS A 29 -14.41 -13.96 2.55
N THR A 30 -13.97 -13.37 3.66
CA THR A 30 -14.81 -12.45 4.40
C THR A 30 -14.40 -11.00 4.10
N LEU A 31 -13.16 -10.85 3.69
CA LEU A 31 -12.62 -9.53 3.37
C LEU A 31 -11.93 -9.58 2.01
N LYS A 32 -12.61 -9.02 1.02
CA LYS A 32 -12.08 -8.99 -0.33
C LYS A 32 -12.25 -7.59 -0.92
N GLY A 33 -11.14 -7.02 -1.34
CA GLY A 33 -11.16 -5.67 -1.92
C GLY A 33 -9.79 -5.31 -2.47
N GLU A 34 -9.70 -4.08 -2.95
CA GLU A 34 -8.44 -3.58 -3.51
C GLU A 34 -8.17 -2.15 -3.01
N THR A 35 -6.96 -1.70 -3.27
CA THR A 35 -6.55 -0.36 -2.86
C THR A 35 -5.10 -0.09 -3.26
N THR A 36 -4.67 1.13 -2.99
CA THR A 36 -3.31 1.52 -3.32
C THR A 36 -2.77 2.52 -2.28
N THR A 37 -1.46 2.53 -2.14
CA THR A 37 -0.81 3.43 -1.19
C THR A 37 0.54 3.88 -1.73
N CYS A 38 0.91 5.10 -1.36
CA CYS A 38 2.18 5.66 -1.79
C CYS A 38 3.09 5.79 -0.56
N ALA A 39 4.34 5.39 -0.76
CA ALA A 39 5.31 5.45 0.32
C ALA A 39 6.65 5.95 -0.24
N VAL A 40 7.42 6.59 0.63
CA VAL A 40 8.71 7.12 0.24
C VAL A 40 9.66 5.96 -0.06
N ASP A 41 9.42 4.83 0.61
CA ASP A 41 10.24 3.66 0.43
C ASP A 41 9.35 2.42 0.50
N ALA A 42 9.69 1.44 -0.32
CA ALA A 42 8.94 0.19 -0.36
C ALA A 42 8.91 -0.43 1.04
N ALA A 43 9.89 -0.04 1.83
CA ALA A 43 9.98 -0.55 3.20
C ALA A 43 8.81 -0.01 4.02
N THR A 44 8.57 1.29 3.88
CA THR A 44 7.48 1.94 4.59
C THR A 44 6.13 1.46 4.05
N ALA A 45 6.05 1.39 2.73
CA ALA A 45 4.83 0.96 2.08
C ALA A 45 4.48 -0.46 2.55
N GLU A 46 5.52 -1.25 2.73
CA GLU A 46 5.34 -2.63 3.18
C GLU A 46 4.58 -2.67 4.51
N LYS A 47 5.03 -1.82 5.42
CA LYS A 47 4.40 -1.75 6.74
C LYS A 47 2.91 -1.41 6.57
N VAL A 48 2.66 -0.43 5.72
CA VAL A 48 1.30 0.00 5.47
C VAL A 48 0.50 -1.17 4.91
N PHE A 49 1.13 -1.92 4.01
CA PHE A 49 0.50 -3.07 3.40
C PHE A 49 0.18 -4.14 4.44
N LYS A 50 1.13 -4.34 5.33
CA LYS A 50 0.98 -5.33 6.39
C LYS A 50 -0.07 -4.85 7.38
N GLN A 51 -0.12 -3.54 7.57
CA GLN A 51 -1.07 -2.95 8.49
C GLN A 51 -2.48 -2.98 7.90
N TYR A 52 -2.52 -2.93 6.57
CA TYR A 52 -3.79 -2.95 5.86
C TYR A 52 -4.43 -4.33 5.94
N ALA A 53 -3.66 -5.33 5.57
CA ALA A 53 -4.14 -6.70 5.59
C ALA A 53 -4.55 -7.07 7.02
N ASN A 54 -3.80 -6.55 7.97
CA ASN A 54 -4.07 -6.80 9.38
C ASN A 54 -5.39 -6.14 9.77
N ASP A 55 -5.58 -4.93 9.26
CA ASP A 55 -6.79 -4.18 9.56
C ASP A 55 -8.01 -4.95 9.02
N ASN A 56 -7.73 -5.83 8.07
CA ASN A 56 -8.79 -6.63 7.47
C ASN A 56 -8.92 -7.94 8.24
N GLY A 57 -7.87 -8.27 8.99
CA GLY A 57 -7.86 -9.49 9.77
C GLY A 57 -7.75 -10.72 8.88
N VAL A 58 -7.05 -10.54 7.76
CA VAL A 58 -6.86 -11.62 6.82
C VAL A 58 -5.36 -11.87 6.64
N ASP A 59 -5.00 -13.15 6.71
CA ASP A 59 -3.60 -13.53 6.56
C ASP A 59 -3.53 -14.87 5.83
N GLY A 60 -2.49 -15.01 5.02
CA GLY A 60 -2.29 -16.24 4.26
C GLY A 60 -1.03 -16.15 3.40
N GLU A 61 -1.23 -16.21 2.09
CA GLU A 61 -0.12 -16.15 1.16
C GLU A 61 0.11 -14.70 0.70
N TRP A 62 1.25 -14.16 1.12
CA TRP A 62 1.58 -12.79 0.77
C TRP A 62 2.52 -12.84 -0.44
N THR A 63 2.11 -12.13 -1.48
CA THR A 63 2.89 -12.08 -2.71
C THR A 63 2.98 -10.65 -3.22
N TYR A 64 4.20 -10.25 -3.58
CA TYR A 64 4.44 -8.91 -4.09
C TYR A 64 5.32 -8.95 -5.34
N ASP A 65 4.94 -8.15 -6.31
CA ASP A 65 5.69 -8.08 -7.56
C ASP A 65 6.24 -6.67 -7.74
N ASP A 66 7.54 -6.55 -7.58
CA ASP A 66 8.20 -5.26 -7.72
C ASP A 66 8.05 -4.77 -9.16
N ALA A 67 7.76 -5.71 -10.05
CA ALA A 67 7.59 -5.38 -11.46
C ALA A 67 6.42 -4.40 -11.60
N THR A 68 5.46 -4.53 -10.70
CA THR A 68 4.29 -3.66 -10.72
C THR A 68 4.01 -3.13 -9.31
N LYS A 69 4.97 -3.32 -8.42
CA LYS A 69 4.84 -2.86 -7.06
C LYS A 69 3.41 -3.11 -6.57
N THR A 70 3.01 -4.37 -6.63
CA THR A 70 1.68 -4.76 -6.21
C THR A 70 1.74 -5.96 -5.27
N PHE A 71 0.93 -5.89 -4.22
CA PHE A 71 0.89 -6.95 -3.23
C PHE A 71 -0.50 -7.58 -3.17
N THR A 72 -0.53 -8.90 -3.01
CA THR A 72 -1.78 -9.63 -2.93
C THR A 72 -1.75 -10.59 -1.74
N VAL A 73 -2.84 -10.58 -0.99
CA VAL A 73 -2.97 -11.45 0.17
C VAL A 73 -4.06 -12.49 -0.08
N THR A 74 -3.65 -13.75 -0.08
CA THR A 74 -4.59 -14.83 -0.31
C THR A 74 -4.84 -15.60 0.99
N GLU A 75 -6.09 -15.59 1.40
CA GLU A 75 -6.49 -16.28 2.62
C GLU A 75 -6.79 -17.75 2.33
LA LA B . 0.10 18.87 1.45
#